data_7KQV
#
_entry.id   7KQV
#
_cell.length_a   157.180
_cell.length_b   157.180
_cell.length_c   164.620
_cell.angle_alpha   90.000
_cell.angle_beta   90.000
_cell.angle_gamma   90.000
#
_symmetry.space_group_name_H-M   'I 4'
#
_entity_poly.entity_id   1
_entity_poly.type   'polypeptide(L)'
_entity_poly.pdbx_seq_one_letter_code
;MTSVQLETPHSGKYEQPTGLFINNEFVKGQEGKTFDVINPSDESVITQVHEATEKDVDIAVAAARKAFEGSWRQETPENR
GKLLNNLANLFEKNIDLLAAVESLDNGKAISMAKGDISMCVGCLRYYGGWADKITGKVIDTTPDTFNYVKKEPIGVCGQI
IPWNFPLLMWAWKIGPAIACGNTVVLKTAEQTPLGGLVAASLVKEAGFPPGVINVISGFGKVAGAALSSHMDVDKVAFTG
STVVGRTILKAAASSNLKKVTLELGGKSPNIVFEDADIDNAISWVNFGIFFNHGQCCCAGSRVYVQESIYDKFVQKFKER
AQKNVVGDPFAADTFQGPQVSKVQFDRIMEYIQAGKDAGATVETGGKRKGDKGYFIEPTIFSNVTEDMKIVKEEIFGPVC
SIAKFKTKEDAIKLGNASTYGLAAAVHTKNLNTAIEVSNALKAGTVWVNTYNTLHHQMPFGGYKESGIGRELGEDALANY
TQTKTVSIRLGDALFG
;
_entity_poly.pdbx_strand_id   A,B,C,D
#
# COMPACT_ATOMS: atom_id res chain seq x y z
N SER A 11 5.44 16.84 -46.07
CA SER A 11 5.92 15.50 -46.40
C SER A 11 5.76 14.51 -45.24
N GLY A 12 6.00 13.23 -45.50
CA GLY A 12 6.06 12.22 -44.46
C GLY A 12 7.20 11.26 -44.75
N LYS A 13 7.88 10.82 -43.69
CA LYS A 13 9.13 10.10 -43.88
C LYS A 13 9.16 8.77 -43.14
N TYR A 14 10.27 8.06 -43.27
CA TYR A 14 10.45 6.69 -42.80
C TYR A 14 11.63 6.60 -41.86
N GLU A 15 11.36 6.34 -40.57
CA GLU A 15 12.38 6.48 -39.53
C GLU A 15 13.11 5.15 -39.27
N GLN A 16 14.28 5.30 -38.63
CA GLN A 16 15.35 4.34 -38.37
C GLN A 16 15.06 3.69 -37.01
N PRO A 17 16.01 3.29 -36.14
CA PRO A 17 15.57 2.76 -34.84
C PRO A 17 14.74 3.80 -34.14
N THR A 18 13.49 3.44 -33.85
CA THR A 18 12.54 4.32 -33.18
C THR A 18 12.58 4.07 -31.69
N GLY A 19 13.77 4.26 -31.20
CA GLY A 19 14.20 3.71 -29.97
C GLY A 19 13.78 4.49 -28.76
N LEU A 20 13.96 3.84 -27.65
CA LEU A 20 14.24 4.52 -26.41
C LEU A 20 15.57 5.28 -26.50
N PHE A 21 15.52 6.59 -26.26
CA PHE A 21 16.75 7.37 -26.23
C PHE A 21 17.39 7.11 -24.88
N ILE A 22 18.46 6.31 -24.85
CA ILE A 22 19.17 5.98 -23.62
C ILE A 22 20.66 6.22 -23.76
N ASN A 23 21.22 7.09 -22.91
CA ASN A 23 22.64 7.43 -22.94
C ASN A 23 23.04 7.93 -24.34
N ASN A 24 22.20 8.83 -24.87
CA ASN A 24 22.42 9.49 -26.16
C ASN A 24 22.39 8.50 -27.31
N GLU A 25 21.67 7.38 -27.17
CA GLU A 25 21.55 6.34 -28.20
C GLU A 25 20.12 5.86 -28.31
N PHE A 26 19.68 5.53 -29.51
CA PHE A 26 18.37 4.93 -29.65
C PHE A 26 18.54 3.44 -29.53
N VAL A 27 17.62 2.83 -28.81
CA VAL A 27 17.66 1.42 -28.49
C VAL A 27 16.24 0.96 -28.25
N LYS A 28 16.11 -0.36 -28.31
CA LYS A 28 14.94 -1.14 -28.01
C LYS A 28 14.81 -1.65 -26.58
N GLY A 29 13.67 -2.31 -26.37
CA GLY A 29 13.36 -2.92 -25.10
C GLY A 29 14.01 -4.29 -24.94
N GLN A 30 14.35 -4.62 -23.70
CA GLN A 30 14.98 -5.92 -23.46
C GLN A 30 14.00 -7.05 -23.66
N GLU A 31 12.71 -6.74 -23.59
CA GLU A 31 11.66 -7.69 -23.92
C GLU A 31 11.38 -7.74 -25.41
N GLY A 32 11.82 -6.75 -26.18
CA GLY A 32 11.54 -6.75 -27.59
C GLY A 32 10.16 -6.27 -27.97
N LYS A 33 9.48 -5.58 -27.08
CA LYS A 33 8.10 -5.20 -27.32
C LYS A 33 7.94 -3.91 -28.13
N THR A 34 6.84 -3.81 -28.89
CA THR A 34 6.46 -2.63 -29.67
C THR A 34 4.94 -2.46 -29.60
N PHE A 35 4.49 -1.22 -29.89
CA PHE A 35 3.09 -0.79 -29.72
C PHE A 35 2.67 0.30 -30.73
N ASP A 36 1.77 -0.02 -31.65
CA ASP A 36 1.55 0.79 -32.87
C ASP A 36 1.28 2.27 -32.59
N VAL A 37 1.61 3.12 -33.56
CA VAL A 37 1.21 4.53 -33.56
C VAL A 37 0.31 4.79 -34.77
N ILE A 38 -0.79 5.52 -34.55
CA ILE A 38 -1.81 5.67 -35.58
C ILE A 38 -2.07 7.14 -35.84
N ASN A 39 -2.41 7.47 -37.09
CA ASN A 39 -2.73 8.84 -37.51
C ASN A 39 -4.22 9.08 -37.35
N PRO A 40 -4.64 10.08 -36.57
CA PRO A 40 -6.08 10.34 -36.39
C PRO A 40 -6.80 10.76 -37.67
N SER A 41 -6.12 11.38 -38.62
CA SER A 41 -6.81 11.78 -39.84
C SER A 41 -7.12 10.53 -40.66
N ASP A 42 -6.09 9.89 -41.24
CA ASP A 42 -6.31 8.73 -42.10
C ASP A 42 -6.91 7.57 -41.31
N GLU A 43 -6.37 7.30 -40.12
CA GLU A 43 -6.53 6.15 -39.23
C GLU A 43 -5.56 5.04 -39.60
N SER A 44 -4.79 5.20 -40.69
CA SER A 44 -3.70 4.28 -40.97
C SER A 44 -2.71 4.29 -39.81
N VAL A 45 -1.94 3.20 -39.70
CA VAL A 45 -0.86 3.20 -38.73
C VAL A 45 0.36 3.83 -39.39
N ILE A 46 0.86 4.92 -38.80
CA ILE A 46 2.08 5.54 -39.32
C ILE A 46 3.21 4.52 -39.35
N THR A 47 3.46 3.89 -38.20
CA THR A 47 4.57 2.96 -38.07
C THR A 47 4.52 2.37 -36.66
N GLN A 48 5.68 2.00 -36.13
CA GLN A 48 5.78 1.21 -34.91
C GLN A 48 7.07 1.64 -34.20
N VAL A 49 6.90 1.96 -32.88
CA VAL A 49 7.86 2.58 -31.95
C VAL A 49 8.15 1.59 -30.85
N HIS A 50 9.35 1.65 -30.29
CA HIS A 50 9.87 0.62 -29.42
C HIS A 50 9.07 0.69 -28.13
N GLU A 51 9.22 -0.30 -27.26
CA GLU A 51 8.53 -0.24 -25.97
C GLU A 51 9.42 -0.42 -24.75
N ALA A 52 9.18 0.41 -23.75
CA ALA A 52 9.96 0.44 -22.51
C ALA A 52 9.07 -0.03 -21.37
N THR A 53 9.49 -1.07 -20.69
CA THR A 53 8.86 -1.67 -19.53
C THR A 53 9.79 -1.50 -18.34
N GLU A 54 9.43 -2.08 -17.19
CA GLU A 54 10.19 -1.85 -15.96
C GLU A 54 11.69 -2.06 -16.18
N LYS A 55 12.09 -3.04 -17.01
CA LYS A 55 13.51 -3.32 -17.15
C LYS A 55 14.26 -2.19 -17.88
N ASP A 56 13.57 -1.47 -18.77
CA ASP A 56 14.16 -0.36 -19.52
C ASP A 56 14.18 0.92 -18.71
N VAL A 57 13.10 1.22 -18.03
CA VAL A 57 13.10 2.40 -17.16
C VAL A 57 14.24 2.29 -16.17
N ASP A 58 14.47 1.10 -15.61
CA ASP A 58 15.61 0.91 -14.70
C ASP A 58 16.95 1.11 -15.40
N ILE A 59 17.04 0.90 -16.71
CA ILE A 59 18.24 1.25 -17.45
C ILE A 59 18.38 2.77 -17.52
N ALA A 60 17.30 3.45 -17.91
CA ALA A 60 17.29 4.90 -18.08
C ALA A 60 17.58 5.63 -16.77
N VAL A 61 16.90 5.23 -15.70
CA VAL A 61 17.22 5.73 -14.38
C VAL A 61 18.68 5.49 -14.05
N ALA A 62 19.22 4.32 -14.39
CA ALA A 62 20.65 4.11 -14.19
C ALA A 62 21.48 5.13 -14.96
N ALA A 63 21.09 5.43 -16.20
CA ALA A 63 21.82 6.42 -16.99
C ALA A 63 21.79 7.79 -16.31
N ALA A 64 20.56 8.25 -15.98
CA ALA A 64 20.37 9.55 -15.36
C ALA A 64 21.14 9.64 -14.06
N ARG A 65 21.05 8.64 -13.22
CA ARG A 65 21.89 8.76 -12.04
C ARG A 65 23.36 8.72 -12.36
N LYS A 66 23.76 7.98 -13.41
CA LYS A 66 25.17 7.94 -13.76
C LYS A 66 25.65 9.31 -14.23
N ALA A 67 24.98 9.86 -15.25
CA ALA A 67 25.15 11.27 -15.61
C ALA A 67 25.24 12.15 -14.38
N PHE A 68 24.17 12.17 -13.58
CA PHE A 68 24.08 13.11 -12.46
C PHE A 68 25.31 13.03 -11.56
N GLU A 69 25.78 11.82 -11.26
CA GLU A 69 26.96 11.60 -10.44
C GLU A 69 28.24 11.85 -11.24
N GLY A 70 29.02 12.85 -10.83
CA GLY A 70 30.35 13.06 -11.35
C GLY A 70 30.47 13.68 -12.73
N SER A 71 29.44 13.62 -13.56
CA SER A 71 29.60 14.23 -14.87
C SER A 71 29.08 15.64 -14.77
N TRP A 72 27.78 15.73 -14.56
CA TRP A 72 27.09 16.98 -14.70
C TRP A 72 27.28 17.82 -13.44
N ARG A 73 27.77 17.22 -12.34
CA ARG A 73 28.01 18.04 -11.16
C ARG A 73 29.21 18.94 -11.36
N GLN A 74 30.19 18.49 -12.14
CA GLN A 74 31.32 19.35 -12.46
C GLN A 74 30.91 20.53 -13.34
N GLU A 75 29.93 20.35 -14.22
CA GLU A 75 29.59 21.39 -15.18
C GLU A 75 28.97 22.60 -14.49
N THR A 76 29.10 23.73 -15.16
CA THR A 76 28.72 25.05 -14.67
C THR A 76 27.42 25.52 -15.29
N PRO A 77 26.69 26.41 -14.63
CA PRO A 77 25.43 26.91 -15.18
C PRO A 77 25.58 27.76 -16.46
N GLU A 78 26.76 28.26 -16.81
CA GLU A 78 26.85 28.99 -18.07
C GLU A 78 26.86 28.05 -19.27
N ASN A 79 27.61 26.93 -19.21
CA ASN A 79 27.57 26.01 -20.35
C ASN A 79 26.35 25.09 -20.28
N ARG A 80 25.86 24.80 -19.07
CA ARG A 80 24.52 24.26 -18.92
C ARG A 80 23.50 25.13 -19.61
N GLY A 81 23.52 26.42 -19.30
CA GLY A 81 22.81 27.37 -20.13
C GLY A 81 23.16 27.21 -21.60
N LYS A 82 24.46 27.21 -21.91
CA LYS A 82 24.93 27.07 -23.29
C LYS A 82 24.44 25.78 -23.95
N LEU A 83 23.84 24.84 -23.21
CA LEU A 83 23.19 23.73 -23.89
C LEU A 83 21.72 24.02 -24.20
N LEU A 84 20.95 24.56 -23.26
CA LEU A 84 19.55 24.84 -23.56
C LEU A 84 19.33 25.85 -24.70
N ASN A 85 20.31 26.71 -25.00
CA ASN A 85 20.16 27.57 -26.18
C ASN A 85 20.40 26.77 -27.46
N ASN A 86 21.55 26.09 -27.56
CA ASN A 86 21.78 25.21 -28.70
C ASN A 86 20.51 24.42 -29.05
N LEU A 87 19.90 23.77 -28.06
CA LEU A 87 18.68 23.00 -28.33
C LEU A 87 17.55 23.90 -28.86
N ALA A 88 17.38 25.07 -28.27
CA ALA A 88 16.40 26.01 -28.82
C ALA A 88 16.75 26.37 -30.25
N ASN A 89 18.05 26.45 -30.55
CA ASN A 89 18.43 26.74 -31.92
C ASN A 89 18.07 25.59 -32.84
N LEU A 90 18.41 24.37 -32.44
CA LEU A 90 18.00 23.22 -33.24
C LEU A 90 16.49 23.21 -33.48
N PHE A 91 15.70 23.50 -32.45
CA PHE A 91 14.25 23.46 -32.62
C PHE A 91 13.79 24.40 -33.70
N GLU A 92 14.38 25.60 -33.74
CA GLU A 92 13.99 26.61 -34.72
C GLU A 92 14.48 26.23 -36.11
N LYS A 93 15.68 25.64 -36.20
CA LYS A 93 16.24 25.26 -37.49
C LYS A 93 15.31 24.30 -38.20
N ASN A 94 14.73 23.36 -37.45
CA ASN A 94 13.80 22.36 -37.96
C ASN A 94 12.41 22.58 -37.38
N ILE A 95 11.92 23.83 -37.34
CA ILE A 95 10.60 24.08 -36.79
C ILE A 95 9.53 23.39 -37.63
N ASP A 96 9.58 23.57 -38.96
CA ASP A 96 8.52 23.02 -39.80
C ASP A 96 8.54 21.49 -39.84
N LEU A 97 9.72 20.89 -39.73
CA LEU A 97 9.78 19.43 -39.59
C LEU A 97 8.97 19.00 -38.38
N LEU A 98 9.42 19.41 -37.19
CA LEU A 98 8.72 19.07 -35.95
C LEU A 98 7.27 19.50 -35.97
N ALA A 99 6.97 20.64 -36.61
CA ALA A 99 5.57 21.05 -36.72
C ALA A 99 4.77 20.01 -37.47
N ALA A 100 5.38 19.41 -38.51
CA ALA A 100 4.71 18.39 -39.31
C ALA A 100 4.44 17.12 -38.50
N VAL A 101 5.50 16.49 -38.01
CA VAL A 101 5.37 15.35 -37.11
C VAL A 101 4.22 15.64 -36.16
N GLU A 102 4.36 16.71 -35.37
CA GLU A 102 3.35 17.04 -34.38
C GLU A 102 1.97 17.24 -34.98
N SER A 103 1.88 17.78 -36.19
CA SER A 103 0.58 17.87 -36.81
C SER A 103 0.10 16.48 -37.21
N LEU A 104 1.02 15.64 -37.70
CA LEU A 104 0.62 14.32 -38.23
C LEU A 104 0.11 13.41 -37.13
N ASP A 105 0.84 13.38 -36.01
CA ASP A 105 0.62 12.42 -34.93
C ASP A 105 -0.53 12.84 -34.03
N ASN A 106 -0.43 14.05 -33.49
CA ASN A 106 -1.51 14.66 -32.73
C ASN A 106 -2.75 14.91 -33.58
N GLY A 107 -2.56 15.25 -34.86
CA GLY A 107 -3.65 15.76 -35.67
C GLY A 107 -4.07 17.17 -35.31
N LYS A 108 -3.16 18.15 -35.46
CA LYS A 108 -3.55 19.55 -35.39
C LYS A 108 -2.95 20.31 -36.57
N ALA A 109 -3.59 21.44 -36.91
CA ALA A 109 -3.30 22.14 -38.16
C ALA A 109 -1.87 22.68 -38.17
N ILE A 110 -1.18 22.48 -39.30
CA ILE A 110 0.22 22.89 -39.46
C ILE A 110 0.35 24.38 -39.11
N SER A 111 -0.76 25.12 -39.14
CA SER A 111 -0.73 26.50 -38.67
C SER A 111 -0.19 26.62 -37.26
N MET A 112 -0.25 25.55 -36.47
CA MET A 112 0.43 25.70 -35.19
C MET A 112 1.96 25.57 -35.32
N ALA A 113 2.50 25.53 -36.54
CA ALA A 113 3.95 25.46 -36.73
C ALA A 113 4.66 26.54 -35.95
N LYS A 114 4.24 27.79 -36.11
CA LYS A 114 4.82 28.87 -35.32
C LYS A 114 4.34 28.64 -33.89
N GLY A 115 3.12 29.07 -33.57
CA GLY A 115 2.53 29.00 -32.25
C GLY A 115 3.09 27.93 -31.34
N ASP A 116 2.72 26.67 -31.57
CA ASP A 116 3.05 25.60 -30.63
C ASP A 116 4.56 25.33 -30.61
N ILE A 117 5.15 25.02 -31.77
CA ILE A 117 6.56 24.64 -31.84
C ILE A 117 7.52 25.81 -31.60
N SER A 118 7.11 27.06 -31.86
CA SER A 118 7.96 28.17 -31.44
C SER A 118 7.88 28.36 -29.93
N MET A 119 6.68 28.21 -29.34
CA MET A 119 6.56 28.37 -27.89
C MET A 119 7.59 27.52 -27.15
N CYS A 120 7.89 26.31 -27.65
CA CYS A 120 9.00 25.54 -27.10
C CYS A 120 10.31 26.31 -27.20
N VAL A 121 10.60 26.87 -28.39
CA VAL A 121 11.83 27.64 -28.55
C VAL A 121 11.88 28.74 -27.50
N GLY A 122 10.80 29.51 -27.39
CA GLY A 122 10.70 30.49 -26.32
C GLY A 122 10.89 29.86 -24.95
N CYS A 123 10.19 28.76 -24.68
CA CYS A 123 10.25 28.16 -23.35
C CYS A 123 11.66 27.64 -23.06
N LEU A 124 12.24 26.90 -23.99
CA LEU A 124 13.57 26.35 -23.73
C LEU A 124 14.63 27.44 -23.67
N ARG A 125 14.37 28.58 -24.32
CA ARG A 125 15.34 29.68 -24.30
C ARG A 125 15.31 30.38 -22.95
N TYR A 126 14.13 30.83 -22.54
CA TYR A 126 13.91 31.41 -21.22
C TYR A 126 14.62 30.60 -20.14
N TYR A 127 14.38 29.31 -20.08
CA TYR A 127 14.99 28.55 -19.00
C TYR A 127 16.50 28.48 -19.21
N GLY A 128 16.95 28.36 -20.47
CA GLY A 128 18.36 28.49 -20.72
C GLY A 128 18.87 29.74 -20.04
N GLY A 129 18.03 30.79 -20.06
CA GLY A 129 18.36 32.02 -19.35
C GLY A 129 18.56 31.78 -17.87
N TRP A 130 17.65 30.99 -17.26
CA TRP A 130 17.67 30.86 -15.79
C TRP A 130 18.81 30.00 -15.26
N ALA A 131 19.53 29.27 -16.11
CA ALA A 131 20.57 28.36 -15.61
C ALA A 131 21.50 29.05 -14.60
N ASP A 132 22.08 30.21 -14.97
CA ASP A 132 23.08 30.85 -14.11
C ASP A 132 22.50 31.96 -13.21
N LYS A 133 21.18 32.08 -13.12
CA LYS A 133 20.58 33.06 -12.22
C LYS A 133 20.08 32.45 -10.92
N ILE A 134 20.37 31.17 -10.66
CA ILE A 134 19.92 30.49 -9.45
C ILE A 134 20.78 30.96 -8.27
N THR A 135 20.13 31.49 -7.21
CA THR A 135 20.88 32.02 -6.06
C THR A 135 20.39 31.47 -4.73
N GLY A 136 21.34 31.10 -3.87
CA GLY A 136 21.04 30.71 -2.50
C GLY A 136 20.93 31.95 -1.64
N LYS A 137 21.13 31.77 -0.32
CA LYS A 137 20.97 32.87 0.64
C LYS A 137 22.11 32.93 1.65
N VAL A 138 22.17 34.07 2.34
CA VAL A 138 23.05 34.30 3.47
C VAL A 138 22.21 34.99 4.53
N ILE A 139 22.19 34.46 5.74
CA ILE A 139 21.35 34.97 6.80
C ILE A 139 22.25 35.57 7.87
N ASP A 140 21.94 36.81 8.26
CA ASP A 140 22.64 37.45 9.39
C ASP A 140 21.93 37.07 10.69
N THR A 141 22.08 35.82 11.07
CA THR A 141 21.49 35.36 12.31
C THR A 141 21.99 36.17 13.48
N THR A 142 23.27 36.10 13.72
CA THR A 142 23.93 36.74 14.84
C THR A 142 25.30 37.17 14.38
N PRO A 143 26.13 37.73 15.26
CA PRO A 143 27.57 37.66 15.06
C PRO A 143 28.08 36.26 15.35
N ASP A 144 29.38 36.09 15.10
CA ASP A 144 30.17 34.88 15.34
C ASP A 144 29.75 33.72 14.44
N THR A 145 28.45 33.46 14.34
CA THR A 145 28.01 32.39 13.47
C THR A 145 27.88 32.89 12.05
N PHE A 146 27.88 31.96 11.11
CA PHE A 146 27.80 32.32 9.70
C PHE A 146 26.94 31.31 8.94
N ASN A 147 25.74 31.72 8.57
CA ASN A 147 24.71 30.84 8.06
C ASN A 147 24.29 31.23 6.65
N TYR A 148 24.26 30.22 5.78
CA TYR A 148 23.81 30.40 4.41
C TYR A 148 22.93 29.24 4.01
N VAL A 149 22.23 29.47 2.92
CA VAL A 149 21.26 28.57 2.34
C VAL A 149 21.66 28.40 0.88
N LYS A 150 21.72 27.14 0.41
CA LYS A 150 22.13 26.92 -0.97
C LYS A 150 21.13 26.04 -1.69
N LYS A 151 20.94 26.34 -2.98
CA LYS A 151 20.11 25.54 -3.87
C LYS A 151 20.96 24.52 -4.61
N GLU A 152 20.51 23.28 -4.63
CA GLU A 152 21.15 22.16 -5.31
C GLU A 152 20.14 21.46 -6.20
N PRO A 153 20.61 20.72 -7.20
CA PRO A 153 19.68 20.00 -8.06
C PRO A 153 19.05 18.80 -7.33
N ILE A 154 17.79 18.51 -7.63
CA ILE A 154 17.13 17.38 -6.96
C ILE A 154 17.81 16.06 -7.33
N GLY A 155 18.12 15.84 -8.61
CA GLY A 155 18.64 14.55 -9.04
C GLY A 155 17.94 13.94 -10.24
N VAL A 156 17.59 12.65 -10.22
CA VAL A 156 16.78 12.07 -11.30
C VAL A 156 15.32 12.45 -11.18
N CYS A 157 14.76 12.86 -12.31
CA CYS A 157 13.38 13.28 -12.39
C CYS A 157 12.63 12.45 -13.43
N GLY A 158 11.51 11.88 -13.03
CA GLY A 158 10.58 11.24 -13.96
C GLY A 158 9.51 12.22 -14.38
N GLN A 159 9.36 12.38 -15.69
CA GLN A 159 8.37 13.31 -16.21
C GLN A 159 7.46 12.62 -17.22
N ILE A 160 6.16 12.69 -16.99
CA ILE A 160 5.14 12.04 -17.81
C ILE A 160 4.30 13.11 -18.46
N ILE A 161 4.31 13.18 -19.79
CA ILE A 161 3.58 14.23 -20.49
C ILE A 161 2.35 13.64 -21.16
N PRO A 162 1.32 14.46 -21.50
CA PRO A 162 0.17 13.93 -22.25
C PRO A 162 0.44 13.96 -23.73
N TRP A 163 -0.60 14.26 -24.51
CA TRP A 163 -0.50 14.22 -25.96
C TRP A 163 -1.08 15.45 -26.63
N ASN A 164 -1.65 16.39 -25.87
CA ASN A 164 -2.27 17.56 -26.48
C ASN A 164 -1.22 18.54 -27.01
N PHE A 165 -0.14 18.74 -26.26
CA PHE A 165 1.00 19.54 -26.69
C PHE A 165 2.27 18.74 -26.48
N PRO A 166 2.44 17.65 -27.26
CA PRO A 166 3.53 16.70 -26.96
C PRO A 166 4.88 17.36 -26.94
N LEU A 167 5.17 18.19 -27.94
CA LEU A 167 6.48 18.83 -28.00
C LEU A 167 6.54 20.03 -27.06
N LEU A 168 5.46 20.81 -27.01
CA LEU A 168 5.39 21.89 -26.03
C LEU A 168 5.68 21.36 -24.63
N MET A 169 4.80 20.48 -24.12
CA MET A 169 5.03 19.86 -22.82
C MET A 169 6.45 19.35 -22.68
N TRP A 170 6.98 18.70 -23.71
CA TRP A 170 8.36 18.24 -23.69
C TRP A 170 9.28 19.38 -23.31
N ALA A 171 9.04 20.55 -23.91
CA ALA A 171 9.90 21.70 -23.64
C ALA A 171 9.66 22.27 -22.25
N TRP A 172 8.42 22.19 -21.75
CA TRP A 172 8.12 22.68 -20.40
C TRP A 172 8.75 21.83 -19.30
N LYS A 173 9.03 20.55 -19.57
CA LYS A 173 9.64 19.70 -18.55
C LYS A 173 11.16 19.69 -18.64
N ILE A 174 11.73 19.94 -19.81
CA ILE A 174 13.19 19.90 -19.88
C ILE A 174 13.80 21.20 -19.38
N GLY A 175 13.18 22.34 -19.69
CA GLY A 175 13.76 23.65 -19.42
C GLY A 175 14.15 23.94 -17.97
N PRO A 176 13.16 23.89 -17.05
CA PRO A 176 13.46 24.08 -15.62
C PRO A 176 14.34 22.98 -15.06
N ALA A 177 14.00 21.72 -15.36
CA ALA A 177 14.77 20.60 -14.82
C ALA A 177 16.26 20.73 -15.14
N ILE A 178 16.61 21.05 -16.39
CA ILE A 178 18.01 21.10 -16.81
C ILE A 178 18.69 22.35 -16.31
N ALA A 179 18.03 23.49 -16.45
CA ALA A 179 18.55 24.72 -15.85
C ALA A 179 19.09 24.41 -14.46
N CYS A 180 18.21 23.90 -13.58
CA CYS A 180 18.57 23.67 -12.19
C CYS A 180 19.73 22.70 -12.04
N GLY A 181 19.98 21.85 -13.03
CA GLY A 181 21.11 20.93 -12.98
C GLY A 181 20.76 19.49 -12.69
N ASN A 182 19.51 19.08 -12.91
CA ASN A 182 19.04 17.71 -12.73
C ASN A 182 19.01 16.97 -14.05
N THR A 183 19.41 15.71 -14.01
CA THR A 183 19.15 14.81 -15.13
C THR A 183 17.69 14.37 -15.13
N VAL A 184 17.18 14.04 -16.33
CA VAL A 184 15.78 13.67 -16.49
C VAL A 184 15.60 12.35 -17.25
N VAL A 185 14.46 11.71 -16.99
CA VAL A 185 13.97 10.57 -17.75
C VAL A 185 12.51 10.88 -18.10
N LEU A 186 12.23 11.01 -19.40
CA LEU A 186 10.93 11.47 -19.85
C LEU A 186 10.18 10.29 -20.46
N LYS A 187 8.86 10.23 -20.23
CA LYS A 187 8.00 9.26 -20.91
C LYS A 187 6.95 9.99 -21.73
N THR A 188 7.05 9.84 -23.05
CA THR A 188 6.04 10.35 -23.96
C THR A 188 4.73 9.62 -23.72
N ALA A 189 3.65 10.17 -24.27
CA ALA A 189 2.39 9.45 -24.25
C ALA A 189 2.49 8.22 -25.14
N GLU A 190 1.52 7.31 -24.94
CA GLU A 190 1.31 6.22 -25.88
C GLU A 190 0.76 6.71 -27.20
N GLN A 191 -0.09 7.75 -27.16
CA GLN A 191 -0.80 8.14 -28.37
C GLN A 191 0.08 8.94 -29.32
N THR A 192 1.06 9.67 -28.79
CA THR A 192 1.87 10.60 -29.59
C THR A 192 3.33 10.57 -29.16
N PRO A 193 4.03 9.46 -29.39
CA PRO A 193 5.45 9.43 -29.03
C PRO A 193 6.37 10.10 -30.04
N LEU A 194 5.88 10.44 -31.23
CA LEU A 194 6.80 10.73 -32.31
C LEU A 194 7.65 11.95 -32.02
N GLY A 195 7.00 13.08 -31.72
CA GLY A 195 7.70 14.28 -31.29
C GLY A 195 8.94 14.03 -30.45
N GLY A 196 8.78 13.57 -29.20
CA GLY A 196 9.92 13.49 -28.29
C GLY A 196 11.14 12.81 -28.89
N LEU A 197 10.92 11.93 -29.87
CA LEU A 197 12.02 11.15 -30.42
C LEU A 197 12.86 11.96 -31.40
N VAL A 198 12.22 12.79 -32.22
CA VAL A 198 13.01 13.68 -33.08
C VAL A 198 13.76 14.69 -32.21
N ALA A 199 13.03 15.37 -31.32
CA ALA A 199 13.57 16.17 -30.22
C ALA A 199 14.78 15.51 -29.59
N ALA A 200 14.67 14.20 -29.36
CA ALA A 200 15.78 13.47 -28.74
C ALA A 200 17.02 13.50 -29.63
N SER A 201 16.85 13.30 -30.95
CA SER A 201 17.98 13.46 -31.85
C SER A 201 18.58 14.85 -31.73
N LEU A 202 17.71 15.86 -31.58
CA LEU A 202 18.17 17.23 -31.35
C LEU A 202 18.94 17.33 -30.04
N VAL A 203 18.57 16.53 -29.03
CA VAL A 203 19.28 16.57 -27.76
C VAL A 203 20.74 16.17 -27.97
N LYS A 204 20.98 15.10 -28.73
CA LYS A 204 22.35 14.70 -28.98
C LYS A 204 23.12 15.81 -29.67
N GLU A 205 22.50 16.40 -30.70
CA GLU A 205 23.15 17.43 -31.52
C GLU A 205 23.67 18.59 -30.68
N ALA A 206 22.77 19.25 -29.94
CA ALA A 206 23.14 20.35 -29.07
C ALA A 206 24.21 19.96 -28.04
N GLY A 207 24.78 18.78 -28.16
CA GLY A 207 25.97 18.47 -27.37
C GLY A 207 25.72 18.34 -25.88
N PHE A 208 24.61 17.75 -25.52
CA PHE A 208 24.37 17.40 -24.14
C PHE A 208 25.24 16.18 -23.86
N PRO A 209 25.71 15.99 -22.64
CA PRO A 209 26.44 14.74 -22.33
C PRO A 209 25.47 13.60 -22.12
N PRO A 210 25.93 12.36 -22.30
CA PRO A 210 25.01 11.22 -22.41
C PRO A 210 24.38 10.87 -21.07
N GLY A 211 23.06 10.69 -21.09
CA GLY A 211 22.30 10.40 -19.89
C GLY A 211 21.71 11.60 -19.14
N VAL A 212 21.96 12.82 -19.58
CA VAL A 212 21.28 13.96 -18.97
C VAL A 212 19.82 14.05 -19.44
N ILE A 213 19.51 13.43 -20.57
CA ILE A 213 18.14 13.37 -21.08
C ILE A 213 17.95 12.00 -21.70
N ASN A 214 17.03 11.22 -21.16
CA ASN A 214 16.61 9.96 -21.77
C ASN A 214 15.14 10.09 -22.08
N VAL A 215 14.75 9.74 -23.30
CA VAL A 215 13.34 9.76 -23.69
C VAL A 215 12.86 8.34 -23.93
N ILE A 216 11.75 7.99 -23.29
CA ILE A 216 11.16 6.67 -23.14
C ILE A 216 9.80 6.60 -23.83
N SER A 217 9.46 5.42 -24.36
CA SER A 217 8.09 5.25 -24.83
C SER A 217 7.44 4.09 -24.10
N GLY A 218 6.11 4.09 -24.07
CA GLY A 218 5.39 3.05 -23.34
C GLY A 218 3.96 3.49 -23.00
N PHE A 219 3.36 2.76 -22.06
CA PHE A 219 2.01 3.02 -21.59
C PHE A 219 2.03 3.42 -20.12
N GLY A 220 0.88 3.93 -19.65
CA GLY A 220 0.74 4.20 -18.22
C GLY A 220 0.87 2.94 -17.38
N LYS A 221 0.21 1.86 -17.80
CA LYS A 221 0.15 0.65 -16.99
C LYS A 221 1.54 0.05 -16.72
N VAL A 222 2.54 0.37 -17.54
CA VAL A 222 3.83 -0.30 -17.40
C VAL A 222 4.97 0.69 -17.15
N ALA A 223 5.35 1.44 -18.19
CA ALA A 223 6.45 2.40 -18.06
C ALA A 223 6.11 3.46 -17.04
N GLY A 224 4.92 4.08 -17.19
CA GLY A 224 4.45 5.10 -16.26
C GLY A 224 4.68 4.64 -14.84
N ALA A 225 4.06 3.49 -14.54
CA ALA A 225 4.16 2.88 -13.21
C ALA A 225 5.60 2.73 -12.76
N ALA A 226 6.48 2.30 -13.67
CA ALA A 226 7.87 2.08 -13.29
C ALA A 226 8.52 3.37 -12.80
N LEU A 227 8.32 4.47 -13.54
CA LEU A 227 8.82 5.76 -13.05
C LEU A 227 8.25 6.10 -11.68
N SER A 228 6.93 6.28 -11.59
CA SER A 228 6.28 6.64 -10.33
C SER A 228 6.89 5.89 -9.15
N SER A 229 6.86 4.55 -9.19
CA SER A 229 7.29 3.74 -8.07
C SER A 229 8.78 3.52 -8.02
N HIS A 230 9.54 4.06 -8.96
CA HIS A 230 10.96 3.74 -8.99
C HIS A 230 11.66 4.24 -7.76
N MET A 231 12.43 3.35 -7.15
CA MET A 231 13.14 3.68 -5.91
C MET A 231 14.28 4.68 -6.11
N ASP A 232 14.89 4.76 -7.30
CA ASP A 232 16.02 5.65 -7.52
C ASP A 232 15.68 6.98 -8.15
N VAL A 233 14.39 7.23 -8.41
CA VAL A 233 13.87 8.49 -8.91
C VAL A 233 13.62 9.42 -7.73
N ASP A 234 14.19 10.63 -7.77
CA ASP A 234 14.05 11.55 -6.65
C ASP A 234 12.85 12.46 -6.78
N LYS A 235 12.43 12.77 -8.00
CA LYS A 235 11.22 13.57 -8.16
C LYS A 235 10.52 13.14 -9.45
N VAL A 236 9.21 13.38 -9.48
CA VAL A 236 8.36 13.08 -10.61
C VAL A 236 7.45 14.28 -10.86
N ALA A 237 7.17 14.57 -12.12
CA ALA A 237 6.19 15.59 -12.44
C ALA A 237 5.30 15.09 -13.55
N PHE A 238 4.01 15.40 -13.45
CA PHE A 238 3.01 14.66 -14.21
C PHE A 238 1.98 15.64 -14.78
N THR A 239 1.55 15.37 -16.01
CA THR A 239 0.45 16.10 -16.64
C THR A 239 -0.57 15.14 -17.24
N GLY A 240 -1.84 15.40 -16.94
CA GLY A 240 -2.93 14.61 -17.48
C GLY A 240 -4.04 14.46 -16.45
N SER A 241 -4.97 13.55 -16.77
CA SER A 241 -6.22 13.41 -16.04
C SER A 241 -5.98 13.39 -14.53
N THR A 242 -7.01 13.81 -13.80
CA THR A 242 -6.89 13.85 -12.35
C THR A 242 -6.75 12.46 -11.76
N VAL A 243 -7.43 11.45 -12.33
CA VAL A 243 -7.42 10.13 -11.71
C VAL A 243 -6.04 9.48 -11.82
N VAL A 244 -5.34 9.70 -12.94
CA VAL A 244 -3.99 9.14 -13.01
C VAL A 244 -3.04 9.92 -12.10
N GLY A 245 -3.38 11.18 -11.80
CA GLY A 245 -2.61 11.92 -10.81
C GLY A 245 -2.67 11.26 -9.45
N ARG A 246 -3.90 11.07 -8.94
CA ARG A 246 -4.08 10.28 -7.73
C ARG A 246 -3.27 8.99 -7.81
N THR A 247 -3.28 8.35 -8.97
CA THR A 247 -2.43 7.18 -9.17
C THR A 247 -0.98 7.50 -8.85
N ILE A 248 -0.47 8.62 -9.38
CA ILE A 248 0.93 8.97 -9.18
C ILE A 248 1.21 9.20 -7.71
N LEU A 249 0.34 9.98 -7.07
CA LEU A 249 0.62 10.37 -5.70
C LEU A 249 0.77 9.13 -4.81
N LYS A 250 -0.10 8.12 -4.99
CA LYS A 250 -0.03 6.92 -4.15
C LYS A 250 1.32 6.22 -4.30
N ALA A 251 1.74 5.93 -5.54
CA ALA A 251 2.95 5.14 -5.77
C ALA A 251 4.19 5.90 -5.30
N ALA A 252 4.20 7.21 -5.49
CA ALA A 252 5.14 8.08 -4.79
C ALA A 252 5.22 7.68 -3.32
N ALA A 253 4.06 7.61 -2.66
CA ALA A 253 4.02 7.37 -1.21
C ALA A 253 4.56 5.99 -0.86
N SER A 254 4.20 4.98 -1.67
CA SER A 254 4.59 3.59 -1.39
C SER A 254 6.07 3.36 -1.63
N SER A 255 6.64 4.09 -2.60
CA SER A 255 7.97 3.82 -3.12
C SER A 255 9.04 4.41 -2.23
N ASN A 256 9.32 5.70 -2.42
CA ASN A 256 10.43 6.36 -1.74
C ASN A 256 10.16 7.83 -1.41
N LEU A 257 8.91 8.27 -1.44
CA LEU A 257 8.51 9.63 -1.04
C LEU A 257 9.20 10.67 -1.94
N LYS A 258 9.54 10.24 -3.14
CA LYS A 258 10.01 11.17 -4.14
C LYS A 258 8.98 12.29 -4.26
N LYS A 259 9.46 13.47 -4.70
CA LYS A 259 8.62 14.66 -4.74
C LYS A 259 7.72 14.62 -5.97
N VAL A 260 6.51 15.17 -5.84
CA VAL A 260 5.47 15.00 -6.86
C VAL A 260 4.87 16.35 -7.21
N THR A 261 4.96 16.73 -8.47
CA THR A 261 4.33 17.90 -9.03
C THR A 261 3.24 17.40 -9.97
N LEU A 262 2.00 17.78 -9.72
CA LEU A 262 0.95 17.38 -10.64
C LEU A 262 0.35 18.61 -11.30
N GLU A 263 0.11 18.53 -12.61
CA GLU A 263 -0.76 19.47 -13.33
C GLU A 263 -1.84 18.64 -14.03
N LEU A 264 -2.98 18.60 -13.37
CA LEU A 264 -4.14 17.92 -13.87
C LEU A 264 -5.00 18.94 -14.60
N GLY A 265 -5.69 18.48 -15.64
CA GLY A 265 -6.66 19.34 -16.28
C GLY A 265 -7.74 19.79 -15.33
N GLY A 266 -8.52 20.78 -15.78
CA GLY A 266 -9.66 21.28 -15.05
C GLY A 266 -10.72 21.78 -16.01
N LYS A 267 -11.90 22.03 -15.47
CA LYS A 267 -12.97 22.67 -16.23
C LYS A 267 -12.95 24.16 -15.88
N SER A 268 -12.84 25.02 -16.88
CA SER A 268 -12.47 26.38 -16.55
C SER A 268 -13.40 27.41 -17.21
N PRO A 269 -13.80 28.45 -16.48
CA PRO A 269 -14.92 29.28 -16.93
C PRO A 269 -14.49 30.51 -17.73
N ASN A 270 -15.49 31.12 -18.37
CA ASN A 270 -15.34 32.33 -19.18
C ASN A 270 -16.54 33.21 -18.85
N ILE A 271 -16.29 34.42 -18.36
CA ILE A 271 -17.33 35.34 -17.91
C ILE A 271 -17.35 36.60 -18.78
N VAL A 272 -18.56 37.02 -19.18
CA VAL A 272 -18.76 38.20 -20.04
C VAL A 272 -19.82 39.10 -19.41
N PHE A 273 -19.47 40.35 -19.19
CA PHE A 273 -20.39 41.33 -18.60
C PHE A 273 -21.00 42.20 -19.71
N GLU A 274 -22.01 42.96 -19.34
CA GLU A 274 -22.69 43.80 -20.31
C GLU A 274 -21.68 44.65 -21.08
N ASP A 275 -20.76 45.28 -20.36
CA ASP A 275 -19.83 46.25 -20.94
C ASP A 275 -18.52 45.57 -21.33
N ALA A 276 -18.63 44.60 -22.24
CA ALA A 276 -17.52 43.72 -22.53
C ALA A 276 -16.88 43.91 -23.91
N ASP A 277 -17.33 44.89 -24.70
CA ASP A 277 -16.89 45.04 -26.09
C ASP A 277 -17.10 43.69 -26.79
N ILE A 278 -18.34 43.47 -27.23
CA ILE A 278 -18.83 42.13 -27.57
C ILE A 278 -18.00 41.50 -28.68
N ASP A 279 -17.58 42.29 -29.67
CA ASP A 279 -16.80 41.75 -30.79
C ASP A 279 -15.54 41.03 -30.31
N ASN A 280 -14.85 41.58 -29.29
CA ASN A 280 -13.69 40.90 -28.71
C ASN A 280 -14.12 39.69 -27.90
N ALA A 281 -15.17 39.85 -27.09
CA ALA A 281 -15.57 38.79 -26.17
C ALA A 281 -15.92 37.50 -26.91
N ILE A 282 -16.69 37.58 -28.00
CA ILE A 282 -17.08 36.37 -28.72
C ILE A 282 -15.86 35.72 -29.33
N SER A 283 -14.92 36.54 -29.81
CA SER A 283 -13.75 35.98 -30.49
C SER A 283 -12.84 35.22 -29.52
N TRP A 284 -12.74 35.70 -28.28
CA TRP A 284 -11.90 35.03 -27.29
C TRP A 284 -12.56 33.75 -26.79
N VAL A 285 -13.87 33.79 -26.50
CA VAL A 285 -14.51 32.58 -25.98
C VAL A 285 -14.41 31.45 -26.99
N ASN A 286 -14.64 31.75 -28.27
CA ASN A 286 -14.52 30.71 -29.28
C ASN A 286 -13.09 30.19 -29.36
N PHE A 287 -12.10 31.09 -29.44
CA PHE A 287 -10.72 30.63 -29.39
C PHE A 287 -10.44 29.91 -28.08
N GLY A 288 -11.12 30.29 -27.01
CA GLY A 288 -10.85 29.70 -25.72
C GLY A 288 -11.28 28.25 -25.64
N ILE A 289 -12.44 27.92 -26.18
CA ILE A 289 -13.02 26.59 -26.00
C ILE A 289 -12.60 25.64 -27.12
N PHE A 290 -12.46 26.15 -28.34
CA PHE A 290 -12.14 25.30 -29.48
C PHE A 290 -10.65 25.24 -29.79
N PHE A 291 -9.83 26.15 -29.25
CA PHE A 291 -8.40 26.10 -29.55
C PHE A 291 -7.85 24.74 -29.18
N ASN A 292 -7.21 24.09 -30.15
CA ASN A 292 -6.71 22.74 -29.98
C ASN A 292 -7.83 21.84 -29.45
N HIS A 293 -8.94 21.85 -30.19
CA HIS A 293 -10.05 20.90 -30.09
C HIS A 293 -10.67 20.81 -28.69
N GLY A 294 -10.42 21.76 -27.81
CA GLY A 294 -10.79 21.57 -26.42
C GLY A 294 -9.85 20.66 -25.66
N GLN A 295 -8.71 20.29 -26.25
CA GLN A 295 -7.71 19.46 -25.60
C GLN A 295 -6.93 20.24 -24.54
N CYS A 296 -7.12 21.55 -24.48
CA CYS A 296 -6.42 22.35 -23.49
C CYS A 296 -6.98 22.10 -22.10
N CYS A 297 -6.08 21.75 -21.18
CA CYS A 297 -6.44 21.62 -19.76
C CYS A 297 -7.23 22.82 -19.30
N CYS A 298 -6.73 24.03 -19.61
CA CYS A 298 -7.41 25.29 -19.31
C CYS A 298 -8.31 25.65 -20.49
N ALA A 299 -9.60 25.42 -20.34
CA ALA A 299 -10.52 25.67 -21.44
C ALA A 299 -11.82 26.23 -20.90
N GLY A 300 -12.43 27.13 -21.67
CA GLY A 300 -13.74 27.68 -21.35
C GLY A 300 -14.87 26.66 -21.45
N SER A 301 -14.78 25.59 -20.66
CA SER A 301 -15.80 24.53 -20.67
C SER A 301 -17.19 25.08 -20.38
N ARG A 302 -17.30 26.17 -19.61
CA ARG A 302 -18.59 26.75 -19.27
C ARG A 302 -18.46 28.27 -19.32
N VAL A 303 -19.43 28.94 -19.97
CA VAL A 303 -19.38 30.36 -20.34
C VAL A 303 -20.63 31.05 -19.81
N TYR A 304 -20.47 32.25 -19.24
CA TYR A 304 -21.56 32.87 -18.49
C TYR A 304 -21.74 34.32 -18.95
N VAL A 305 -22.99 34.75 -19.17
CA VAL A 305 -23.28 36.06 -19.77
C VAL A 305 -24.36 36.79 -18.99
N GLN A 306 -24.30 38.11 -19.01
CA GLN A 306 -25.18 38.91 -18.16
C GLN A 306 -26.62 38.76 -18.64
N GLU A 307 -27.55 38.69 -17.67
CA GLU A 307 -28.97 38.56 -17.97
C GLU A 307 -29.48 39.57 -18.98
N SER A 308 -28.75 40.65 -19.24
CA SER A 308 -29.25 41.70 -20.13
C SER A 308 -28.87 41.48 -21.59
N ILE A 309 -27.70 40.88 -21.84
CA ILE A 309 -27.19 40.79 -23.20
C ILE A 309 -27.03 39.34 -23.64
N TYR A 310 -27.71 38.42 -22.97
CA TYR A 310 -27.55 37.00 -23.24
C TYR A 310 -28.02 36.62 -24.64
N ASP A 311 -29.26 36.95 -24.99
CA ASP A 311 -29.81 36.48 -26.26
C ASP A 311 -29.04 37.09 -27.42
N LYS A 312 -28.81 38.41 -27.38
CA LYS A 312 -27.94 39.07 -28.36
C LYS A 312 -26.61 38.36 -28.46
N PHE A 313 -26.04 37.99 -27.32
CA PHE A 313 -24.72 37.37 -27.30
C PHE A 313 -24.74 36.01 -27.96
N VAL A 314 -25.80 35.24 -27.71
CA VAL A 314 -25.79 33.83 -28.11
C VAL A 314 -25.75 33.71 -29.63
N GLN A 315 -26.52 34.55 -30.34
CA GLN A 315 -26.60 34.41 -31.78
C GLN A 315 -25.27 34.76 -32.45
N LYS A 316 -24.56 35.76 -31.92
CA LYS A 316 -23.28 36.14 -32.51
C LYS A 316 -22.28 34.99 -32.45
N PHE A 317 -22.43 34.09 -31.47
CA PHE A 317 -21.45 33.04 -31.26
C PHE A 317 -21.54 31.95 -32.33
N LYS A 318 -22.75 31.53 -32.69
CA LYS A 318 -22.91 30.47 -33.68
C LYS A 318 -23.25 31.05 -35.05
N PRO A 338 -9.88 16.96 -35.06
CA PRO A 338 -9.17 15.69 -34.90
C PRO A 338 -8.68 15.41 -33.49
N GLN A 339 -9.34 14.47 -32.81
CA GLN A 339 -8.83 13.94 -31.55
C GLN A 339 -7.72 12.93 -31.83
N VAL A 340 -7.09 12.45 -30.76
CA VAL A 340 -5.82 11.77 -30.95
C VAL A 340 -6.02 10.27 -31.16
N SER A 341 -7.03 9.67 -30.54
CA SER A 341 -7.34 8.28 -30.77
C SER A 341 -8.84 8.06 -30.59
N LYS A 342 -9.28 6.86 -30.96
CA LYS A 342 -10.69 6.51 -30.88
C LYS A 342 -11.27 6.76 -29.50
N VAL A 343 -10.51 6.43 -28.46
CA VAL A 343 -11.07 6.42 -27.12
C VAL A 343 -11.38 7.84 -26.65
N GLN A 344 -10.42 8.76 -26.81
CA GLN A 344 -10.72 10.15 -26.55
C GLN A 344 -11.90 10.61 -27.41
N PHE A 345 -11.96 10.08 -28.63
CA PHE A 345 -13.08 10.37 -29.52
C PHE A 345 -14.38 9.83 -28.95
N ASP A 346 -14.30 8.85 -28.04
CA ASP A 346 -15.53 8.21 -27.60
C ASP A 346 -16.12 8.86 -26.36
N ARG A 347 -15.28 9.40 -25.47
CA ARG A 347 -15.83 10.03 -24.27
C ARG A 347 -16.60 11.30 -24.59
N ILE A 348 -16.19 12.03 -25.63
CA ILE A 348 -16.98 13.17 -26.07
C ILE A 348 -18.33 12.72 -26.59
N MET A 349 -18.37 11.61 -27.35
CA MET A 349 -19.66 11.15 -27.83
C MET A 349 -20.51 10.60 -26.69
N GLU A 350 -19.86 10.07 -25.64
CA GLU A 350 -20.57 9.74 -24.42
C GLU A 350 -21.18 11.00 -23.80
N TYR A 351 -20.34 12.03 -23.63
CA TYR A 351 -20.77 13.24 -22.93
C TYR A 351 -21.73 14.06 -23.79
N ILE A 352 -21.62 13.96 -25.12
CA ILE A 352 -22.57 14.63 -25.99
C ILE A 352 -23.95 14.00 -25.85
N GLN A 353 -23.98 12.66 -25.74
CA GLN A 353 -25.22 11.93 -25.51
C GLN A 353 -25.86 12.34 -24.19
N ALA A 354 -25.06 12.36 -23.12
CA ALA A 354 -25.55 12.82 -21.83
C ALA A 354 -26.15 14.21 -21.93
N GLY A 355 -25.70 15.00 -22.90
CA GLY A 355 -26.22 16.34 -23.04
C GLY A 355 -27.69 16.35 -23.42
N LYS A 356 -28.03 15.71 -24.55
CA LYS A 356 -29.42 15.69 -24.97
C LYS A 356 -30.29 14.92 -23.98
N ASP A 357 -29.72 13.86 -23.37
CA ASP A 357 -30.43 13.14 -22.33
C ASP A 357 -30.81 14.06 -21.18
N ALA A 358 -29.86 14.90 -20.75
CA ALA A 358 -30.14 15.90 -19.73
C ALA A 358 -31.28 16.83 -20.12
N GLY A 359 -31.77 16.75 -21.35
CA GLY A 359 -32.81 17.64 -21.81
C GLY A 359 -32.35 19.04 -22.17
N ALA A 360 -31.04 19.27 -22.14
CA ALA A 360 -30.51 20.60 -22.41
C ALA A 360 -30.61 20.92 -23.90
N THR A 361 -31.06 22.14 -24.21
CA THR A 361 -31.09 22.61 -25.60
C THR A 361 -29.67 22.70 -26.15
N VAL A 362 -29.46 22.17 -27.35
CA VAL A 362 -28.14 22.11 -27.93
C VAL A 362 -27.94 23.18 -29.01
N PHE A 375 -12.39 13.38 -36.21
CA PHE A 375 -12.82 14.77 -36.32
C PHE A 375 -14.22 14.90 -35.72
N ILE A 376 -14.57 16.12 -35.28
CA ILE A 376 -15.82 16.34 -34.57
C ILE A 376 -16.39 17.72 -34.87
N GLU A 377 -17.71 17.78 -34.97
CA GLU A 377 -18.41 19.04 -35.04
C GLU A 377 -18.28 19.81 -33.71
N PRO A 378 -17.76 21.04 -33.74
CA PRO A 378 -17.81 21.86 -32.52
C PRO A 378 -19.23 21.99 -32.01
N THR A 379 -19.43 21.60 -30.77
CA THR A 379 -20.76 21.49 -30.18
C THR A 379 -20.99 22.60 -29.15
N ILE A 380 -22.20 23.14 -29.15
CA ILE A 380 -22.56 24.20 -28.22
C ILE A 380 -23.92 23.88 -27.60
N PHE A 381 -24.00 24.07 -26.28
CA PHE A 381 -25.24 23.91 -25.53
C PHE A 381 -25.66 25.23 -24.90
N SER A 382 -26.98 25.39 -24.76
CA SER A 382 -27.55 26.59 -24.14
C SER A 382 -28.67 26.18 -23.19
N ASN A 383 -29.04 27.15 -22.35
CA ASN A 383 -30.02 26.96 -21.27
C ASN A 383 -29.81 25.60 -20.58
N VAL A 384 -28.53 25.25 -20.46
CA VAL A 384 -28.08 24.15 -19.61
C VAL A 384 -28.45 24.51 -18.16
N THR A 385 -28.84 23.49 -17.37
CA THR A 385 -29.24 23.77 -15.99
C THR A 385 -27.98 24.12 -15.19
N GLU A 386 -28.01 24.10 -13.84
CA GLU A 386 -26.80 24.40 -13.08
C GLU A 386 -26.05 23.16 -12.62
N ASP A 387 -26.76 22.13 -12.14
CA ASP A 387 -26.11 20.87 -11.73
C ASP A 387 -26.32 19.83 -12.82
N MET A 388 -25.29 19.54 -13.61
CA MET A 388 -25.38 18.44 -14.55
C MET A 388 -24.03 17.77 -14.64
N LYS A 389 -24.05 16.58 -15.24
CA LYS A 389 -22.80 15.96 -15.63
C LYS A 389 -22.09 16.82 -16.67
N ILE A 390 -22.85 17.41 -17.59
CA ILE A 390 -22.26 18.03 -18.77
C ILE A 390 -21.36 19.19 -18.39
N VAL A 391 -21.59 19.79 -17.23
CA VAL A 391 -20.82 20.93 -16.77
C VAL A 391 -19.70 20.51 -15.83
N LYS A 392 -19.98 19.58 -14.90
CA LYS A 392 -19.13 19.46 -13.73
C LYS A 392 -17.92 18.57 -13.96
N GLU A 393 -18.00 17.53 -14.81
CA GLU A 393 -16.80 16.74 -15.06
C GLU A 393 -16.22 17.13 -16.42
N GLU A 394 -15.11 16.49 -16.78
CA GLU A 394 -14.15 17.06 -17.70
C GLU A 394 -14.32 16.45 -19.09
N ILE A 395 -14.88 17.27 -19.98
CA ILE A 395 -15.22 16.85 -21.35
C ILE A 395 -13.97 16.49 -22.13
N PHE A 396 -13.03 17.43 -22.23
CA PHE A 396 -11.81 17.31 -23.03
C PHE A 396 -12.14 17.15 -24.50
N GLY A 397 -13.16 17.89 -24.95
CA GLY A 397 -13.50 17.99 -26.35
C GLY A 397 -14.23 19.29 -26.66
N PRO A 398 -14.43 19.61 -27.96
CA PRO A 398 -15.05 20.90 -28.31
C PRO A 398 -16.52 20.95 -27.94
N VAL A 399 -16.85 21.11 -26.66
CA VAL A 399 -18.22 21.32 -26.22
C VAL A 399 -18.22 22.50 -25.25
N CYS A 400 -19.30 23.27 -25.28
CA CYS A 400 -19.40 24.50 -24.50
C CYS A 400 -20.85 24.69 -24.03
N SER A 401 -21.03 25.14 -22.78
CA SER A 401 -22.35 25.26 -22.17
C SER A 401 -22.52 26.67 -21.62
N ILE A 402 -23.56 27.37 -22.09
CA ILE A 402 -23.77 28.78 -21.78
C ILE A 402 -24.68 28.96 -20.59
N ALA A 403 -24.34 29.93 -19.74
CA ALA A 403 -25.13 30.27 -18.57
C ALA A 403 -25.30 31.79 -18.53
N LYS A 404 -26.28 32.22 -17.74
CA LYS A 404 -26.66 33.62 -17.66
C LYS A 404 -26.70 34.06 -16.21
N PHE A 405 -26.05 35.18 -15.91
CA PHE A 405 -26.06 35.71 -14.57
C PHE A 405 -26.63 37.12 -14.57
N LYS A 406 -26.93 37.59 -13.37
CA LYS A 406 -27.36 38.96 -13.14
C LYS A 406 -26.29 39.76 -12.39
N THR A 407 -26.27 39.66 -11.06
CA THR A 407 -25.40 40.52 -10.29
C THR A 407 -23.93 40.08 -10.44
N LYS A 408 -23.01 40.99 -10.06
CA LYS A 408 -21.57 40.71 -10.11
C LYS A 408 -21.19 39.53 -9.22
N GLU A 409 -21.75 39.49 -8.00
CA GLU A 409 -21.41 38.44 -7.04
C GLU A 409 -22.00 37.09 -7.43
N ASP A 410 -22.99 37.08 -8.33
CA ASP A 410 -23.51 35.82 -8.84
C ASP A 410 -22.48 35.12 -9.73
N ALA A 411 -21.75 35.89 -10.54
CA ALA A 411 -20.71 35.33 -11.37
C ALA A 411 -19.55 34.80 -10.53
N ILE A 412 -19.35 35.38 -9.34
CA ILE A 412 -18.37 34.80 -8.43
C ILE A 412 -18.86 33.45 -7.94
N LYS A 413 -20.10 33.41 -7.42
CA LYS A 413 -20.65 32.14 -6.93
C LYS A 413 -20.60 31.09 -8.02
N LEU A 414 -20.89 31.47 -9.27
CA LEU A 414 -21.00 30.47 -10.32
C LEU A 414 -19.63 30.00 -10.80
N GLY A 415 -18.70 30.92 -10.97
CA GLY A 415 -17.39 30.53 -11.48
C GLY A 415 -16.66 29.60 -10.54
N ASN A 416 -16.48 30.02 -9.30
CA ASN A 416 -15.71 29.22 -8.37
C ASN A 416 -16.53 28.07 -7.76
N ALA A 417 -17.76 27.85 -8.25
CA ALA A 417 -18.57 26.67 -7.87
C ALA A 417 -18.15 25.49 -8.74
N SER A 418 -16.98 24.96 -8.42
CA SER A 418 -16.43 23.88 -9.23
C SER A 418 -15.37 23.17 -8.42
N THR A 419 -15.28 21.86 -8.60
CA THR A 419 -14.17 21.13 -8.02
C THR A 419 -12.86 21.46 -8.73
N TYR A 420 -12.92 21.74 -10.04
CA TYR A 420 -11.72 22.04 -10.83
C TYR A 420 -11.55 23.55 -10.91
N GLY A 421 -10.41 24.04 -10.43
CA GLY A 421 -10.08 25.45 -10.59
C GLY A 421 -8.73 25.67 -11.24
N LEU A 422 -8.60 25.36 -12.53
CA LEU A 422 -7.29 25.49 -13.15
C LEU A 422 -7.11 26.88 -13.74
N ALA A 423 -8.11 27.38 -14.46
CA ALA A 423 -8.03 28.73 -15.01
C ALA A 423 -9.41 29.35 -14.97
N ALA A 424 -9.45 30.65 -15.16
CA ALA A 424 -10.71 31.34 -15.35
C ALA A 424 -10.44 32.54 -16.23
N ALA A 425 -11.50 33.18 -16.70
CA ALA A 425 -11.29 34.44 -17.42
C ALA A 425 -12.50 35.34 -17.30
N VAL A 426 -12.25 36.63 -17.43
CA VAL A 426 -13.25 37.65 -17.23
C VAL A 426 -13.14 38.63 -18.38
N HIS A 427 -14.27 38.98 -18.98
CA HIS A 427 -14.32 39.89 -20.12
C HIS A 427 -15.15 41.09 -19.72
N THR A 428 -14.49 42.19 -19.42
CA THR A 428 -15.25 43.38 -19.08
C THR A 428 -14.37 44.58 -19.38
N LYS A 429 -14.90 45.70 -19.02
CA LYS A 429 -14.19 46.93 -19.25
C LYS A 429 -14.00 47.73 -17.96
N ASN A 430 -14.95 47.62 -17.02
CA ASN A 430 -14.86 48.30 -15.74
C ASN A 430 -13.67 47.82 -14.92
N LEU A 431 -12.87 48.78 -14.44
CA LEU A 431 -11.70 48.51 -13.62
C LEU A 431 -12.07 47.83 -12.32
N ASN A 432 -12.85 48.54 -11.47
CA ASN A 432 -13.30 47.97 -10.20
C ASN A 432 -13.90 46.58 -10.38
N THR A 433 -14.64 46.36 -11.46
CA THR A 433 -15.15 45.02 -11.72
C THR A 433 -14.02 44.05 -12.05
N ALA A 434 -13.11 44.45 -12.95
CA ALA A 434 -12.10 43.52 -13.42
C ALA A 434 -11.22 43.02 -12.29
N ILE A 435 -10.77 43.92 -11.42
CA ILE A 435 -9.86 43.42 -10.40
C ILE A 435 -10.61 42.81 -9.21
N GLU A 436 -11.82 43.27 -8.89
CA GLU A 436 -12.53 42.64 -7.78
C GLU A 436 -12.81 41.18 -8.07
N VAL A 437 -13.32 40.89 -9.27
CA VAL A 437 -13.70 39.53 -9.64
C VAL A 437 -12.47 38.62 -9.72
N SER A 438 -11.41 39.08 -10.38
CA SER A 438 -10.25 38.22 -10.56
C SER A 438 -9.68 37.81 -9.21
N ASN A 439 -9.69 38.72 -8.23
CA ASN A 439 -9.29 38.31 -6.89
C ASN A 439 -10.19 37.20 -6.39
N ALA A 440 -11.49 37.34 -6.63
CA ALA A 440 -12.43 36.39 -6.04
C ALA A 440 -12.37 35.04 -6.73
N LEU A 441 -11.96 34.98 -7.98
CA LEU A 441 -12.05 33.73 -8.72
C LEU A 441 -11.06 32.72 -8.19
N LYS A 442 -11.54 31.49 -8.04
CA LYS A 442 -10.78 30.43 -7.37
C LYS A 442 -10.02 29.61 -8.42
N ALA A 443 -9.10 30.29 -9.11
CA ALA A 443 -8.29 29.66 -10.16
C ALA A 443 -6.83 30.14 -10.10
N GLY A 444 -5.95 29.33 -10.68
CA GLY A 444 -4.53 29.66 -10.68
C GLY A 444 -4.11 30.58 -11.81
N THR A 445 -4.93 30.74 -12.84
CA THR A 445 -4.70 31.73 -13.89
C THR A 445 -6.01 32.43 -14.26
N VAL A 446 -5.99 33.75 -14.25
CA VAL A 446 -7.15 34.54 -14.63
C VAL A 446 -6.77 35.43 -15.79
N TRP A 447 -7.70 35.59 -16.72
CA TRP A 447 -7.46 36.32 -17.95
C TRP A 447 -8.52 37.41 -18.02
N VAL A 448 -8.10 38.64 -18.34
CA VAL A 448 -9.00 39.77 -18.42
C VAL A 448 -8.95 40.30 -19.85
N ASN A 449 -10.05 40.16 -20.59
CA ASN A 449 -10.16 40.60 -21.98
C ASN A 449 -9.25 39.79 -22.90
N THR A 450 -9.03 38.53 -22.56
CA THR A 450 -8.30 37.56 -23.36
C THR A 450 -8.63 36.16 -22.87
N TYR A 451 -8.35 35.15 -23.71
CA TYR A 451 -8.45 33.78 -23.23
C TYR A 451 -7.39 32.92 -23.91
N ASN A 452 -6.96 31.87 -23.19
CA ASN A 452 -6.03 30.82 -23.61
C ASN A 452 -4.69 31.37 -24.10
N THR A 453 -4.42 32.64 -23.86
CA THR A 453 -3.13 33.23 -24.21
C THR A 453 -2.19 33.08 -23.02
N LEU A 454 -1.13 32.31 -23.21
CA LEU A 454 -0.25 31.89 -22.11
C LEU A 454 1.20 32.14 -22.46
N HIS A 455 1.98 32.52 -21.46
CA HIS A 455 3.36 32.93 -21.65
C HIS A 455 4.24 32.13 -20.68
N HIS A 456 5.50 31.95 -21.06
CA HIS A 456 6.35 31.07 -20.26
C HIS A 456 6.97 31.80 -19.08
N GLN A 457 7.08 33.13 -19.12
CA GLN A 457 7.55 33.81 -17.92
C GLN A 457 6.46 33.92 -16.86
N MET A 458 5.19 33.75 -17.24
CA MET A 458 4.15 33.83 -16.22
C MET A 458 3.75 32.42 -15.77
N PRO A 459 3.69 32.17 -14.47
CA PRO A 459 3.38 30.81 -13.97
C PRO A 459 1.93 30.38 -14.19
N PHE A 460 1.76 29.09 -14.50
CA PHE A 460 0.44 28.52 -14.78
C PHE A 460 0.31 27.27 -13.91
N GLY A 461 -0.86 27.06 -13.31
CA GLY A 461 -1.06 25.99 -12.35
C GLY A 461 -2.50 25.98 -11.86
N GLY A 462 -2.79 25.01 -10.98
CA GLY A 462 -4.11 24.89 -10.43
C GLY A 462 -4.05 24.87 -8.91
N TYR A 463 -5.19 25.20 -8.28
CA TYR A 463 -5.20 25.09 -6.83
C TYR A 463 -6.48 24.53 -6.22
N LYS A 464 -7.35 23.91 -7.01
CA LYS A 464 -8.53 23.22 -6.50
C LYS A 464 -8.54 21.82 -7.07
N GLU A 465 -7.52 21.04 -6.68
CA GLU A 465 -7.24 19.69 -7.18
C GLU A 465 -6.90 19.71 -8.66
N SER A 466 -6.72 20.90 -9.25
CA SER A 466 -6.19 20.97 -10.61
C SER A 466 -4.71 20.66 -10.64
N GLY A 467 -4.01 20.86 -9.53
CA GLY A 467 -2.58 20.64 -9.57
C GLY A 467 -1.90 20.89 -8.23
N ILE A 468 -0.71 20.34 -8.13
CA ILE A 468 0.19 20.52 -7.00
C ILE A 468 1.41 21.22 -7.58
N GLY A 469 1.59 22.50 -7.21
CA GLY A 469 2.69 23.27 -7.75
C GLY A 469 2.41 23.97 -9.07
N ARG A 470 3.00 25.17 -9.23
CA ARG A 470 3.00 25.93 -10.48
C ARG A 470 4.31 25.64 -11.20
N GLU A 471 4.24 25.65 -12.55
CA GLU A 471 5.36 25.18 -13.39
C GLU A 471 5.71 26.14 -14.53
N LEU A 472 5.70 27.46 -14.31
CA LEU A 472 6.16 28.34 -15.38
C LEU A 472 6.80 29.58 -14.79
N GLY A 473 7.85 30.08 -15.42
CA GLY A 473 8.56 31.23 -14.88
C GLY A 473 9.51 30.83 -13.77
N GLU A 474 9.75 31.76 -12.83
CA GLU A 474 10.74 31.44 -11.81
C GLU A 474 10.25 30.34 -10.89
N ASP A 475 8.94 30.17 -10.79
CA ASP A 475 8.39 29.27 -9.79
C ASP A 475 8.61 27.82 -10.15
N ALA A 476 8.63 27.50 -11.45
CA ALA A 476 9.01 26.16 -11.87
C ALA A 476 10.35 25.75 -11.28
N LEU A 477 11.35 26.63 -11.35
CA LEU A 477 12.66 26.32 -10.81
C LEU A 477 12.64 25.96 -9.33
N ALA A 478 11.56 26.27 -8.61
CA ALA A 478 11.48 25.86 -7.22
C ALA A 478 11.25 24.37 -7.11
N ASN A 479 10.48 23.84 -8.06
CA ASN A 479 10.08 22.44 -8.08
C ASN A 479 11.26 21.51 -8.32
N TYR A 480 12.27 21.96 -9.06
CA TYR A 480 13.38 21.10 -9.41
C TYR A 480 14.66 21.49 -8.68
N THR A 481 14.54 22.08 -7.48
CA THR A 481 15.70 22.35 -6.64
C THR A 481 15.40 22.01 -5.19
N GLN A 482 16.46 21.82 -4.39
CA GLN A 482 16.34 21.55 -2.98
C GLN A 482 17.16 22.59 -2.22
N THR A 483 16.78 22.83 -0.98
CA THR A 483 17.45 23.75 -0.08
C THR A 483 18.31 22.99 0.92
N LYS A 484 19.56 23.40 1.08
CA LYS A 484 20.44 22.92 2.14
C LYS A 484 20.98 24.09 2.97
N THR A 485 20.88 23.98 4.29
CA THR A 485 21.26 25.04 5.22
C THR A 485 22.58 24.70 5.91
N VAL A 486 23.60 25.52 5.69
CA VAL A 486 24.87 25.36 6.40
C VAL A 486 25.02 26.46 7.45
N SER A 487 25.40 26.07 8.69
CA SER A 487 25.70 27.00 9.79
C SER A 487 27.11 26.74 10.34
N ILE A 488 27.93 27.76 10.32
CA ILE A 488 29.29 27.68 10.81
C ILE A 488 29.38 28.61 12.00
N ARG A 489 30.11 28.20 13.05
CA ARG A 489 29.84 28.69 14.39
C ARG A 489 30.75 29.84 14.83
N LEU A 490 32.05 29.76 14.55
CA LEU A 490 33.03 30.69 15.14
C LEU A 490 34.44 30.38 14.72
N HIS B 10 18.40 -29.04 -29.25
CA HIS B 10 19.41 -29.88 -29.90
C HIS B 10 18.78 -30.87 -30.88
N SER B 11 17.46 -31.04 -30.82
CA SER B 11 16.74 -31.98 -31.66
C SER B 11 16.04 -31.21 -32.78
N GLY B 12 16.37 -31.54 -34.03
CA GLY B 12 15.99 -30.68 -35.13
C GLY B 12 14.49 -30.47 -35.23
N LYS B 13 13.70 -31.49 -34.86
CA LYS B 13 12.26 -31.32 -34.92
C LYS B 13 11.84 -30.19 -34.00
N TYR B 14 10.87 -29.43 -34.44
CA TYR B 14 10.54 -28.17 -33.79
C TYR B 14 9.08 -27.96 -34.06
N GLU B 15 8.30 -27.88 -33.04
CA GLU B 15 7.02 -27.29 -33.31
C GLU B 15 6.69 -26.58 -32.00
N GLN B 16 7.41 -25.48 -31.78
CA GLN B 16 7.15 -24.63 -30.64
C GLN B 16 5.99 -23.75 -31.02
N PRO B 17 4.77 -24.01 -30.53
CA PRO B 17 3.70 -23.06 -30.80
C PRO B 17 3.94 -21.80 -29.96
N THR B 18 3.54 -20.66 -30.52
CA THR B 18 3.73 -19.37 -29.88
C THR B 18 2.41 -18.70 -29.54
N GLY B 19 1.30 -19.19 -30.08
CA GLY B 19 0.04 -18.54 -29.85
C GLY B 19 -0.41 -18.71 -28.42
N LEU B 20 -1.54 -18.09 -28.09
CA LEU B 20 -2.21 -18.35 -26.82
C LEU B 20 -3.12 -19.56 -26.94
N PHE B 21 -3.05 -20.47 -25.97
CA PHE B 21 -3.81 -21.71 -26.08
C PHE B 21 -5.19 -21.46 -25.52
N ILE B 22 -6.12 -21.10 -26.40
CA ILE B 22 -7.50 -20.83 -26.03
C ILE B 22 -8.40 -21.77 -26.83
N ASN B 23 -9.33 -22.42 -26.14
CA ASN B 23 -10.31 -23.28 -26.79
C ASN B 23 -9.61 -24.25 -27.73
N ASN B 24 -8.61 -24.95 -27.19
CA ASN B 24 -7.98 -26.04 -27.92
C ASN B 24 -7.40 -25.55 -29.25
N GLU B 25 -7.11 -24.25 -29.34
CA GLU B 25 -6.54 -23.60 -30.51
C GLU B 25 -5.39 -22.69 -30.09
N PHE B 26 -4.49 -22.42 -31.03
CA PHE B 26 -3.42 -21.45 -30.79
C PHE B 26 -3.79 -20.16 -31.52
N VAL B 27 -4.43 -19.22 -30.80
CA VAL B 27 -4.74 -17.90 -31.34
C VAL B 27 -3.59 -16.92 -31.22
N LYS B 28 -3.88 -15.66 -31.51
CA LYS B 28 -2.90 -14.61 -31.53
C LYS B 28 -3.42 -13.45 -30.70
N GLY B 29 -2.48 -12.63 -30.22
CA GLY B 29 -2.87 -11.50 -29.39
C GLY B 29 -3.79 -10.59 -30.15
N GLN B 30 -4.88 -10.17 -29.49
CA GLN B 30 -5.84 -9.31 -30.17
C GLN B 30 -5.16 -8.08 -30.73
N GLU B 31 -4.36 -7.40 -29.91
CA GLU B 31 -3.54 -6.33 -30.43
C GLU B 31 -2.12 -6.79 -30.75
N GLY B 32 -1.89 -8.09 -30.72
CA GLY B 32 -0.78 -8.64 -31.49
C GLY B 32 0.62 -8.48 -30.95
N LYS B 33 0.77 -8.27 -29.65
CA LYS B 33 2.11 -8.07 -29.09
C LYS B 33 2.89 -9.37 -29.01
N THR B 34 4.14 -9.30 -29.42
CA THR B 34 5.10 -10.36 -29.23
C THR B 34 6.07 -9.96 -28.13
N PHE B 35 6.83 -10.91 -27.60
CA PHE B 35 7.83 -10.57 -26.59
C PHE B 35 8.95 -11.61 -26.64
N ASP B 36 10.17 -11.15 -26.46
CA ASP B 36 11.35 -11.93 -26.80
C ASP B 36 11.63 -13.00 -25.76
N VAL B 37 12.21 -14.11 -26.20
CA VAL B 37 12.59 -15.25 -25.37
C VAL B 37 14.10 -15.45 -25.49
N ILE B 38 14.82 -15.31 -24.38
CA ILE B 38 16.27 -15.41 -24.40
C ILE B 38 16.73 -16.73 -23.81
N ASN B 39 17.76 -17.28 -24.42
CA ASN B 39 18.44 -18.44 -23.93
C ASN B 39 19.46 -18.01 -22.88
N PRO B 40 19.38 -18.51 -21.65
CA PRO B 40 20.35 -18.11 -20.61
C PRO B 40 21.74 -18.68 -20.78
N SER B 41 21.96 -19.58 -21.74
CA SER B 41 23.30 -20.13 -21.86
C SER B 41 24.17 -19.28 -22.80
N ASP B 42 23.60 -18.75 -23.89
CA ASP B 42 24.40 -17.95 -24.81
C ASP B 42 23.85 -16.54 -25.00
N GLU B 43 22.93 -16.11 -24.13
CA GLU B 43 22.28 -14.81 -24.18
C GLU B 43 21.59 -14.53 -25.50
N SER B 44 21.40 -15.54 -26.34
CA SER B 44 20.76 -15.39 -27.65
C SER B 44 19.23 -15.36 -27.50
N VAL B 45 18.57 -14.75 -28.49
CA VAL B 45 17.10 -14.77 -28.56
C VAL B 45 16.62 -16.01 -29.32
N ILE B 46 15.94 -16.92 -28.59
CA ILE B 46 15.33 -18.13 -29.14
C ILE B 46 14.36 -17.78 -30.26
N THR B 47 13.30 -17.07 -29.89
CA THR B 47 12.29 -16.58 -30.82
C THR B 47 11.35 -15.72 -29.99
N GLN B 48 10.20 -15.38 -30.55
CA GLN B 48 9.26 -14.46 -29.95
C GLN B 48 7.91 -15.15 -29.82
N VAL B 49 7.25 -14.89 -28.68
CA VAL B 49 5.96 -15.47 -28.31
C VAL B 49 4.94 -14.35 -28.19
N HIS B 50 3.67 -14.68 -28.46
CA HIS B 50 2.62 -13.67 -28.42
C HIS B 50 2.20 -13.40 -26.98
N GLU B 51 1.77 -12.16 -26.73
CA GLU B 51 1.44 -11.73 -25.38
C GLU B 51 -0.07 -11.53 -25.23
N ALA B 52 -0.60 -12.08 -24.13
CA ALA B 52 -1.94 -11.78 -23.70
C ALA B 52 -2.01 -10.44 -22.99
N THR B 53 -3.12 -9.73 -23.20
CA THR B 53 -3.42 -8.51 -22.46
C THR B 53 -4.86 -8.62 -21.99
N GLU B 54 -5.36 -7.57 -21.36
CA GLU B 54 -6.59 -7.67 -20.58
C GLU B 54 -7.76 -8.16 -21.42
N LYS B 55 -7.78 -7.88 -22.73
CA LYS B 55 -8.87 -8.46 -23.53
C LYS B 55 -8.64 -9.93 -23.81
N ASP B 56 -7.40 -10.32 -24.14
CA ASP B 56 -7.03 -11.73 -24.22
C ASP B 56 -7.50 -12.50 -22.99
N VAL B 57 -7.07 -12.07 -21.80
CA VAL B 57 -7.42 -12.74 -20.56
C VAL B 57 -8.93 -12.86 -20.41
N ASP B 58 -9.66 -11.80 -20.77
CA ASP B 58 -11.13 -11.87 -20.71
C ASP B 58 -11.67 -12.97 -21.62
N ILE B 59 -11.32 -12.93 -22.91
CA ILE B 59 -11.60 -14.01 -23.86
C ILE B 59 -11.31 -15.38 -23.24
N ALA B 60 -10.06 -15.56 -22.78
CA ALA B 60 -9.67 -16.79 -22.12
C ALA B 60 -10.66 -17.17 -21.03
N VAL B 61 -10.83 -16.30 -20.02
CA VAL B 61 -11.74 -16.65 -18.94
C VAL B 61 -13.11 -17.00 -19.50
N ALA B 62 -13.52 -16.32 -20.56
CA ALA B 62 -14.78 -16.69 -21.19
C ALA B 62 -14.71 -18.12 -21.71
N ALA B 63 -13.57 -18.52 -22.30
CA ALA B 63 -13.45 -19.89 -22.79
C ALA B 63 -13.65 -20.88 -21.65
N ALA B 64 -12.81 -20.81 -20.63
CA ALA B 64 -12.95 -21.64 -19.45
C ALA B 64 -14.37 -21.63 -18.94
N ARG B 65 -14.97 -20.45 -18.80
CA ARG B 65 -16.28 -20.43 -18.19
C ARG B 65 -17.32 -21.10 -19.08
N LYS B 66 -17.20 -20.98 -20.39
CA LYS B 66 -18.13 -21.73 -21.25
C LYS B 66 -17.97 -23.23 -21.06
N ALA B 67 -16.73 -23.72 -21.09
CA ALA B 67 -16.46 -25.12 -20.77
C ALA B 67 -17.15 -25.51 -19.48
N PHE B 68 -16.74 -24.87 -18.37
CA PHE B 68 -17.30 -25.23 -17.07
C PHE B 68 -18.82 -25.15 -17.07
N GLU B 69 -19.38 -24.24 -17.86
CA GLU B 69 -20.82 -24.06 -17.81
C GLU B 69 -21.53 -25.16 -18.57
N GLY B 70 -20.86 -25.79 -19.53
CA GLY B 70 -21.58 -26.69 -20.41
C GLY B 70 -21.03 -28.10 -20.56
N SER B 71 -19.80 -28.20 -21.06
CA SER B 71 -19.24 -29.51 -21.36
C SER B 71 -19.21 -30.43 -20.15
N TRP B 72 -19.02 -29.88 -18.95
CA TRP B 72 -18.64 -30.66 -17.79
C TRP B 72 -19.82 -30.94 -16.86
N ARG B 73 -21.01 -31.05 -17.43
CA ARG B 73 -22.16 -31.72 -16.84
C ARG B 73 -22.30 -33.14 -17.35
N GLN B 74 -21.79 -33.40 -18.56
CA GLN B 74 -21.86 -34.74 -19.09
C GLN B 74 -20.73 -35.62 -18.58
N GLU B 75 -19.57 -35.03 -18.29
CA GLU B 75 -18.37 -35.83 -18.10
C GLU B 75 -18.33 -36.42 -16.70
N THR B 76 -17.93 -37.69 -16.63
CA THR B 76 -17.90 -38.40 -15.37
C THR B 76 -16.49 -38.40 -14.82
N PRO B 77 -16.37 -38.31 -13.50
CA PRO B 77 -15.04 -38.37 -12.87
C PRO B 77 -14.15 -39.49 -13.38
N GLU B 78 -14.71 -40.66 -13.66
CA GLU B 78 -13.94 -41.67 -14.38
C GLU B 78 -13.16 -41.06 -15.54
N ASN B 79 -13.85 -40.35 -16.44
CA ASN B 79 -13.20 -39.87 -17.65
C ASN B 79 -12.26 -38.72 -17.35
N ARG B 80 -12.63 -37.81 -16.43
CA ARG B 80 -11.67 -36.79 -16.04
C ARG B 80 -10.38 -37.45 -15.56
N GLY B 81 -10.49 -38.53 -14.79
CA GLY B 81 -9.31 -39.30 -14.44
C GLY B 81 -8.61 -39.91 -15.64
N LYS B 82 -9.38 -40.55 -16.53
CA LYS B 82 -8.81 -41.12 -17.74
C LYS B 82 -7.97 -40.10 -18.50
N LEU B 83 -8.54 -38.89 -18.71
CA LEU B 83 -7.88 -37.89 -19.55
C LEU B 83 -6.52 -37.52 -18.99
N LEU B 84 -6.45 -37.28 -17.68
CA LEU B 84 -5.17 -36.92 -17.07
C LEU B 84 -4.16 -38.00 -17.33
N ASN B 85 -4.61 -39.25 -17.26
CA ASN B 85 -3.70 -40.33 -17.52
C ASN B 85 -3.19 -40.31 -18.95
N ASN B 86 -4.10 -40.11 -19.92
CA ASN B 86 -3.67 -39.85 -21.28
C ASN B 86 -2.58 -38.79 -21.31
N LEU B 87 -2.88 -37.64 -20.70
CA LEU B 87 -1.92 -36.54 -20.68
C LEU B 87 -0.60 -36.94 -20.00
N ALA B 88 -0.68 -37.79 -18.97
CA ALA B 88 0.55 -38.31 -18.40
C ALA B 88 1.30 -39.11 -19.45
N ASN B 89 0.62 -40.03 -20.13
CA ASN B 89 1.33 -40.90 -21.04
C ASN B 89 1.94 -40.09 -22.19
N LEU B 90 1.21 -39.11 -22.72
CA LEU B 90 1.85 -38.14 -23.62
C LEU B 90 3.10 -37.50 -22.98
N PHE B 91 2.97 -36.96 -21.76
CA PHE B 91 4.15 -36.37 -21.11
C PHE B 91 5.31 -37.34 -21.12
N GLU B 92 5.01 -38.61 -20.79
CA GLU B 92 6.04 -39.64 -20.69
C GLU B 92 6.51 -40.07 -22.08
N LYS B 93 5.67 -39.91 -23.12
CA LYS B 93 6.15 -40.24 -24.47
C LYS B 93 7.12 -39.18 -24.99
N ASN B 94 6.94 -37.92 -24.60
CA ASN B 94 7.83 -36.85 -25.02
C ASN B 94 8.74 -36.32 -23.91
N ILE B 95 9.15 -37.15 -22.94
CA ILE B 95 10.10 -36.68 -21.93
C ILE B 95 11.23 -35.95 -22.62
N ASP B 96 11.69 -36.51 -23.75
CA ASP B 96 12.91 -36.04 -24.36
C ASP B 96 12.73 -34.67 -25.00
N LEU B 97 11.73 -34.51 -25.87
CA LEU B 97 11.43 -33.19 -26.41
C LEU B 97 11.23 -32.19 -25.29
N LEU B 98 10.33 -32.51 -24.33
CA LEU B 98 10.00 -31.61 -23.23
C LEU B 98 11.21 -31.24 -22.40
N ALA B 99 12.00 -32.24 -21.99
CA ALA B 99 13.23 -31.91 -21.27
C ALA B 99 14.06 -30.92 -22.07
N ALA B 100 14.11 -31.09 -23.40
CA ALA B 100 14.90 -30.20 -24.25
C ALA B 100 14.40 -28.77 -24.16
N VAL B 101 13.11 -28.53 -24.41
CA VAL B 101 12.57 -27.17 -24.25
C VAL B 101 12.91 -26.65 -22.86
N GLU B 102 12.44 -27.35 -21.83
CA GLU B 102 12.83 -27.04 -20.45
C GLU B 102 14.26 -26.58 -20.33
N SER B 103 15.19 -27.38 -20.84
CA SER B 103 16.61 -27.07 -20.67
C SER B 103 16.98 -25.83 -21.46
N LEU B 104 16.48 -25.70 -22.68
CA LEU B 104 16.83 -24.55 -23.50
C LEU B 104 16.30 -23.27 -22.86
N ASP B 105 15.01 -23.26 -22.53
CA ASP B 105 14.28 -22.08 -22.08
C ASP B 105 14.77 -21.59 -20.71
N ASN B 106 14.78 -22.47 -19.73
CA ASN B 106 15.15 -22.28 -18.34
C ASN B 106 16.65 -22.41 -18.08
N GLY B 107 17.40 -22.98 -19.02
CA GLY B 107 18.80 -23.25 -18.79
C GLY B 107 19.15 -24.22 -17.68
N LYS B 108 18.53 -25.39 -17.61
CA LYS B 108 18.87 -26.35 -16.58
C LYS B 108 19.28 -27.67 -17.20
N ALA B 109 20.30 -28.30 -16.61
CA ALA B 109 20.88 -29.54 -17.13
C ALA B 109 19.82 -30.51 -17.58
N ILE B 110 20.01 -31.05 -18.79
CA ILE B 110 19.01 -31.94 -19.37
C ILE B 110 18.85 -33.21 -18.54
N SER B 111 19.85 -33.56 -17.73
CA SER B 111 19.70 -34.63 -16.73
C SER B 111 18.66 -34.25 -15.68
N MET B 112 18.68 -33.00 -15.21
CA MET B 112 17.65 -32.50 -14.30
C MET B 112 16.30 -32.35 -14.99
N ALA B 113 16.27 -31.83 -16.22
CA ALA B 113 14.99 -31.66 -16.90
C ALA B 113 14.26 -32.99 -17.06
N LYS B 114 14.97 -34.06 -17.43
CA LYS B 114 14.33 -35.38 -17.48
C LYS B 114 13.79 -35.76 -16.12
N GLY B 115 14.59 -35.58 -15.07
CA GLY B 115 14.08 -35.76 -13.71
C GLY B 115 12.79 -35.01 -13.50
N ASP B 116 12.75 -33.74 -13.93
CA ASP B 116 11.56 -32.91 -13.82
C ASP B 116 10.36 -33.60 -14.43
N ILE B 117 10.48 -34.08 -15.68
CA ILE B 117 9.31 -34.59 -16.39
C ILE B 117 8.78 -35.85 -15.73
N SER B 118 9.68 -36.76 -15.32
CA SER B 118 9.26 -37.89 -14.50
C SER B 118 8.36 -37.42 -13.37
N MET B 119 8.79 -36.40 -12.62
CA MET B 119 7.91 -35.86 -11.61
C MET B 119 6.57 -35.43 -12.20
N CYS B 120 6.56 -34.84 -13.40
CA CYS B 120 5.29 -34.46 -14.02
C CYS B 120 4.38 -35.67 -14.22
N VAL B 121 4.90 -36.72 -14.84
CA VAL B 121 4.04 -37.85 -15.17
C VAL B 121 3.52 -38.52 -13.90
N GLY B 122 4.34 -38.56 -12.85
CA GLY B 122 3.87 -39.11 -11.59
C GLY B 122 2.83 -38.23 -10.94
N CYS B 123 3.02 -36.92 -11.05
CA CYS B 123 2.05 -36.02 -10.46
C CYS B 123 0.73 -36.06 -11.21
N LEU B 124 0.76 -36.13 -12.55
CA LEU B 124 -0.50 -36.19 -13.28
C LEU B 124 -1.23 -37.50 -13.00
N ARG B 125 -0.50 -38.63 -13.00
CA ARG B 125 -1.12 -39.95 -12.83
C ARG B 125 -1.88 -40.03 -11.52
N TYR B 126 -1.17 -39.72 -10.44
CA TYR B 126 -1.72 -39.60 -9.09
C TYR B 126 -3.08 -38.92 -9.08
N TYR B 127 -3.15 -37.72 -9.65
CA TYR B 127 -4.39 -36.97 -9.64
C TYR B 127 -5.42 -37.56 -10.60
N GLY B 128 -4.96 -38.14 -11.71
CA GLY B 128 -5.85 -38.96 -12.50
C GLY B 128 -6.53 -40.01 -11.65
N GLY B 129 -5.81 -40.52 -10.65
CA GLY B 129 -6.40 -41.50 -9.77
C GLY B 129 -7.44 -40.93 -8.84
N TRP B 130 -7.38 -39.62 -8.58
CA TRP B 130 -8.21 -38.99 -7.55
C TRP B 130 -9.57 -38.54 -8.04
N ALA B 131 -9.81 -38.57 -9.35
CA ALA B 131 -11.01 -37.93 -9.87
C ALA B 131 -12.27 -38.63 -9.40
N ASP B 132 -12.32 -39.95 -9.49
CA ASP B 132 -13.46 -40.69 -9.00
C ASP B 132 -13.48 -40.91 -7.49
N LYS B 133 -12.50 -40.46 -6.72
CA LYS B 133 -12.45 -40.74 -5.29
C LYS B 133 -12.73 -39.52 -4.41
N ILE B 134 -13.43 -38.51 -4.94
CA ILE B 134 -13.74 -37.31 -4.14
C ILE B 134 -15.16 -37.42 -3.58
N THR B 135 -15.25 -37.90 -2.34
CA THR B 135 -16.51 -38.23 -1.70
C THR B 135 -16.83 -37.23 -0.62
N GLY B 136 -17.96 -36.56 -0.74
CA GLY B 136 -18.50 -35.77 0.35
C GLY B 136 -19.11 -36.63 1.47
N LYS B 137 -19.54 -35.96 2.55
CA LYS B 137 -19.98 -36.70 3.72
C LYS B 137 -21.50 -36.71 3.79
N VAL B 138 -22.01 -37.53 4.71
CA VAL B 138 -23.44 -37.63 5.01
C VAL B 138 -23.60 -37.56 6.52
N ILE B 139 -24.35 -36.57 6.99
CA ILE B 139 -24.44 -36.29 8.41
C ILE B 139 -25.77 -36.81 8.91
N ASP B 140 -25.72 -37.88 9.71
CA ASP B 140 -26.87 -38.72 10.07
C ASP B 140 -27.37 -38.44 11.48
N THR B 141 -27.03 -37.29 12.05
CA THR B 141 -27.40 -36.99 13.42
C THR B 141 -28.71 -36.23 13.50
N THR B 142 -29.43 -36.23 12.46
CA THR B 142 -30.66 -35.52 12.44
C THR B 142 -31.88 -36.39 12.72
N PRO B 143 -32.89 -35.80 13.27
CA PRO B 143 -34.14 -36.52 13.55
C PRO B 143 -35.22 -36.19 12.53
N ASP B 144 -35.66 -37.21 11.78
CA ASP B 144 -36.67 -37.00 10.73
C ASP B 144 -36.20 -35.95 9.72
N THR B 145 -34.91 -36.04 9.38
CA THR B 145 -34.24 -35.19 8.39
C THR B 145 -33.04 -35.93 7.83
N PHE B 146 -32.71 -35.59 6.58
CA PHE B 146 -31.56 -36.16 5.86
C PHE B 146 -30.70 -35.03 5.35
N ASN B 147 -29.41 -35.03 5.70
CA ASN B 147 -28.50 -34.00 5.23
C ASN B 147 -27.25 -34.66 4.69
N TYR B 148 -26.94 -34.37 3.45
CA TYR B 148 -25.69 -34.76 2.85
C TYR B 148 -24.85 -33.52 2.59
N VAL B 149 -23.54 -33.71 2.48
CA VAL B 149 -22.63 -32.61 2.16
C VAL B 149 -21.97 -32.93 0.82
N LYS B 150 -22.36 -32.19 -0.20
CA LYS B 150 -21.82 -32.37 -1.53
C LYS B 150 -20.50 -31.61 -1.61
N LYS B 151 -19.58 -32.12 -2.44
CA LYS B 151 -18.41 -31.36 -2.87
C LYS B 151 -18.58 -31.03 -4.36
N GLU B 152 -18.22 -29.81 -4.75
CA GLU B 152 -18.39 -29.60 -6.19
C GLU B 152 -17.26 -28.77 -6.74
N PRO B 153 -17.12 -28.60 -8.05
CA PRO B 153 -16.00 -27.79 -8.52
C PRO B 153 -16.22 -26.34 -8.15
N ILE B 154 -15.11 -25.61 -8.00
CA ILE B 154 -15.20 -24.16 -7.76
C ILE B 154 -15.68 -23.43 -9.01
N GLY B 155 -15.11 -23.78 -10.16
CA GLY B 155 -15.49 -23.17 -11.42
C GLY B 155 -14.25 -22.90 -12.26
N VAL B 156 -13.95 -21.60 -12.44
CA VAL B 156 -12.82 -21.13 -13.24
C VAL B 156 -11.68 -20.81 -12.30
N CYS B 157 -10.54 -21.47 -12.49
CA CYS B 157 -9.39 -21.26 -11.63
C CYS B 157 -8.22 -20.71 -12.44
N GLY B 158 -7.78 -19.50 -12.12
CA GLY B 158 -6.60 -18.91 -12.75
C GLY B 158 -5.35 -19.34 -12.00
N GLN B 159 -4.30 -19.68 -12.75
CA GLN B 159 -3.06 -20.16 -12.19
C GLN B 159 -1.85 -19.37 -12.73
N ILE B 160 -0.95 -18.98 -11.83
CA ILE B 160 0.22 -18.15 -12.16
C ILE B 160 1.45 -18.92 -11.70
N ILE B 161 2.13 -19.56 -12.64
CA ILE B 161 3.24 -20.46 -12.32
C ILE B 161 4.53 -19.68 -12.42
N PRO B 162 5.57 -20.08 -11.70
CA PRO B 162 6.83 -19.30 -11.67
C PRO B 162 7.95 -20.02 -12.39
N TRP B 163 8.89 -19.28 -12.93
CA TRP B 163 9.87 -19.87 -13.83
C TRP B 163 10.86 -20.87 -13.27
N ASN B 164 10.82 -21.26 -11.99
CA ASN B 164 11.82 -22.20 -11.46
C ASN B 164 11.72 -23.56 -12.15
N PHE B 165 10.56 -24.17 -12.02
CA PHE B 165 10.23 -25.47 -12.57
C PHE B 165 8.98 -25.22 -13.38
N PRO B 166 9.11 -24.64 -14.58
CA PRO B 166 7.88 -24.30 -15.34
C PRO B 166 6.97 -25.47 -15.62
N LEU B 167 7.50 -26.61 -16.09
CA LEU B 167 6.64 -27.75 -16.44
C LEU B 167 6.17 -28.51 -15.21
N LEU B 168 7.04 -28.73 -14.23
CA LEU B 168 6.59 -29.27 -12.97
C LEU B 168 5.45 -28.43 -12.38
N MET B 169 5.72 -27.14 -12.04
CA MET B 169 4.64 -26.27 -11.59
C MET B 169 3.41 -26.38 -12.47
N TRP B 170 3.58 -26.51 -13.79
CA TRP B 170 2.44 -26.74 -14.66
C TRP B 170 1.60 -27.90 -14.14
N ALA B 171 2.25 -29.04 -13.87
CA ALA B 171 1.51 -30.22 -13.44
C ALA B 171 0.91 -30.02 -12.04
N TRP B 172 1.72 -29.59 -11.09
CA TRP B 172 1.19 -29.26 -9.77
C TRP B 172 -0.10 -28.44 -9.84
N LYS B 173 -0.16 -27.43 -10.73
CA LYS B 173 -1.39 -26.64 -10.84
C LYS B 173 -2.46 -27.44 -11.56
N ILE B 174 -2.14 -27.98 -12.73
CA ILE B 174 -3.19 -28.48 -13.59
C ILE B 174 -3.84 -29.73 -12.98
N GLY B 175 -3.01 -30.66 -12.46
CA GLY B 175 -3.48 -31.89 -11.89
C GLY B 175 -4.70 -31.71 -11.01
N PRO B 176 -4.49 -31.21 -9.79
CA PRO B 176 -5.61 -31.06 -8.83
C PRO B 176 -6.83 -30.41 -9.43
N ALA B 177 -6.64 -29.28 -10.08
CA ALA B 177 -7.78 -28.54 -10.58
C ALA B 177 -8.62 -29.37 -11.55
N ILE B 178 -7.99 -30.12 -12.45
CA ILE B 178 -8.78 -30.83 -13.46
C ILE B 178 -9.42 -32.06 -12.86
N ALA B 179 -8.73 -32.73 -11.94
CA ALA B 179 -9.36 -33.84 -11.24
C ALA B 179 -10.73 -33.44 -10.72
N CYS B 180 -10.80 -32.29 -10.03
CA CYS B 180 -11.99 -31.95 -9.27
C CYS B 180 -13.16 -31.56 -10.15
N GLY B 181 -12.90 -31.21 -11.41
CA GLY B 181 -13.95 -30.79 -12.29
C GLY B 181 -13.97 -29.32 -12.57
N ASN B 182 -13.01 -28.57 -12.05
CA ASN B 182 -12.77 -27.19 -12.42
C ASN B 182 -12.18 -27.10 -13.81
N THR B 183 -12.33 -25.91 -14.41
CA THR B 183 -11.63 -25.51 -15.62
C THR B 183 -10.67 -24.38 -15.29
N VAL B 184 -9.52 -24.35 -15.98
CA VAL B 184 -8.42 -23.47 -15.58
C VAL B 184 -7.83 -22.65 -16.73
N VAL B 185 -7.30 -21.50 -16.34
CA VAL B 185 -6.51 -20.62 -17.18
C VAL B 185 -5.16 -20.46 -16.50
N LEU B 186 -4.09 -20.88 -17.16
CA LEU B 186 -2.77 -20.85 -16.59
C LEU B 186 -1.94 -19.79 -17.29
N LYS B 187 -1.38 -18.86 -16.53
CA LYS B 187 -0.37 -17.95 -17.09
C LYS B 187 1.01 -18.53 -16.80
N THR B 188 1.79 -18.73 -17.86
CA THR B 188 3.20 -19.05 -17.69
C THR B 188 3.96 -17.82 -17.17
N ALA B 189 5.18 -18.08 -16.70
CA ALA B 189 6.12 -17.00 -16.34
C ALA B 189 6.69 -16.37 -17.61
N GLU B 190 6.70 -15.04 -17.65
CA GLU B 190 7.33 -14.29 -18.73
C GLU B 190 8.69 -14.84 -19.13
N GLN B 191 9.51 -15.27 -18.16
CA GLN B 191 10.87 -15.71 -18.48
C GLN B 191 10.90 -17.07 -19.17
N THR B 192 9.92 -17.93 -18.94
CA THR B 192 9.91 -19.29 -19.52
C THR B 192 8.50 -19.63 -20.01
N PRO B 193 8.10 -19.06 -21.15
CA PRO B 193 6.78 -19.41 -21.71
C PRO B 193 6.73 -20.70 -22.54
N LEU B 194 7.88 -21.29 -22.93
CA LEU B 194 7.88 -22.28 -24.00
C LEU B 194 7.25 -23.59 -23.58
N GLY B 195 7.74 -24.18 -22.48
CA GLY B 195 7.20 -25.41 -21.97
C GLY B 195 5.70 -25.40 -21.97
N GLY B 196 5.09 -24.51 -21.16
CA GLY B 196 3.65 -24.51 -21.03
C GLY B 196 2.89 -24.57 -22.35
N LEU B 197 3.47 -23.98 -23.40
CA LEU B 197 2.78 -24.06 -24.69
C LEU B 197 3.00 -25.40 -25.36
N VAL B 198 4.20 -25.98 -25.23
CA VAL B 198 4.44 -27.31 -25.78
C VAL B 198 3.48 -28.30 -25.13
N ALA B 199 3.46 -28.33 -23.80
CA ALA B 199 2.43 -29.08 -23.08
C ALA B 199 1.06 -28.84 -23.70
N ALA B 200 0.67 -27.57 -23.82
CA ALA B 200 -0.68 -27.25 -24.28
C ALA B 200 -1.03 -28.03 -25.54
N SER B 201 -0.05 -28.32 -26.40
CA SER B 201 -0.32 -29.13 -27.58
C SER B 201 -0.70 -30.55 -27.21
N LEU B 202 -0.07 -31.11 -26.16
CA LEU B 202 -0.46 -32.42 -25.67
C LEU B 202 -1.91 -32.42 -25.20
N VAL B 203 -2.37 -31.32 -24.63
CA VAL B 203 -3.69 -31.25 -24.01
C VAL B 203 -4.78 -31.49 -25.03
N LYS B 204 -4.51 -31.17 -26.31
CA LYS B 204 -5.52 -31.45 -27.32
C LYS B 204 -5.45 -32.93 -27.77
N GLU B 205 -4.24 -33.49 -27.92
CA GLU B 205 -4.16 -34.93 -28.25
C GLU B 205 -4.74 -35.80 -27.15
N ALA B 206 -4.66 -35.36 -25.88
CA ALA B 206 -5.19 -36.13 -24.77
C ALA B 206 -6.72 -36.21 -24.79
N GLY B 207 -7.41 -35.35 -25.53
CA GLY B 207 -8.84 -35.45 -25.62
C GLY B 207 -9.59 -34.60 -24.63
N PHE B 208 -8.95 -33.57 -24.08
CA PHE B 208 -9.70 -32.63 -23.26
C PHE B 208 -10.67 -31.89 -24.17
N PRO B 209 -11.82 -31.49 -23.65
CA PRO B 209 -12.74 -30.61 -24.41
C PRO B 209 -12.09 -29.27 -24.71
N PRO B 210 -12.61 -28.54 -25.70
CA PRO B 210 -12.14 -27.16 -25.89
C PRO B 210 -12.47 -26.33 -24.66
N GLY B 211 -11.55 -25.43 -24.30
CA GLY B 211 -11.74 -24.48 -23.22
C GLY B 211 -11.33 -24.95 -21.83
N VAL B 212 -11.42 -26.27 -21.56
CA VAL B 212 -11.20 -26.79 -20.22
C VAL B 212 -9.84 -26.32 -19.67
N ILE B 213 -8.82 -26.32 -20.52
CA ILE B 213 -7.45 -26.02 -20.11
C ILE B 213 -6.87 -25.03 -21.11
N ASN B 214 -6.49 -23.83 -20.61
CA ASN B 214 -5.98 -22.73 -21.42
C ASN B 214 -4.65 -22.22 -20.86
N VAL B 215 -3.70 -21.96 -21.75
CA VAL B 215 -2.36 -21.51 -21.36
C VAL B 215 -2.10 -20.14 -21.97
N ILE B 216 -1.83 -19.16 -21.12
CA ILE B 216 -1.63 -17.79 -21.51
C ILE B 216 -0.17 -17.48 -21.36
N SER B 217 0.36 -16.66 -22.24
CA SER B 217 1.66 -16.04 -21.99
C SER B 217 1.47 -14.53 -21.89
N GLY B 218 2.28 -13.91 -21.02
CA GLY B 218 2.10 -12.50 -20.70
C GLY B 218 2.98 -12.12 -19.53
N PHE B 219 2.67 -10.99 -18.90
CA PHE B 219 3.41 -10.56 -17.73
C PHE B 219 2.56 -10.55 -16.46
N GLY B 220 3.26 -10.74 -15.34
CA GLY B 220 2.61 -10.59 -14.05
C GLY B 220 1.85 -9.28 -13.90
N LYS B 221 2.37 -8.21 -14.48
CA LYS B 221 1.65 -6.95 -14.43
C LYS B 221 0.39 -7.02 -15.28
N VAL B 222 0.52 -6.89 -16.60
CA VAL B 222 -0.66 -6.85 -17.47
C VAL B 222 -1.54 -8.09 -17.29
N ALA B 223 -1.01 -9.27 -17.65
CA ALA B 223 -1.82 -10.50 -17.62
C ALA B 223 -2.09 -10.95 -16.20
N GLY B 224 -1.02 -11.07 -15.39
CA GLY B 224 -1.08 -11.45 -13.99
C GLY B 224 -2.18 -10.71 -13.24
N ALA B 225 -2.18 -9.37 -13.32
CA ALA B 225 -3.26 -8.58 -12.72
C ALA B 225 -4.62 -9.00 -13.27
N ALA B 226 -4.73 -9.13 -14.59
CA ALA B 226 -6.04 -9.44 -15.17
C ALA B 226 -6.64 -10.72 -14.60
N LEU B 227 -5.84 -11.79 -14.51
CA LEU B 227 -6.37 -13.00 -13.88
C LEU B 227 -6.85 -12.72 -12.47
N SER B 228 -6.02 -12.02 -11.68
CA SER B 228 -6.28 -11.93 -10.24
C SER B 228 -7.40 -10.96 -9.92
N SER B 229 -7.57 -9.94 -10.75
CA SER B 229 -8.66 -8.98 -10.55
C SER B 229 -9.89 -9.33 -11.36
N HIS B 230 -9.84 -10.39 -12.17
CA HIS B 230 -10.99 -10.74 -12.98
C HIS B 230 -12.20 -11.03 -12.14
N MET B 231 -13.34 -10.48 -12.53
CA MET B 231 -14.57 -10.75 -11.80
C MET B 231 -15.23 -12.09 -12.18
N ASP B 232 -14.90 -12.71 -13.33
CA ASP B 232 -15.40 -14.05 -13.63
C ASP B 232 -14.40 -15.16 -13.33
N VAL B 233 -13.20 -14.86 -12.82
CA VAL B 233 -12.29 -15.89 -12.34
C VAL B 233 -12.66 -16.22 -10.89
N ASP B 234 -12.75 -17.50 -10.58
CA ASP B 234 -13.32 -17.92 -9.31
C ASP B 234 -12.28 -18.26 -8.24
N LYS B 235 -11.00 -18.40 -8.62
CA LYS B 235 -9.97 -18.85 -7.69
C LYS B 235 -8.64 -18.67 -8.40
N VAL B 236 -7.73 -17.91 -7.82
CA VAL B 236 -6.39 -17.83 -8.39
C VAL B 236 -5.45 -18.66 -7.53
N ALA B 237 -4.32 -19.07 -8.12
CA ALA B 237 -3.31 -19.84 -7.39
C ALA B 237 -1.95 -19.30 -7.79
N PHE B 238 -1.27 -18.69 -6.83
CA PHE B 238 -0.05 -17.98 -7.12
C PHE B 238 1.11 -18.81 -6.58
N THR B 239 2.22 -18.81 -7.31
CA THR B 239 3.48 -19.34 -6.78
C THR B 239 4.61 -18.42 -7.24
N GLY B 240 5.43 -17.96 -6.30
CA GLY B 240 6.43 -16.96 -6.62
C GLY B 240 6.73 -16.07 -5.42
N SER B 241 7.31 -14.91 -5.72
CA SER B 241 7.82 -14.05 -4.66
C SER B 241 6.67 -13.57 -3.78
N THR B 242 6.99 -13.45 -2.48
CA THR B 242 5.99 -12.96 -1.53
C THR B 242 5.57 -11.53 -1.85
N VAL B 243 6.46 -10.73 -2.42
CA VAL B 243 6.06 -9.36 -2.78
C VAL B 243 4.86 -9.40 -3.70
N VAL B 244 4.88 -10.28 -4.71
CA VAL B 244 3.76 -10.42 -5.62
C VAL B 244 2.54 -10.99 -4.91
N GLY B 245 2.76 -11.95 -4.01
CA GLY B 245 1.62 -12.56 -3.33
C GLY B 245 0.74 -11.51 -2.67
N ARG B 246 1.37 -10.58 -1.95
CA ARG B 246 0.64 -9.50 -1.31
C ARG B 246 -0.18 -8.74 -2.35
N THR B 247 0.39 -8.53 -3.55
CA THR B 247 -0.37 -7.93 -4.65
C THR B 247 -1.56 -8.80 -5.03
N ILE B 248 -1.32 -10.12 -5.13
CA ILE B 248 -2.38 -11.06 -5.49
C ILE B 248 -3.51 -11.06 -4.46
N LEU B 249 -3.18 -10.99 -3.17
CA LEU B 249 -4.28 -10.92 -2.21
C LEU B 249 -5.06 -9.63 -2.39
N LYS B 250 -4.33 -8.51 -2.47
CA LYS B 250 -4.99 -7.21 -2.57
C LYS B 250 -5.81 -7.11 -3.84
N ALA B 251 -5.30 -7.65 -4.94
CA ALA B 251 -6.16 -7.81 -6.11
C ALA B 251 -7.46 -8.53 -5.75
N ALA B 252 -7.35 -9.74 -5.22
CA ALA B 252 -8.54 -10.53 -4.91
C ALA B 252 -9.54 -9.75 -4.05
N ALA B 253 -9.05 -8.92 -3.11
CA ALA B 253 -9.93 -8.20 -2.19
C ALA B 253 -10.65 -7.05 -2.88
N SER B 254 -9.96 -6.35 -3.78
CA SER B 254 -10.57 -5.27 -4.54
C SER B 254 -11.59 -5.76 -5.56
N SER B 255 -11.42 -7.00 -6.08
CA SER B 255 -12.27 -7.53 -7.15
C SER B 255 -13.47 -8.22 -6.55
N ASN B 256 -13.51 -9.57 -6.58
CA ASN B 256 -14.71 -10.29 -6.20
C ASN B 256 -14.47 -11.32 -5.09
N LEU B 257 -13.43 -11.14 -4.30
CA LEU B 257 -13.18 -11.98 -3.12
C LEU B 257 -12.84 -13.43 -3.47
N LYS B 258 -12.42 -13.66 -4.72
CA LYS B 258 -12.05 -15.00 -5.15
C LYS B 258 -11.17 -15.70 -4.12
N LYS B 259 -11.34 -17.02 -4.00
CA LYS B 259 -10.51 -17.82 -3.12
C LYS B 259 -9.12 -17.89 -3.70
N VAL B 260 -8.12 -17.72 -2.84
CA VAL B 260 -6.75 -17.42 -3.23
C VAL B 260 -5.82 -18.37 -2.48
N THR B 261 -4.98 -19.09 -3.22
CA THR B 261 -3.99 -20.01 -2.64
C THR B 261 -2.61 -19.51 -3.02
N LEU B 262 -1.79 -19.23 -2.03
CA LEU B 262 -0.46 -18.70 -2.30
C LEU B 262 0.58 -19.71 -1.89
N GLU B 263 1.70 -19.65 -2.57
CA GLU B 263 2.82 -20.51 -2.25
C GLU B 263 4.03 -19.66 -2.60
N LEU B 264 4.59 -19.01 -1.60
CA LEU B 264 5.67 -18.06 -1.76
C LEU B 264 6.95 -18.73 -1.31
N GLY B 265 8.05 -18.01 -1.37
CA GLY B 265 9.32 -18.61 -1.01
C GLY B 265 9.65 -18.50 0.48
N GLY B 266 10.82 -19.03 0.83
CA GLY B 266 11.37 -18.87 2.17
C GLY B 266 12.82 -19.31 2.27
N LYS B 267 13.53 -18.73 3.23
CA LYS B 267 14.93 -19.09 3.49
C LYS B 267 14.99 -20.30 4.42
N SER B 268 15.28 -21.48 3.86
CA SER B 268 15.11 -22.74 4.59
C SER B 268 16.37 -23.11 5.37
N PRO B 269 16.24 -23.60 6.61
CA PRO B 269 17.44 -24.01 7.35
C PRO B 269 17.83 -25.46 7.13
N ASN B 270 19.11 -25.74 7.35
CA ASN B 270 19.68 -27.08 7.32
C ASN B 270 20.41 -27.29 8.62
N ILE B 271 20.01 -28.28 9.41
CA ILE B 271 20.65 -28.53 10.70
C ILE B 271 21.32 -29.89 10.69
N VAL B 272 22.47 -29.97 11.34
CA VAL B 272 23.33 -31.15 11.33
C VAL B 272 23.79 -31.36 12.78
N PHE B 273 23.40 -32.50 13.37
CA PHE B 273 23.69 -32.81 14.77
C PHE B 273 24.85 -33.79 14.83
N GLU B 274 25.78 -33.56 15.76
CA GLU B 274 27.01 -34.35 15.91
C GLU B 274 26.85 -35.86 15.78
N ASP B 275 25.75 -36.42 16.31
CA ASP B 275 25.48 -37.85 16.14
C ASP B 275 25.20 -38.22 14.70
N ALA B 276 24.80 -37.24 13.88
CA ALA B 276 24.51 -37.47 12.47
C ALA B 276 25.64 -38.09 11.67
N ASP B 277 25.40 -38.16 10.39
CA ASP B 277 25.91 -39.22 9.57
C ASP B 277 26.94 -38.65 8.61
N ILE B 278 27.88 -39.51 8.21
CA ILE B 278 29.23 -39.04 7.91
C ILE B 278 29.28 -38.20 6.63
N ASP B 279 29.06 -38.79 5.46
CA ASP B 279 29.33 -38.08 4.21
C ASP B 279 28.07 -37.76 3.43
N ASN B 280 27.02 -38.59 3.53
CA ASN B 280 25.81 -38.27 2.79
C ASN B 280 25.18 -36.98 3.30
N ALA B 281 25.45 -36.62 4.57
CA ALA B 281 25.02 -35.33 5.09
C ALA B 281 25.58 -34.18 4.25
N ILE B 282 26.92 -34.11 4.07
CA ILE B 282 27.47 -33.08 3.19
C ILE B 282 26.94 -33.29 1.78
N SER B 283 26.54 -34.53 1.45
CA SER B 283 25.93 -34.77 0.15
C SER B 283 24.53 -34.20 0.09
N TRP B 284 23.72 -34.44 1.14
CA TRP B 284 22.36 -33.90 1.12
C TRP B 284 22.38 -32.37 1.18
N VAL B 285 23.30 -31.77 1.94
CA VAL B 285 23.27 -30.31 2.06
C VAL B 285 23.84 -29.68 0.79
N ASN B 286 24.77 -30.38 0.12
CA ASN B 286 25.18 -29.92 -1.21
C ASN B 286 23.97 -29.84 -2.12
N PHE B 287 23.29 -30.99 -2.32
CA PHE B 287 21.99 -30.98 -2.99
C PHE B 287 21.03 -29.97 -2.34
N GLY B 288 21.26 -29.62 -1.07
CA GLY B 288 20.28 -28.82 -0.34
C GLY B 288 20.22 -27.37 -0.78
N ILE B 289 21.31 -26.82 -1.33
CA ILE B 289 21.32 -25.40 -1.69
C ILE B 289 21.72 -25.21 -3.15
N PHE B 290 22.53 -26.14 -3.69
CA PHE B 290 23.01 -26.04 -5.08
C PHE B 290 22.20 -26.88 -6.07
N PHE B 291 21.19 -27.63 -5.60
CA PHE B 291 20.21 -28.21 -6.53
C PHE B 291 19.48 -27.11 -7.28
N ASN B 292 19.22 -27.37 -8.56
CA ASN B 292 18.51 -26.42 -9.43
C ASN B 292 19.05 -24.99 -9.25
N HIS B 293 20.37 -24.90 -9.03
CA HIS B 293 21.10 -23.63 -8.93
C HIS B 293 20.66 -22.79 -7.73
N GLY B 294 19.97 -23.37 -6.77
CA GLY B 294 19.35 -22.61 -5.71
C GLY B 294 18.06 -21.89 -6.07
N GLN B 295 17.46 -22.13 -7.26
CA GLN B 295 16.16 -21.57 -7.62
C GLN B 295 14.96 -22.25 -7.02
N CYS B 296 15.04 -23.03 -5.98
CA CYS B 296 13.77 -23.57 -5.51
C CYS B 296 13.35 -22.80 -4.28
N CYS B 297 12.04 -22.62 -4.14
CA CYS B 297 11.48 -22.02 -2.94
C CYS B 297 12.06 -22.68 -1.70
N CYS B 298 12.26 -23.99 -1.74
CA CYS B 298 12.60 -24.81 -0.59
C CYS B 298 14.09 -24.92 -0.32
N ALA B 299 14.94 -24.24 -1.09
CA ALA B 299 16.37 -24.46 -0.98
C ALA B 299 16.88 -24.05 0.41
N GLY B 300 17.95 -24.72 0.85
CA GLY B 300 18.47 -24.52 2.20
C GLY B 300 19.57 -23.49 2.27
N SER B 301 19.20 -22.20 2.42
CA SER B 301 20.16 -21.10 2.30
C SER B 301 21.14 -21.08 3.47
N ARG B 302 20.65 -21.27 4.69
CA ARG B 302 21.46 -21.19 5.90
C ARG B 302 21.62 -22.61 6.47
N VAL B 303 22.87 -23.06 6.63
CA VAL B 303 23.21 -24.39 7.14
C VAL B 303 23.78 -24.25 8.55
N TYR B 304 23.26 -25.07 9.47
CA TYR B 304 23.66 -25.00 10.87
C TYR B 304 24.29 -26.34 11.23
N VAL B 305 25.40 -26.31 11.94
CA VAL B 305 26.14 -27.51 12.31
C VAL B 305 26.54 -27.41 13.77
N GLN B 306 26.72 -28.56 14.42
CA GLN B 306 27.12 -28.52 15.82
C GLN B 306 28.58 -28.09 15.89
N GLU B 307 28.95 -27.47 17.02
CA GLU B 307 30.30 -26.96 17.17
C GLU B 307 31.34 -28.05 16.99
N SER B 308 31.02 -29.28 17.41
CA SER B 308 32.00 -30.37 17.36
C SER B 308 32.50 -30.61 15.95
N ILE B 309 31.76 -30.25 14.92
CA ILE B 309 32.07 -30.76 13.59
C ILE B 309 32.00 -29.60 12.62
N TYR B 310 32.09 -28.38 13.13
CA TYR B 310 31.80 -27.22 12.30
C TYR B 310 32.84 -27.04 11.20
N ASP B 311 34.10 -27.31 11.49
CA ASP B 311 35.14 -27.03 10.52
C ASP B 311 35.16 -28.09 9.41
N VAL B 325 29.28 -29.93 -13.36
CA VAL B 325 29.14 -29.03 -12.23
C VAL B 325 29.36 -27.65 -12.82
N VAL B 326 30.06 -27.61 -13.96
CA VAL B 326 30.30 -26.36 -14.66
C VAL B 326 29.06 -26.01 -15.49
N GLY B 327 29.22 -25.82 -16.80
CA GLY B 327 28.30 -24.98 -17.55
C GLY B 327 27.18 -25.60 -18.36
N ASP B 328 27.49 -26.09 -19.55
CA ASP B 328 26.49 -26.27 -20.62
C ASP B 328 25.37 -27.22 -20.21
N PRO B 329 24.10 -26.79 -20.23
CA PRO B 329 23.03 -27.70 -19.80
C PRO B 329 22.78 -28.85 -20.76
N PHE B 330 22.97 -28.67 -22.07
CA PHE B 330 22.65 -29.77 -22.97
C PHE B 330 23.67 -30.91 -22.89
N ALA B 331 24.77 -30.72 -22.19
CA ALA B 331 25.78 -31.76 -22.08
C ALA B 331 25.48 -32.68 -20.90
N ALA B 332 26.14 -33.84 -20.93
CA ALA B 332 25.82 -34.93 -20.01
C ALA B 332 26.37 -34.70 -18.61
N ASP B 333 27.61 -34.20 -18.52
CA ASP B 333 28.31 -34.09 -17.24
C ASP B 333 27.74 -32.99 -16.35
N THR B 334 27.03 -32.02 -16.93
CA THR B 334 26.55 -30.84 -16.20
C THR B 334 25.59 -31.22 -15.08
N PHE B 335 25.71 -30.52 -13.95
CA PHE B 335 24.74 -30.55 -12.85
C PHE B 335 24.12 -29.19 -12.58
N GLN B 336 24.90 -28.12 -12.75
CA GLN B 336 24.50 -26.74 -12.48
C GLN B 336 24.53 -25.96 -13.78
N GLY B 337 23.64 -25.00 -13.95
CA GLY B 337 23.50 -24.33 -15.23
C GLY B 337 23.37 -22.83 -15.12
N PRO B 338 22.93 -22.19 -16.21
CA PRO B 338 22.73 -20.74 -16.18
C PRO B 338 21.66 -20.29 -15.20
N GLN B 339 21.78 -19.04 -14.76
CA GLN B 339 20.70 -18.39 -14.05
C GLN B 339 19.68 -17.84 -15.07
N VAL B 340 18.48 -17.55 -14.61
CA VAL B 340 17.40 -17.41 -15.59
C VAL B 340 17.61 -16.23 -16.50
N SER B 341 18.25 -15.17 -16.01
CA SER B 341 18.41 -13.95 -16.78
C SER B 341 19.37 -13.05 -16.01
N LYS B 342 19.62 -11.85 -16.60
CA LYS B 342 20.54 -10.90 -15.99
C LYS B 342 19.93 -10.27 -14.75
N VAL B 343 18.62 -10.00 -14.76
CA VAL B 343 17.95 -9.51 -13.56
C VAL B 343 18.16 -10.48 -12.40
N GLN B 344 17.95 -11.78 -12.63
CA GLN B 344 18.24 -12.77 -11.59
C GLN B 344 19.74 -12.89 -11.34
N PHE B 345 20.54 -12.92 -12.41
CA PHE B 345 21.99 -12.86 -12.24
C PHE B 345 22.41 -11.61 -11.45
N ASP B 346 21.80 -10.47 -11.76
CA ASP B 346 22.24 -9.20 -11.20
C ASP B 346 21.83 -9.11 -9.73
N ARG B 347 20.57 -9.49 -9.44
CA ARG B 347 20.08 -9.64 -8.07
C ARG B 347 20.99 -10.53 -7.23
N ILE B 348 21.49 -11.62 -7.84
CA ILE B 348 22.36 -12.53 -7.10
C ILE B 348 23.69 -11.85 -6.80
N MET B 349 24.30 -11.23 -7.83
CA MET B 349 25.60 -10.57 -7.67
C MET B 349 25.56 -9.47 -6.60
N GLU B 350 24.51 -8.65 -6.60
CA GLU B 350 24.29 -7.68 -5.53
C GLU B 350 24.28 -8.35 -4.15
N TYR B 351 23.60 -9.49 -4.05
CA TYR B 351 23.43 -10.17 -2.77
C TYR B 351 24.74 -10.75 -2.24
N ILE B 352 25.53 -11.38 -3.11
CA ILE B 352 26.82 -11.89 -2.68
C ILE B 352 27.78 -10.73 -2.45
N GLN B 353 27.67 -9.67 -3.27
CA GLN B 353 28.49 -8.48 -3.04
C GLN B 353 28.27 -7.98 -1.61
N ALA B 354 27.00 -7.84 -1.22
CA ALA B 354 26.66 -7.50 0.16
C ALA B 354 27.23 -8.49 1.16
N GLY B 355 27.35 -9.76 0.77
CA GLY B 355 27.85 -10.76 1.70
C GLY B 355 29.30 -10.51 2.06
N LYS B 356 30.12 -10.19 1.07
CA LYS B 356 31.51 -9.83 1.34
C LYS B 356 31.59 -8.47 2.01
N ASP B 357 30.78 -7.51 1.53
CA ASP B 357 30.72 -6.15 2.11
C ASP B 357 30.44 -6.17 3.61
N ALA B 358 29.76 -7.19 4.12
CA ALA B 358 29.42 -7.26 5.54
C ALA B 358 30.48 -7.94 6.38
N GLY B 359 31.62 -8.30 5.79
CA GLY B 359 32.72 -8.88 6.54
C GLY B 359 32.69 -10.38 6.66
N ALA B 360 31.75 -11.05 5.99
CA ALA B 360 31.66 -12.50 6.08
C ALA B 360 32.74 -13.13 5.21
N THR B 361 33.45 -14.11 5.78
CA THR B 361 34.44 -14.85 4.99
C THR B 361 33.77 -15.46 3.76
N VAL B 362 34.59 -15.81 2.78
CA VAL B 362 34.09 -16.44 1.56
C VAL B 362 34.86 -17.74 1.37
N GLU B 363 34.20 -18.72 0.75
CA GLU B 363 34.81 -19.99 0.39
C GLU B 363 36.06 -19.84 -0.48
N GLY B 373 28.16 -16.89 -20.14
CA GLY B 373 26.87 -16.33 -20.51
C GLY B 373 26.20 -15.74 -19.28
N TYR B 374 25.82 -16.60 -18.33
CA TYR B 374 25.10 -16.16 -17.15
C TYR B 374 25.53 -16.88 -15.88
N PHE B 375 26.50 -17.78 -15.93
CA PHE B 375 26.54 -18.80 -14.90
C PHE B 375 27.42 -18.26 -13.76
N ILE B 376 26.85 -18.20 -12.56
CA ILE B 376 27.58 -17.80 -11.37
C ILE B 376 27.92 -19.01 -10.51
N GLU B 377 29.20 -19.15 -10.20
CA GLU B 377 29.71 -20.31 -9.49
C GLU B 377 29.30 -20.23 -8.01
N PRO B 378 29.03 -21.37 -7.36
CA PRO B 378 28.37 -21.36 -6.04
C PRO B 378 29.31 -20.90 -4.93
N THR B 379 28.87 -19.90 -4.19
CA THR B 379 29.70 -19.37 -3.12
C THR B 379 29.17 -19.85 -1.78
N ILE B 380 30.06 -19.91 -0.79
CA ILE B 380 29.73 -20.33 0.57
C ILE B 380 30.27 -19.29 1.56
N PHE B 381 29.40 -18.78 2.43
CA PHE B 381 29.73 -17.69 3.35
C PHE B 381 29.90 -18.20 4.77
N SER B 382 31.04 -17.91 5.37
CA SER B 382 31.24 -18.13 6.79
C SER B 382 31.38 -16.79 7.49
N ASN B 383 31.75 -16.82 8.77
CA ASN B 383 31.82 -15.61 9.60
C ASN B 383 30.49 -14.86 9.55
N VAL B 384 29.40 -15.56 9.22
CA VAL B 384 28.08 -14.96 9.29
C VAL B 384 27.60 -15.17 10.71
N THR B 385 28.38 -14.67 11.67
CA THR B 385 28.09 -14.87 13.08
C THR B 385 26.72 -14.30 13.43
N GLU B 386 26.37 -13.15 12.86
CA GLU B 386 25.08 -12.55 13.12
C GLU B 386 24.10 -12.84 12.01
N ASP B 387 22.86 -12.44 12.22
CA ASP B 387 21.82 -12.53 11.20
C ASP B 387 21.75 -11.18 10.51
N MET B 388 22.56 -11.04 9.47
CA MET B 388 22.74 -9.81 8.73
C MET B 388 21.78 -9.79 7.53
N LYS B 389 22.15 -9.07 6.46
CA LYS B 389 21.31 -9.02 5.26
C LYS B 389 21.33 -10.33 4.50
N ILE B 390 22.43 -11.08 4.59
CA ILE B 390 22.58 -12.29 3.76
C ILE B 390 21.66 -13.39 4.26
N VAL B 391 21.42 -13.46 5.58
CA VAL B 391 20.48 -14.40 6.16
C VAL B 391 19.09 -13.78 6.35
N LYS B 392 18.92 -12.51 5.96
CA LYS B 392 17.66 -11.80 6.22
C LYS B 392 16.54 -12.20 5.24
N GLU B 393 16.84 -12.31 3.95
CA GLU B 393 15.79 -12.54 2.97
C GLU B 393 16.27 -13.59 1.97
N GLU B 394 15.35 -14.03 1.11
CA GLU B 394 15.71 -15.06 0.14
C GLU B 394 16.54 -14.44 -0.97
N ILE B 395 17.48 -15.23 -1.48
CA ILE B 395 18.35 -14.80 -2.56
C ILE B 395 17.99 -15.47 -3.89
N PHE B 396 17.66 -16.75 -3.85
CA PHE B 396 17.30 -17.53 -5.06
C PHE B 396 18.49 -17.64 -6.02
N GLY B 397 19.65 -17.97 -5.45
CA GLY B 397 20.81 -18.35 -6.20
C GLY B 397 21.64 -19.33 -5.39
N PRO B 398 22.72 -19.81 -5.97
CA PRO B 398 23.59 -20.81 -5.29
C PRO B 398 24.50 -20.21 -4.23
N VAL B 399 23.90 -19.61 -3.20
CA VAL B 399 24.66 -18.96 -2.14
C VAL B 399 24.22 -19.58 -0.83
N CYS B 400 25.18 -20.10 -0.07
CA CYS B 400 24.93 -20.81 1.17
C CYS B 400 25.62 -20.10 2.34
N SER B 401 25.05 -20.24 3.54
CA SER B 401 25.53 -19.56 4.73
C SER B 401 25.63 -20.56 5.89
N ILE B 402 26.78 -20.59 6.55
CA ILE B 402 27.08 -21.61 7.55
C ILE B 402 26.95 -21.01 8.94
N ALA B 403 26.30 -21.75 9.83
CA ALA B 403 26.14 -21.36 11.22
C ALA B 403 26.70 -22.46 12.11
N LYS B 404 26.76 -22.17 13.40
CA LYS B 404 27.25 -23.15 14.36
C LYS B 404 26.39 -23.10 15.61
N PHE B 405 25.90 -24.27 16.04
CA PHE B 405 25.08 -24.41 17.23
C PHE B 405 25.65 -25.52 18.10
N LYS B 406 25.14 -25.65 19.33
CA LYS B 406 25.70 -26.68 20.21
C LYS B 406 24.67 -27.33 21.14
N THR B 407 23.64 -26.62 21.57
CA THR B 407 22.61 -27.35 22.30
C THR B 407 21.52 -27.75 21.28
N LYS B 408 20.32 -28.07 21.76
CA LYS B 408 19.26 -28.49 20.87
C LYS B 408 18.23 -27.39 20.73
N GLU B 409 17.84 -26.78 21.85
CA GLU B 409 16.89 -25.68 21.85
C GLU B 409 17.40 -24.42 21.16
N ASP B 410 18.70 -24.37 20.81
CA ASP B 410 19.23 -23.25 20.04
C ASP B 410 19.02 -23.46 18.54
N ALA B 411 19.25 -24.69 18.08
CA ALA B 411 19.01 -25.01 16.68
C ALA B 411 17.54 -24.85 16.34
N ILE B 412 16.66 -25.22 17.26
CA ILE B 412 15.25 -24.85 17.10
C ILE B 412 15.10 -23.33 17.05
N LYS B 413 15.81 -22.61 17.90
CA LYS B 413 15.59 -21.17 17.93
C LYS B 413 16.28 -20.47 16.77
N LEU B 414 17.46 -20.94 16.39
CA LEU B 414 18.15 -20.36 15.23
C LEU B 414 17.43 -20.66 13.92
N GLY B 415 17.01 -21.91 13.73
CA GLY B 415 16.22 -22.22 12.55
C GLY B 415 14.90 -21.46 12.53
N ASN B 416 14.11 -21.62 13.59
CA ASN B 416 12.79 -21.02 13.65
C ASN B 416 12.81 -19.49 13.65
N ALA B 417 13.98 -18.86 13.81
CA ALA B 417 14.10 -17.41 13.80
C ALA B 417 14.01 -16.91 12.36
N SER B 418 12.79 -16.94 11.82
CA SER B 418 12.54 -16.43 10.47
C SER B 418 11.04 -16.29 10.26
N THR B 419 10.66 -15.23 9.54
CA THR B 419 9.26 -15.04 9.14
C THR B 419 8.81 -16.03 8.08
N TYR B 420 9.75 -16.81 7.53
CA TYR B 420 9.50 -17.82 6.51
C TYR B 420 9.66 -19.20 7.11
N GLY B 421 8.66 -20.06 6.86
CA GLY B 421 8.67 -21.44 7.33
C GLY B 421 8.09 -22.39 6.31
N LEU B 422 8.84 -22.75 5.29
CA LEU B 422 8.34 -23.60 4.22
C LEU B 422 8.95 -25.00 4.25
N ALA B 423 10.26 -25.10 4.40
CA ALA B 423 10.91 -26.38 4.62
C ALA B 423 12.07 -26.19 5.58
N ALA B 424 12.52 -27.29 6.16
CA ALA B 424 13.71 -27.37 6.97
C ALA B 424 14.22 -28.79 6.92
N ALA B 425 15.46 -29.01 7.36
CA ALA B 425 15.97 -30.36 7.44
C ALA B 425 16.68 -30.57 8.77
N VAL B 426 16.82 -31.84 9.12
CA VAL B 426 17.64 -32.26 10.25
C VAL B 426 18.38 -33.52 9.83
N HIS B 427 19.65 -33.63 10.24
CA HIS B 427 20.39 -34.87 10.08
C HIS B 427 20.86 -35.31 11.45
N THR B 428 20.74 -36.60 11.70
CA THR B 428 21.03 -37.17 13.00
C THR B 428 21.06 -38.69 12.85
N LYS B 429 21.35 -39.39 13.96
CA LYS B 429 21.19 -40.84 14.09
C LYS B 429 20.25 -41.09 15.24
N ASN B 430 19.70 -40.03 15.80
CA ASN B 430 19.22 -39.93 17.16
C ASN B 430 17.70 -39.80 17.14
N LEU B 431 16.99 -40.71 17.81
CA LEU B 431 15.54 -40.67 17.70
C LEU B 431 14.95 -39.51 18.48
N ASN B 432 15.36 -39.31 19.75
CA ASN B 432 14.76 -38.19 20.50
C ASN B 432 15.06 -36.84 19.85
N THR B 433 16.29 -36.60 19.38
CA THR B 433 16.52 -35.32 18.72
C THR B 433 15.66 -35.21 17.47
N ALA B 434 15.78 -36.17 16.55
CA ALA B 434 14.96 -36.21 15.35
C ALA B 434 13.51 -35.78 15.60
N ILE B 435 12.75 -36.53 16.40
CA ILE B 435 11.34 -36.22 16.56
C ILE B 435 11.15 -34.87 17.24
N GLU B 436 11.87 -34.61 18.34
CA GLU B 436 11.67 -33.38 19.10
C GLU B 436 11.96 -32.15 18.27
N VAL B 437 13.12 -32.12 17.61
CA VAL B 437 13.45 -30.99 16.73
C VAL B 437 12.36 -30.77 15.69
N SER B 438 12.09 -31.80 14.87
CA SER B 438 11.14 -31.66 13.77
C SER B 438 9.74 -31.33 14.26
N ASN B 439 9.33 -31.84 15.43
CA ASN B 439 8.16 -31.26 16.08
C ASN B 439 8.33 -29.77 16.27
N ALA B 440 9.51 -29.36 16.78
CA ALA B 440 9.70 -27.98 17.23
C ALA B 440 9.87 -27.04 16.06
N LEU B 441 10.57 -27.48 15.01
CA LEU B 441 10.76 -26.64 13.83
C LEU B 441 9.41 -26.20 13.29
N LYS B 442 9.40 -25.04 12.66
CA LYS B 442 8.18 -24.42 12.16
C LYS B 442 8.35 -24.29 10.65
N ALA B 443 8.14 -25.43 9.96
CA ALA B 443 8.13 -25.47 8.49
C ALA B 443 6.98 -26.35 8.01
N GLY B 444 6.46 -26.04 6.82
CA GLY B 444 5.40 -26.87 6.26
C GLY B 444 5.91 -28.24 5.81
N THR B 445 7.21 -28.35 5.58
CA THR B 445 7.86 -29.62 5.28
C THR B 445 9.13 -29.70 6.09
N VAL B 446 9.43 -30.88 6.65
CA VAL B 446 10.67 -31.10 7.39
C VAL B 446 11.27 -32.42 6.94
N TRP B 447 12.49 -32.37 6.43
CA TRP B 447 13.18 -33.56 5.96
C TRP B 447 14.06 -34.05 7.11
N VAL B 448 14.13 -35.36 7.28
CA VAL B 448 15.01 -35.95 8.29
C VAL B 448 15.93 -36.88 7.51
N ASN B 449 17.20 -36.50 7.41
CA ASN B 449 18.27 -37.29 6.83
C ASN B 449 18.18 -37.35 5.31
N THR B 450 17.56 -36.34 4.71
CA THR B 450 17.36 -36.20 3.28
C THR B 450 17.05 -34.72 3.04
N TYR B 451 17.08 -34.27 1.78
CA TYR B 451 16.73 -32.88 1.47
C TYR B 451 16.35 -32.72 0.00
N ASN B 452 15.45 -31.76 -0.25
CA ASN B 452 14.92 -31.46 -1.59
C ASN B 452 14.33 -32.69 -2.26
N THR B 453 13.67 -33.53 -1.48
CA THR B 453 12.95 -34.69 -2.01
C THR B 453 11.47 -34.49 -1.74
N LEU B 454 10.75 -34.12 -2.78
CA LEU B 454 9.30 -33.92 -2.76
C LEU B 454 8.66 -35.15 -3.38
N HIS B 455 7.35 -35.28 -3.16
CA HIS B 455 6.57 -36.37 -3.72
C HIS B 455 5.09 -36.02 -3.74
N HIS B 456 4.44 -36.32 -4.86
CA HIS B 456 3.04 -35.96 -5.02
C HIS B 456 2.17 -36.45 -3.88
N GLN B 457 2.54 -37.55 -3.20
CA GLN B 457 1.65 -38.15 -2.21
C GLN B 457 1.43 -37.24 -1.01
N MET B 458 2.42 -36.54 -0.61
CA MET B 458 2.61 -35.71 0.59
C MET B 458 2.68 -34.24 0.30
N PRO B 459 1.86 -33.49 1.08
CA PRO B 459 1.60 -32.07 0.80
C PRO B 459 2.74 -31.14 1.14
N PHE B 460 2.99 -30.22 0.20
CA PHE B 460 4.03 -29.21 0.27
C PHE B 460 3.38 -27.85 0.48
N GLY B 461 3.92 -27.08 1.42
CA GLY B 461 3.28 -25.82 1.75
C GLY B 461 4.07 -25.07 2.79
N GLY B 462 3.74 -23.79 2.90
CA GLY B 462 4.47 -22.87 3.76
C GLY B 462 3.68 -22.43 4.98
N TYR B 463 4.42 -22.30 6.09
CA TYR B 463 4.12 -21.55 7.31
C TYR B 463 4.15 -20.04 7.08
N LYS B 464 3.43 -19.34 7.93
CA LYS B 464 3.62 -17.91 8.14
C LYS B 464 3.68 -17.21 6.78
N GLU B 465 4.74 -16.46 6.48
CA GLU B 465 4.85 -15.69 5.25
C GLU B 465 5.28 -16.54 4.06
N SER B 466 5.52 -17.83 4.25
CA SER B 466 5.88 -18.65 3.10
C SER B 466 4.67 -18.99 2.26
N GLY B 467 3.51 -19.23 2.86
CA GLY B 467 2.41 -19.64 2.00
C GLY B 467 1.05 -19.60 2.65
N ILE B 468 0.05 -19.67 1.79
CA ILE B 468 -1.35 -19.72 2.16
C ILE B 468 -1.92 -20.92 1.42
N GLY B 469 -2.32 -21.95 2.17
CA GLY B 469 -2.75 -23.21 1.57
C GLY B 469 -1.65 -24.25 1.56
N ARG B 470 -2.00 -25.42 1.03
CA ARG B 470 -1.10 -26.54 0.86
C ARG B 470 -1.18 -27.00 -0.58
N GLU B 471 -0.12 -27.62 -1.10
CA GLU B 471 -0.09 -27.88 -2.55
C GLU B 471 -0.04 -29.34 -2.95
N LEU B 472 0.83 -30.17 -2.37
CA LEU B 472 0.91 -31.46 -3.01
C LEU B 472 -0.03 -32.42 -2.25
N GLY B 473 -0.11 -33.69 -2.69
CA GLY B 473 -0.88 -34.67 -1.93
C GLY B 473 -2.38 -34.56 -2.10
N GLU B 474 -3.13 -35.01 -1.08
CA GLU B 474 -4.59 -34.91 -1.08
C GLU B 474 -5.07 -33.51 -0.73
N ASP B 475 -4.28 -32.74 0.03
CA ASP B 475 -4.72 -31.42 0.49
C ASP B 475 -4.89 -30.39 -0.64
N ALA B 476 -4.14 -30.50 -1.73
CA ALA B 476 -4.49 -29.72 -2.91
C ALA B 476 -5.99 -29.79 -3.23
N LEU B 477 -6.59 -30.97 -3.10
CA LEU B 477 -7.97 -31.12 -3.55
C LEU B 477 -8.91 -30.21 -2.79
N ALA B 478 -8.69 -30.04 -1.49
CA ALA B 478 -9.55 -29.13 -0.74
C ALA B 478 -9.58 -27.76 -1.41
N ASN B 479 -8.40 -27.25 -1.80
CA ASN B 479 -8.28 -25.92 -2.38
C ASN B 479 -9.05 -25.79 -3.69
N TYR B 480 -9.39 -26.91 -4.31
CA TYR B 480 -10.01 -26.91 -5.62
C TYR B 480 -11.42 -27.50 -5.63
N THR B 481 -12.03 -27.73 -4.46
CA THR B 481 -13.44 -28.09 -4.35
C THR B 481 -14.12 -27.25 -3.29
N GLN B 482 -15.43 -27.19 -3.38
CA GLN B 482 -16.29 -26.51 -2.43
C GLN B 482 -17.25 -27.53 -1.85
N THR B 483 -17.62 -27.35 -0.59
CA THR B 483 -18.61 -28.28 -0.09
C THR B 483 -19.99 -27.62 -0.31
N LYS B 484 -21.08 -28.35 -0.07
CA LYS B 484 -22.43 -27.75 -0.14
C LYS B 484 -23.38 -28.59 0.71
N THR B 485 -24.01 -27.93 1.68
CA THR B 485 -24.83 -28.60 2.68
C THR B 485 -26.27 -28.55 2.22
N VAL B 486 -26.80 -29.72 1.89
CA VAL B 486 -28.21 -29.91 1.59
C VAL B 486 -28.85 -30.52 2.82
N SER B 487 -29.90 -29.89 3.33
CA SER B 487 -30.69 -30.42 4.43
C SER B 487 -32.14 -30.62 3.99
N ILE B 488 -32.63 -31.83 4.17
CA ILE B 488 -33.99 -32.23 3.76
C ILE B 488 -34.83 -32.43 5.01
N ARG B 489 -35.90 -31.65 5.14
CA ARG B 489 -36.84 -31.84 6.23
C ARG B 489 -37.84 -32.92 5.82
N LEU B 490 -38.27 -33.71 6.80
CA LEU B 490 -39.30 -34.71 6.61
C LEU B 490 -40.37 -34.48 7.67
N GLY B 491 -41.64 -34.43 7.25
CA GLY B 491 -42.74 -34.19 8.17
C GLY B 491 -43.32 -32.78 8.11
N SER C 11 -33.62 -7.79 34.11
CA SER C 11 -33.12 -7.43 35.43
C SER C 11 -32.17 -6.18 35.42
N GLY C 12 -30.98 -6.34 34.88
CA GLY C 12 -29.95 -5.32 35.06
C GLY C 12 -29.26 -5.47 36.40
N LYS C 13 -27.97 -5.12 36.42
CA LYS C 13 -27.16 -5.58 37.54
C LYS C 13 -25.98 -4.62 37.76
N TYR C 14 -25.14 -4.97 38.75
CA TYR C 14 -23.87 -4.29 39.06
C TYR C 14 -23.00 -4.06 37.83
N GLU C 15 -21.97 -3.24 38.01
CA GLU C 15 -21.05 -2.93 36.92
C GLU C 15 -19.80 -3.82 36.95
N GLN C 16 -19.17 -4.00 38.13
CA GLN C 16 -17.87 -4.67 38.22
C GLN C 16 -16.92 -3.85 37.35
N PRO C 17 -15.68 -4.29 36.99
CA PRO C 17 -14.90 -3.44 36.07
C PRO C 17 -15.56 -3.28 34.71
N THR C 18 -16.01 -4.37 34.07
CA THR C 18 -16.60 -4.41 32.73
C THR C 18 -15.52 -4.23 31.67
N GLY C 19 -14.36 -4.81 31.93
CA GLY C 19 -13.16 -4.44 31.22
C GLY C 19 -12.81 -5.34 30.07
N LEU C 20 -11.56 -5.24 29.68
CA LEU C 20 -10.96 -6.24 28.80
C LEU C 20 -10.59 -7.49 29.58
N PHE C 21 -11.00 -8.63 29.07
CA PHE C 21 -10.54 -9.91 29.61
C PHE C 21 -9.14 -10.18 29.05
N ILE C 22 -8.12 -10.00 29.88
CA ILE C 22 -6.74 -10.34 29.51
C ILE C 22 -6.06 -11.11 30.64
N ASN C 23 -5.53 -12.30 30.31
CA ASN C 23 -4.84 -13.15 31.29
C ASN C 23 -5.76 -13.50 32.45
N ASN C 24 -7.04 -13.74 32.11
CA ASN C 24 -8.05 -14.34 32.98
C ASN C 24 -8.58 -13.36 34.03
N GLU C 25 -8.57 -12.06 33.73
CA GLU C 25 -9.00 -11.05 34.69
C GLU C 25 -9.55 -9.86 33.93
N PHE C 26 -10.62 -9.25 34.44
CA PHE C 26 -11.13 -8.06 33.79
C PHE C 26 -10.18 -6.89 34.07
N VAL C 27 -9.63 -6.31 33.00
CA VAL C 27 -8.76 -5.13 33.05
C VAL C 27 -9.28 -4.08 32.09
N LYS C 28 -8.64 -2.91 32.11
CA LYS C 28 -9.19 -1.72 31.51
C LYS C 28 -8.22 -1.16 30.46
N GLY C 29 -8.74 -0.23 29.66
CA GLY C 29 -7.98 0.35 28.58
C GLY C 29 -6.83 1.22 29.09
N GLN C 30 -5.69 1.13 28.40
CA GLN C 30 -4.58 2.01 28.75
C GLN C 30 -4.87 3.44 28.34
N GLU C 31 -5.80 3.62 27.41
CA GLU C 31 -6.20 4.95 27.02
C GLU C 31 -7.12 5.55 28.06
N GLY C 32 -7.70 4.72 28.91
CA GLY C 32 -8.79 5.20 29.73
C GLY C 32 -10.02 5.58 28.97
N LYS C 33 -10.27 5.00 27.80
CA LYS C 33 -11.50 5.26 27.08
C LYS C 33 -12.59 4.26 27.47
N THR C 34 -13.83 4.74 27.62
CA THR C 34 -14.98 3.90 27.83
C THR C 34 -15.96 4.25 26.72
N PHE C 35 -16.86 3.35 26.43
CA PHE C 35 -17.84 3.62 25.38
C PHE C 35 -19.21 3.13 25.84
N ASP C 36 -20.24 3.72 25.27
CA ASP C 36 -21.59 3.59 25.80
C ASP C 36 -22.32 2.48 25.08
N VAL C 37 -23.19 1.78 25.81
CA VAL C 37 -24.01 0.71 25.26
C VAL C 37 -25.47 1.14 25.33
N ILE C 38 -26.18 1.02 24.22
CA ILE C 38 -27.57 1.46 24.14
C ILE C 38 -28.49 0.27 23.98
N ASN C 39 -29.69 0.39 24.54
CA ASN C 39 -30.73 -0.64 24.51
C ASN C 39 -31.63 -0.36 23.32
N PRO C 40 -31.74 -1.25 22.34
CA PRO C 40 -32.62 -0.99 21.19
C PRO C 40 -34.09 -0.82 21.56
N SER C 41 -34.53 -1.32 22.71
CA SER C 41 -35.95 -1.27 23.01
C SER C 41 -36.36 0.11 23.54
N ASP C 42 -35.79 0.54 24.67
CA ASP C 42 -36.25 1.77 25.30
C ASP C 42 -35.36 2.96 24.97
N GLU C 43 -34.32 2.78 24.17
CA GLU C 43 -33.26 3.73 23.83
C GLU C 43 -32.34 4.10 25.00
N SER C 44 -32.57 3.59 26.21
CA SER C 44 -31.79 4.07 27.33
C SER C 44 -30.30 3.73 27.15
N VAL C 45 -29.49 4.29 28.02
CA VAL C 45 -28.06 4.02 28.04
C VAL C 45 -27.83 3.07 29.19
N ILE C 46 -27.46 1.81 28.90
CA ILE C 46 -27.41 0.77 29.93
C ILE C 46 -26.27 1.06 30.90
N THR C 47 -25.07 1.23 30.35
CA THR C 47 -23.86 1.53 31.12
C THR C 47 -22.74 1.80 30.13
N GLN C 48 -21.51 1.83 30.65
CA GLN C 48 -20.33 2.21 29.89
C GLN C 48 -19.26 1.15 30.10
N VAL C 49 -18.83 0.53 29.00
CA VAL C 49 -17.82 -0.54 28.97
C VAL C 49 -16.53 0.05 28.44
N HIS C 50 -15.38 -0.35 28.95
CA HIS C 50 -14.23 0.34 28.37
C HIS C 50 -13.98 -0.10 26.95
N GLU C 51 -12.99 0.57 26.34
CA GLU C 51 -12.69 0.44 24.93
C GLU C 51 -11.21 0.11 24.77
N ALA C 52 -10.93 -0.89 23.93
CA ALA C 52 -9.57 -1.24 23.52
C ALA C 52 -9.05 -0.29 22.43
N THR C 53 -7.73 -0.12 22.41
CA THR C 53 -7.05 0.55 21.31
C THR C 53 -5.82 -0.29 20.98
N GLU C 54 -5.02 0.20 20.01
CA GLU C 54 -3.85 -0.55 19.56
C GLU C 54 -3.00 -1.11 20.69
N LYS C 55 -2.97 -0.46 21.86
CA LYS C 55 -2.07 -1.01 22.87
C LYS C 55 -2.71 -2.14 23.68
N ASP C 56 -4.03 -2.08 23.91
CA ASP C 56 -4.74 -3.19 24.53
C ASP C 56 -4.66 -4.43 23.66
N VAL C 57 -4.87 -4.27 22.36
CA VAL C 57 -4.75 -5.39 21.46
C VAL C 57 -3.37 -6.01 21.56
N ASP C 58 -2.33 -5.18 21.45
CA ASP C 58 -0.96 -5.66 21.54
C ASP C 58 -0.71 -6.40 22.85
N ILE C 59 -1.29 -5.92 23.95
CA ILE C 59 -1.26 -6.64 25.22
C ILE C 59 -1.88 -8.01 25.04
N ALA C 60 -3.16 -8.05 24.61
CA ALA C 60 -3.92 -9.29 24.53
C ALA C 60 -3.28 -10.28 23.57
N VAL C 61 -2.83 -9.80 22.41
CA VAL C 61 -2.04 -10.65 21.53
C VAL C 61 -0.81 -11.16 22.25
N ALA C 62 -0.07 -10.29 22.93
CA ALA C 62 1.07 -10.76 23.72
C ALA C 62 0.64 -11.86 24.69
N ALA C 63 -0.48 -11.66 25.37
CA ALA C 63 -0.94 -12.63 26.34
C ALA C 63 -1.27 -13.96 25.66
N ALA C 64 -2.01 -13.90 24.54
CA ALA C 64 -2.36 -15.10 23.80
C ALA C 64 -1.13 -15.80 23.27
N ARG C 65 -0.11 -15.05 22.87
CA ARG C 65 1.14 -15.70 22.47
C ARG C 65 1.86 -16.35 23.64
N LYS C 66 1.97 -15.66 24.78
CA LYS C 66 2.71 -16.25 25.89
C LYS C 66 1.97 -17.46 26.43
N ALA C 67 0.63 -17.38 26.48
CA ALA C 67 -0.17 -18.58 26.75
C ALA C 67 0.21 -19.70 25.81
N PHE C 68 0.04 -19.47 24.51
CA PHE C 68 0.34 -20.47 23.50
C PHE C 68 1.78 -20.99 23.61
N GLU C 69 2.75 -20.10 23.85
CA GLU C 69 4.16 -20.51 23.85
C GLU C 69 4.53 -21.43 25.00
N GLY C 70 3.72 -21.49 26.04
CA GLY C 70 4.11 -22.31 27.16
C GLY C 70 3.03 -23.24 27.69
N SER C 71 1.96 -22.65 28.21
CA SER C 71 0.94 -23.41 28.93
C SER C 71 0.42 -24.56 28.08
N TRP C 72 0.04 -24.27 26.83
CA TRP C 72 -0.77 -25.22 26.09
C TRP C 72 -0.01 -26.50 25.73
N ARG C 73 1.31 -26.46 25.56
CA ARG C 73 2.04 -27.70 25.30
C ARG C 73 1.69 -28.76 26.33
N GLN C 74 1.94 -28.44 27.61
CA GLN C 74 1.63 -29.34 28.71
C GLN C 74 0.22 -29.89 28.59
N GLU C 75 -0.68 -29.12 27.98
CA GLU C 75 -2.06 -29.56 27.89
C GLU C 75 -2.24 -30.55 26.77
N THR C 76 -3.10 -31.51 27.02
CA THR C 76 -3.36 -32.68 26.27
C THR C 76 -4.77 -32.61 25.70
N PRO C 77 -4.97 -33.03 24.46
CA PRO C 77 -6.30 -32.85 23.85
C PRO C 77 -7.44 -33.34 24.73
N GLU C 78 -7.27 -34.49 25.41
CA GLU C 78 -8.22 -34.95 26.43
C GLU C 78 -8.68 -33.82 27.35
N ASN C 79 -7.75 -32.93 27.76
CA ASN C 79 -8.09 -31.83 28.66
C ASN C 79 -8.74 -30.68 27.93
N ARG C 80 -8.22 -30.33 26.75
CA ARG C 80 -8.92 -29.35 25.92
C ARG C 80 -10.41 -29.63 25.88
N GLY C 81 -10.77 -30.86 25.50
CA GLY C 81 -12.17 -31.24 25.43
C GLY C 81 -12.90 -31.11 26.75
N LYS C 82 -12.31 -31.63 27.84
CA LYS C 82 -12.92 -31.45 29.15
C LYS C 82 -13.28 -29.99 29.40
N LEU C 83 -12.27 -29.11 29.24
CA LEU C 83 -12.45 -27.67 29.43
C LEU C 83 -13.60 -27.12 28.59
N LEU C 84 -13.63 -27.42 27.28
CA LEU C 84 -14.71 -26.88 26.48
C LEU C 84 -16.08 -27.36 26.96
N ASN C 85 -16.23 -28.62 27.39
CA ASN C 85 -17.59 -28.95 27.80
C ASN C 85 -17.86 -28.39 29.21
N ASN C 86 -16.85 -28.31 30.08
CA ASN C 86 -16.98 -27.48 31.27
C ASN C 86 -17.61 -26.13 30.96
N LEU C 87 -17.07 -25.43 29.96
CA LEU C 87 -17.64 -24.13 29.62
C LEU C 87 -19.05 -24.30 29.07
N ALA C 88 -19.29 -25.38 28.35
CA ALA C 88 -20.67 -25.62 27.93
C ALA C 88 -21.56 -25.87 29.14
N ASN C 89 -21.04 -26.56 30.16
CA ASN C 89 -21.83 -26.77 31.37
C ASN C 89 -22.23 -25.44 31.97
N LEU C 90 -21.30 -24.49 32.01
CA LEU C 90 -21.58 -23.21 32.65
C LEU C 90 -22.58 -22.40 31.84
N PHE C 91 -22.46 -22.43 30.51
CA PHE C 91 -23.47 -21.77 29.67
C PHE C 91 -24.85 -22.25 30.00
N GLU C 92 -24.97 -23.55 30.28
CA GLU C 92 -26.24 -24.16 30.67
C GLU C 92 -26.64 -23.75 32.07
N LYS C 93 -25.67 -23.59 32.98
CA LYS C 93 -26.00 -23.12 34.32
C LYS C 93 -26.77 -21.83 34.24
N ASN C 94 -26.15 -20.79 33.66
CA ASN C 94 -26.73 -19.46 33.56
C ASN C 94 -27.35 -19.20 32.20
N ILE C 95 -27.91 -20.23 31.56
CA ILE C 95 -28.60 -20.00 30.30
C ILE C 95 -29.63 -18.89 30.46
N ASP C 96 -30.37 -18.89 31.57
CA ASP C 96 -31.41 -17.89 31.77
C ASP C 96 -30.82 -16.49 31.92
N LEU C 97 -29.75 -16.37 32.71
CA LEU C 97 -29.05 -15.08 32.82
C LEU C 97 -28.60 -14.61 31.44
N LEU C 98 -27.75 -15.41 30.79
CA LEU C 98 -27.19 -15.06 29.50
C LEU C 98 -28.29 -14.85 28.46
N ALA C 99 -29.39 -15.60 28.57
CA ALA C 99 -30.47 -15.41 27.62
C ALA C 99 -30.98 -13.97 27.66
N ALA C 100 -31.06 -13.39 28.87
CA ALA C 100 -31.66 -12.08 29.06
C ALA C 100 -30.69 -10.94 28.73
N VAL C 101 -29.45 -11.05 29.23
CA VAL C 101 -28.34 -10.20 28.82
C VAL C 101 -28.50 -9.93 27.33
N GLU C 102 -28.45 -11.00 26.55
CA GLU C 102 -28.57 -10.90 25.09
C GLU C 102 -29.81 -10.16 24.64
N SER C 103 -30.96 -10.46 25.22
CA SER C 103 -32.16 -9.76 24.78
C SER C 103 -32.07 -8.27 25.13
N LEU C 104 -31.58 -7.95 26.32
CA LEU C 104 -31.45 -6.55 26.72
C LEU C 104 -30.47 -5.83 25.81
N ASP C 105 -29.33 -6.48 25.52
CA ASP C 105 -28.22 -5.89 24.77
C ASP C 105 -28.55 -5.79 23.28
N ASN C 106 -29.07 -6.87 22.71
CA ASN C 106 -29.34 -7.00 21.28
C ASN C 106 -30.79 -6.72 20.92
N GLY C 107 -31.74 -7.08 21.80
CA GLY C 107 -33.17 -6.88 21.53
C GLY C 107 -33.88 -8.06 20.89
N LYS C 108 -33.92 -9.21 21.56
CA LYS C 108 -34.31 -10.45 20.91
C LYS C 108 -35.07 -11.34 21.90
N ALA C 109 -36.21 -11.89 21.47
CA ALA C 109 -37.21 -12.46 22.39
C ALA C 109 -36.60 -13.51 23.31
N ILE C 110 -36.94 -13.42 24.60
CA ILE C 110 -36.27 -14.25 25.61
C ILE C 110 -36.40 -15.73 25.26
N SER C 111 -37.51 -16.11 24.62
CA SER C 111 -37.63 -17.49 24.15
C SER C 111 -36.52 -17.83 23.17
N MET C 112 -36.28 -16.94 22.18
CA MET C 112 -35.21 -17.13 21.21
C MET C 112 -33.85 -17.22 21.87
N ALA C 113 -33.70 -16.63 23.05
CA ALA C 113 -32.39 -16.57 23.69
C ALA C 113 -32.06 -17.86 24.44
N LYS C 114 -33.07 -18.50 25.05
CA LYS C 114 -32.96 -19.90 25.39
C LYS C 114 -32.53 -20.72 24.18
N GLY C 115 -33.16 -20.47 23.03
CA GLY C 115 -32.85 -21.21 21.83
C GLY C 115 -31.42 -20.98 21.37
N ASP C 116 -30.96 -19.73 21.39
CA ASP C 116 -29.58 -19.43 21.03
C ASP C 116 -28.59 -20.10 21.98
N ILE C 117 -28.80 -19.96 23.29
CA ILE C 117 -27.83 -20.52 24.23
C ILE C 117 -27.70 -22.03 24.04
N SER C 118 -28.84 -22.72 23.96
CA SER C 118 -28.78 -24.15 23.66
C SER C 118 -27.84 -24.42 22.49
N MET C 119 -28.00 -23.69 21.39
CA MET C 119 -27.09 -23.88 20.26
C MET C 119 -25.63 -23.69 20.67
N CYS C 120 -25.34 -22.70 21.54
CA CYS C 120 -23.95 -22.50 21.98
C CYS C 120 -23.45 -23.70 22.74
N VAL C 121 -24.23 -24.14 23.74
CA VAL C 121 -23.84 -25.31 24.51
C VAL C 121 -23.64 -26.49 23.59
N GLY C 122 -24.52 -26.64 22.60
CA GLY C 122 -24.33 -27.66 21.59
C GLY C 122 -22.98 -27.47 20.94
N CYS C 123 -22.90 -26.39 20.14
CA CYS C 123 -21.67 -25.97 19.50
C CYS C 123 -20.42 -26.24 20.33
N LEU C 124 -20.35 -25.66 21.54
CA LEU C 124 -19.17 -25.91 22.37
C LEU C 124 -18.98 -27.40 22.66
N ARG C 125 -20.08 -28.15 22.87
CA ARG C 125 -19.92 -29.56 23.21
C ARG C 125 -19.34 -30.36 22.05
N TYR C 126 -20.00 -30.29 20.89
CA TYR C 126 -19.46 -30.85 19.65
C TYR C 126 -17.95 -30.67 19.51
N TYR C 127 -17.47 -29.44 19.64
CA TYR C 127 -16.04 -29.25 19.47
C TYR C 127 -15.27 -29.82 20.65
N GLY C 128 -15.85 -29.79 21.85
CA GLY C 128 -15.26 -30.57 22.91
C GLY C 128 -15.07 -31.99 22.46
N GLY C 129 -16.07 -32.53 21.75
CA GLY C 129 -15.94 -33.85 21.19
C GLY C 129 -14.72 -33.97 20.31
N TRP C 130 -14.41 -32.90 19.55
CA TRP C 130 -13.40 -33.01 18.49
C TRP C 130 -11.98 -32.83 18.96
N ALA C 131 -11.74 -32.35 20.18
CA ALA C 131 -10.37 -32.05 20.58
C ALA C 131 -9.46 -33.25 20.44
N ASP C 132 -9.86 -34.43 20.95
CA ASP C 132 -9.00 -35.61 20.88
C ASP C 132 -9.23 -36.50 19.65
N LYS C 133 -9.90 -35.99 18.62
CA LYS C 133 -10.07 -36.74 17.38
C LYS C 133 -9.35 -36.14 16.18
N ILE C 134 -8.46 -35.16 16.40
CA ILE C 134 -7.64 -34.55 15.34
C ILE C 134 -6.59 -35.51 14.80
N THR C 135 -6.81 -36.11 13.63
CA THR C 135 -5.90 -37.16 13.17
C THR C 135 -5.00 -36.65 12.05
N GLY C 136 -3.70 -36.97 12.16
CA GLY C 136 -2.77 -36.74 11.08
C GLY C 136 -2.75 -37.89 10.07
N LYS C 137 -1.95 -37.72 9.03
CA LYS C 137 -1.81 -38.77 8.03
C LYS C 137 -0.45 -39.45 8.10
N VAL C 138 -0.41 -40.65 7.55
CA VAL C 138 0.81 -41.45 7.42
C VAL C 138 0.85 -41.94 5.99
N ILE C 139 1.83 -41.46 5.23
CA ILE C 139 1.89 -41.75 3.79
C ILE C 139 2.90 -42.85 3.54
N ASP C 140 2.50 -43.87 2.79
CA ASP C 140 3.42 -44.94 2.43
C ASP C 140 4.14 -44.52 1.16
N THR C 141 5.25 -43.80 1.34
CA THR C 141 6.01 -43.33 0.21
C THR C 141 6.57 -44.53 -0.52
N THR C 142 6.60 -44.42 -1.82
CA THR C 142 7.19 -45.44 -2.65
C THR C 142 8.52 -45.95 -2.07
N PRO C 143 9.55 -45.11 -1.82
CA PRO C 143 10.85 -45.70 -1.41
C PRO C 143 10.85 -46.33 -0.03
N ASP C 144 12.06 -46.62 0.47
CA ASP C 144 12.26 -46.96 1.88
C ASP C 144 12.57 -45.69 2.64
N THR C 145 11.49 -44.96 2.90
CA THR C 145 11.46 -43.79 3.74
C THR C 145 10.31 -43.99 4.71
N PHE C 146 10.01 -42.98 5.51
CA PHE C 146 8.84 -43.10 6.36
C PHE C 146 8.28 -41.69 6.52
N ASN C 147 7.13 -41.39 5.92
CA ASN C 147 6.62 -40.03 5.95
C ASN C 147 5.29 -39.98 6.69
N TYR C 148 5.16 -38.97 7.55
CA TYR C 148 3.89 -38.70 8.21
C TYR C 148 3.49 -37.26 7.96
N VAL C 149 2.20 -37.00 8.18
CA VAL C 149 1.62 -35.66 8.09
C VAL C 149 1.01 -35.36 9.44
N LYS C 150 1.48 -34.29 10.07
CA LYS C 150 1.08 -33.83 11.40
C LYS C 150 0.02 -32.75 11.26
N LYS C 151 -0.78 -32.55 12.32
CA LYS C 151 -1.61 -31.35 12.41
C LYS C 151 -1.26 -30.60 13.68
N GLU C 152 -0.94 -29.31 13.55
CA GLU C 152 -0.56 -28.45 14.65
C GLU C 152 -1.45 -27.22 14.72
N PRO C 153 -1.55 -26.58 15.89
CA PRO C 153 -2.32 -25.33 15.98
C PRO C 153 -1.62 -24.20 15.22
N ILE C 154 -2.43 -23.30 14.65
CA ILE C 154 -1.87 -22.14 13.98
C ILE C 154 -1.18 -21.22 14.98
N GLY C 155 -1.78 -21.03 16.16
CA GLY C 155 -1.29 -19.97 17.05
C GLY C 155 -2.32 -18.88 17.33
N VAL C 156 -1.89 -17.64 17.52
CA VAL C 156 -2.82 -16.58 17.95
C VAL C 156 -3.85 -16.31 16.85
N CYS C 157 -5.13 -16.23 17.23
CA CYS C 157 -6.18 -15.98 16.27
C CYS C 157 -6.95 -14.72 16.64
N GLY C 158 -7.30 -13.97 15.61
CA GLY C 158 -8.21 -12.84 15.72
C GLY C 158 -9.61 -13.23 15.32
N GLN C 159 -10.61 -12.81 16.10
CA GLN C 159 -11.96 -13.29 15.84
C GLN C 159 -12.85 -12.05 16.01
N ILE C 160 -13.56 -11.69 14.94
CA ILE C 160 -14.38 -10.48 14.92
C ILE C 160 -15.82 -10.88 14.70
N ILE C 161 -16.70 -10.47 15.61
CA ILE C 161 -18.11 -10.89 15.61
C ILE C 161 -19.08 -9.76 15.28
N PRO C 162 -20.24 -10.05 14.67
CA PRO C 162 -21.24 -9.00 14.54
C PRO C 162 -22.11 -8.93 15.78
N TRP C 163 -23.34 -8.43 15.63
CA TRP C 163 -24.22 -8.19 16.75
C TRP C 163 -25.42 -9.12 16.80
N ASN C 164 -25.69 -9.86 15.72
CA ASN C 164 -26.97 -10.54 15.59
C ASN C 164 -27.03 -11.81 16.44
N PHE C 165 -25.92 -12.50 16.59
CA PHE C 165 -25.82 -13.66 17.46
C PHE C 165 -24.56 -13.53 18.29
N PRO C 166 -24.54 -12.56 19.21
CA PRO C 166 -23.28 -12.13 19.81
C PRO C 166 -22.63 -13.24 20.60
N LEU C 167 -23.42 -14.02 21.34
CA LEU C 167 -22.88 -15.17 22.06
C LEU C 167 -22.91 -16.42 21.21
N LEU C 168 -23.88 -16.54 20.31
CA LEU C 168 -23.87 -17.70 19.43
C LEU C 168 -22.60 -17.71 18.62
N MET C 169 -22.45 -16.71 17.74
CA MET C 169 -21.20 -16.51 17.03
C MET C 169 -20.00 -16.62 17.95
N TRP C 170 -20.06 -16.02 19.14
CA TRP C 170 -18.99 -16.20 20.12
C TRP C 170 -18.59 -17.67 20.18
N ALA C 171 -19.59 -18.57 20.19
CA ALA C 171 -19.39 -19.98 20.53
C ALA C 171 -18.91 -20.83 19.33
N TRP C 172 -19.41 -20.53 18.13
CA TRP C 172 -18.79 -21.02 16.90
C TRP C 172 -17.33 -20.59 16.79
N LYS C 173 -16.99 -19.38 17.17
CA LYS C 173 -15.62 -18.93 16.95
C LYS C 173 -14.68 -19.57 17.94
N ILE C 174 -15.06 -19.70 19.20
CA ILE C 174 -14.05 -20.29 20.08
C ILE C 174 -14.04 -21.82 20.04
N GLY C 175 -15.10 -22.48 19.57
CA GLY C 175 -15.16 -23.94 19.62
C GLY C 175 -14.01 -24.62 18.89
N PRO C 176 -14.03 -24.54 17.55
CA PRO C 176 -12.89 -25.05 16.76
C PRO C 176 -11.54 -24.51 17.17
N ALA C 177 -11.43 -23.20 17.40
CA ALA C 177 -10.11 -22.62 17.70
C ALA C 177 -9.46 -23.29 18.91
N ILE C 178 -10.23 -23.59 19.95
CA ILE C 178 -9.65 -24.14 21.17
C ILE C 178 -9.54 -25.64 21.10
N ALA C 179 -10.53 -26.27 20.46
CA ALA C 179 -10.42 -27.69 20.12
C ALA C 179 -9.03 -28.00 19.60
N CYS C 180 -8.55 -27.20 18.61
CA CYS C 180 -7.32 -27.55 17.89
C CYS C 180 -6.06 -27.18 18.66
N GLY C 181 -6.18 -26.37 19.71
CA GLY C 181 -5.01 -26.03 20.50
C GLY C 181 -4.52 -24.60 20.37
N ASN C 182 -5.23 -23.76 19.63
CA ASN C 182 -4.81 -22.37 19.53
C ASN C 182 -5.26 -21.58 20.75
N THR C 183 -4.55 -20.49 21.01
CA THR C 183 -5.12 -19.44 21.83
C THR C 183 -5.82 -18.43 20.93
N VAL C 184 -6.90 -17.86 21.44
CA VAL C 184 -7.76 -16.98 20.68
C VAL C 184 -7.68 -15.59 21.32
N VAL C 185 -7.92 -14.55 20.50
CA VAL C 185 -8.13 -13.19 20.97
C VAL C 185 -9.39 -12.67 20.28
N LEU C 186 -10.46 -12.50 21.04
CA LEU C 186 -11.77 -12.24 20.49
C LEU C 186 -12.15 -10.79 20.68
N LYS C 187 -12.67 -10.17 19.62
CA LYS C 187 -13.20 -8.82 19.70
C LYS C 187 -14.72 -8.84 19.49
N THR C 188 -15.44 -8.12 20.34
CA THR C 188 -16.89 -8.10 20.36
C THR C 188 -17.39 -6.85 19.66
N ALA C 189 -18.47 -6.99 18.90
CA ALA C 189 -19.03 -5.84 18.19
C ALA C 189 -19.37 -4.73 19.17
N GLU C 190 -19.00 -3.50 18.80
CA GLU C 190 -19.41 -2.27 19.47
C GLU C 190 -20.88 -2.23 19.90
N GLN C 191 -21.81 -2.63 19.03
CA GLN C 191 -23.22 -2.50 19.39
C GLN C 191 -23.59 -3.38 20.59
N THR C 192 -22.98 -4.56 20.69
CA THR C 192 -23.43 -5.61 21.61
C THR C 192 -22.28 -6.35 22.28
N PRO C 193 -21.48 -5.65 23.09
CA PRO C 193 -20.39 -6.34 23.79
C PRO C 193 -20.79 -7.07 25.07
N LEU C 194 -22.05 -6.97 25.50
CA LEU C 194 -22.36 -7.35 26.87
C LEU C 194 -22.24 -8.85 27.05
N GLY C 195 -22.87 -9.62 26.16
CA GLY C 195 -22.72 -11.05 26.06
C GLY C 195 -21.30 -11.52 26.30
N GLY C 196 -20.42 -11.37 25.32
CA GLY C 196 -19.04 -11.84 25.46
C GLY C 196 -18.43 -11.74 26.84
N LEU C 197 -18.71 -10.65 27.57
CA LEU C 197 -18.00 -10.40 28.82
C LEU C 197 -18.45 -11.29 29.95
N VAL C 198 -19.75 -11.64 30.01
CA VAL C 198 -20.18 -12.68 30.96
C VAL C 198 -19.53 -14.01 30.59
N ALA C 199 -19.65 -14.41 29.32
CA ALA C 199 -19.07 -15.64 28.77
C ALA C 199 -17.65 -15.72 29.25
N ALA C 200 -16.95 -14.60 29.16
CA ALA C 200 -15.59 -14.53 29.65
C ALA C 200 -15.51 -14.82 31.15
N SER C 201 -16.49 -14.38 31.95
CA SER C 201 -16.44 -14.76 33.36
C SER C 201 -16.57 -16.27 33.50
N LEU C 202 -17.44 -16.87 32.67
CA LEU C 202 -17.59 -18.31 32.64
C LEU C 202 -16.30 -18.99 32.15
N VAL C 203 -15.46 -18.27 31.39
CA VAL C 203 -14.24 -18.88 30.86
C VAL C 203 -13.28 -19.21 31.99
N LYS C 204 -13.05 -18.28 32.91
CA LYS C 204 -12.15 -18.55 34.03
C LYS C 204 -12.63 -19.77 34.80
N GLU C 205 -13.94 -19.82 35.09
CA GLU C 205 -14.49 -20.87 35.97
C GLU C 205 -14.30 -22.25 35.36
N ALA C 206 -14.48 -22.38 34.06
CA ALA C 206 -14.27 -23.67 33.41
C ALA C 206 -12.81 -24.10 33.47
N GLY C 207 -11.93 -23.32 34.11
CA GLY C 207 -10.59 -23.79 34.43
C GLY C 207 -9.52 -23.52 33.39
N PHE C 208 -9.85 -22.73 32.39
CA PHE C 208 -8.91 -22.40 31.33
C PHE C 208 -7.67 -21.71 31.91
N PRO C 209 -6.47 -22.10 31.51
CA PRO C 209 -5.26 -21.33 31.87
C PRO C 209 -5.31 -19.92 31.34
N PRO C 210 -4.51 -19.02 31.91
CA PRO C 210 -4.69 -17.60 31.64
C PRO C 210 -4.12 -17.21 30.29
N GLY C 211 -4.89 -16.40 29.54
CA GLY C 211 -4.50 -15.96 28.22
C GLY C 211 -4.91 -16.88 27.07
N VAL C 212 -5.51 -18.04 27.35
CA VAL C 212 -5.98 -18.90 26.27
C VAL C 212 -7.20 -18.30 25.56
N ILE C 213 -7.98 -17.48 26.26
CA ILE C 213 -9.13 -16.81 25.68
C ILE C 213 -9.10 -15.40 26.25
N ASN C 214 -8.91 -14.41 25.37
CA ASN C 214 -8.95 -13.00 25.74
C ASN C 214 -10.11 -12.38 25.00
N VAL C 215 -10.94 -11.63 25.72
CA VAL C 215 -12.12 -11.00 25.12
C VAL C 215 -12.01 -9.48 25.22
N ILE C 216 -11.92 -8.85 24.05
CA ILE C 216 -11.70 -7.42 23.83
C ILE C 216 -13.03 -6.79 23.43
N SER C 217 -13.30 -5.58 23.93
CA SER C 217 -14.36 -4.81 23.31
C SER C 217 -13.79 -3.57 22.65
N GLY C 218 -14.53 -3.02 21.67
CA GLY C 218 -14.15 -1.80 21.00
C GLY C 218 -14.79 -1.68 19.64
N PHE C 219 -14.37 -0.63 18.93
CA PHE C 219 -14.95 -0.23 17.64
C PHE C 219 -14.28 -0.92 16.44
N GLY C 220 -15.00 -0.85 15.31
CA GLY C 220 -14.55 -1.36 14.03
C GLY C 220 -13.19 -0.81 13.64
N LYS C 221 -13.11 0.48 13.28
CA LYS C 221 -11.82 1.06 12.87
C LYS C 221 -10.67 0.67 13.80
N VAL C 222 -10.63 1.20 15.02
CA VAL C 222 -9.45 1.01 15.88
C VAL C 222 -9.17 -0.48 16.14
N ALA C 223 -10.08 -1.18 16.82
CA ALA C 223 -9.75 -2.52 17.31
C ALA C 223 -9.62 -3.51 16.16
N GLY C 224 -10.54 -3.46 15.19
CA GLY C 224 -10.44 -4.27 13.99
C GLY C 224 -9.07 -4.16 13.39
N ALA C 225 -8.75 -2.96 12.89
CA ALA C 225 -7.41 -2.68 12.35
C ALA C 225 -6.31 -3.30 13.19
N ALA C 226 -6.36 -3.11 14.51
CA ALA C 226 -5.27 -3.61 15.33
C ALA C 226 -5.14 -5.12 15.20
N LEU C 227 -6.25 -5.85 15.30
CA LEU C 227 -6.20 -7.30 15.10
C LEU C 227 -5.71 -7.64 13.70
N SER C 228 -6.49 -7.26 12.67
CA SER C 228 -6.16 -7.54 11.26
C SER C 228 -4.67 -7.39 10.97
N SER C 229 -4.13 -6.23 11.31
CA SER C 229 -2.79 -5.86 10.91
C SER C 229 -1.72 -6.32 11.88
N HIS C 230 -2.10 -6.96 12.99
CA HIS C 230 -1.12 -7.26 14.02
C HIS C 230 -0.09 -8.22 13.48
N MET C 231 1.18 -7.89 13.70
CA MET C 231 2.24 -8.68 13.11
C MET C 231 2.32 -10.05 13.74
N ASP C 232 1.90 -10.19 15.01
CA ASP C 232 2.08 -11.44 15.73
C ASP C 232 0.79 -12.22 15.90
N VAL C 233 -0.25 -11.89 15.12
CA VAL C 233 -1.47 -12.68 14.96
C VAL C 233 -1.28 -13.59 13.75
N ASP C 234 -1.54 -14.90 13.92
CA ASP C 234 -1.31 -15.81 12.82
C ASP C 234 -2.53 -16.09 11.98
N LYS C 235 -3.70 -15.68 12.47
CA LYS C 235 -4.98 -15.92 11.80
C LYS C 235 -6.03 -14.91 12.25
N VAL C 236 -6.89 -14.52 11.31
CA VAL C 236 -8.12 -13.81 11.66
C VAL C 236 -9.32 -14.61 11.14
N ALA C 237 -10.48 -14.38 11.77
CA ALA C 237 -11.72 -14.93 11.27
C ALA C 237 -12.79 -13.86 11.44
N PHE C 238 -13.63 -13.68 10.42
CA PHE C 238 -14.48 -12.49 10.38
C PHE C 238 -15.90 -12.85 9.98
N THR C 239 -16.89 -12.20 10.62
CA THR C 239 -18.29 -12.33 10.26
C THR C 239 -18.91 -10.94 10.17
N GLY C 240 -19.55 -10.65 9.05
CA GLY C 240 -20.26 -9.39 8.87
C GLY C 240 -20.21 -8.96 7.43
N SER C 241 -20.50 -7.68 7.20
CA SER C 241 -20.61 -7.11 5.85
C SER C 241 -19.46 -7.57 4.97
N THR C 242 -19.72 -7.52 3.66
CA THR C 242 -18.66 -7.76 2.69
C THR C 242 -17.62 -6.63 2.71
N VAL C 243 -18.02 -5.39 3.01
CA VAL C 243 -16.99 -4.37 2.80
C VAL C 243 -16.00 -4.32 3.96
N VAL C 244 -16.41 -4.66 5.19
CA VAL C 244 -15.38 -4.74 6.21
C VAL C 244 -14.50 -5.97 5.95
N GLY C 245 -15.07 -7.00 5.30
CA GLY C 245 -14.29 -8.16 4.90
C GLY C 245 -13.15 -7.83 3.97
N ARG C 246 -13.48 -7.30 2.78
CA ARG C 246 -12.49 -6.69 1.90
C ARG C 246 -11.40 -5.95 2.65
N THR C 247 -11.80 -5.02 3.55
CA THR C 247 -10.82 -4.29 4.36
C THR C 247 -9.97 -5.21 5.25
N ILE C 248 -10.54 -6.35 5.68
CA ILE C 248 -9.80 -7.33 6.49
C ILE C 248 -8.81 -8.08 5.63
N LEU C 249 -9.30 -8.63 4.52
CA LEU C 249 -8.40 -9.26 3.58
C LEU C 249 -7.25 -8.31 3.23
N LYS C 250 -7.58 -7.08 2.82
CA LYS C 250 -6.56 -6.13 2.39
C LYS C 250 -5.51 -5.92 3.48
N ALA C 251 -5.95 -5.76 4.73
CA ALA C 251 -5.00 -5.55 5.82
C ALA C 251 -4.13 -6.76 6.05
N ALA C 252 -4.73 -7.97 6.01
CA ALA C 252 -3.95 -9.19 6.04
C ALA C 252 -2.76 -9.10 5.12
N ALA C 253 -3.00 -8.70 3.87
CA ALA C 253 -1.95 -8.68 2.85
C ALA C 253 -0.86 -7.69 3.21
N SER C 254 -1.26 -6.48 3.62
CA SER C 254 -0.29 -5.45 3.93
C SER C 254 0.48 -5.79 5.20
N SER C 255 -0.11 -6.61 6.08
CA SER C 255 0.51 -6.96 7.36
C SER C 255 1.55 -8.04 7.15
N ASN C 256 1.28 -9.26 7.64
CA ASN C 256 2.19 -10.36 7.35
C ASN C 256 1.50 -11.67 6.88
N LEU C 257 0.37 -11.55 6.21
CA LEU C 257 -0.24 -12.67 5.47
C LEU C 257 -0.85 -13.67 6.44
N LYS C 258 -1.72 -13.12 7.29
CA LYS C 258 -2.54 -13.91 8.16
C LYS C 258 -3.25 -14.89 7.24
N LYS C 259 -3.53 -16.07 7.76
CA LYS C 259 -4.70 -16.78 7.23
C LYS C 259 -5.95 -15.98 7.53
N VAL C 260 -6.81 -15.83 6.52
CA VAL C 260 -8.09 -15.16 6.67
C VAL C 260 -9.20 -16.11 6.30
N THR C 261 -10.11 -16.32 7.25
CA THR C 261 -11.36 -16.99 6.96
C THR C 261 -12.44 -15.96 7.27
N LEU C 262 -13.26 -15.62 6.28
CA LEU C 262 -14.33 -14.67 6.52
C LEU C 262 -15.70 -15.26 6.16
N GLU C 263 -16.74 -14.77 6.85
CA GLU C 263 -18.14 -15.09 6.60
C GLU C 263 -18.87 -13.79 6.31
N LEU C 264 -19.49 -13.70 5.14
CA LEU C 264 -20.18 -12.49 4.75
C LEU C 264 -21.65 -12.84 4.53
N GLY C 265 -22.53 -11.94 4.92
CA GLY C 265 -23.97 -12.18 4.82
C GLY C 265 -24.56 -11.70 3.50
N GLY C 266 -25.60 -12.41 3.02
CA GLY C 266 -26.07 -12.18 1.67
C GLY C 266 -27.55 -12.38 1.43
N LYS C 267 -27.89 -12.33 0.14
CA LYS C 267 -29.26 -12.40 -0.35
C LYS C 267 -29.54 -13.86 -0.68
N SER C 268 -30.22 -14.51 0.18
CA SER C 268 -30.56 -15.91 0.05
C SER C 268 -31.91 -16.04 -0.63
N PRO C 269 -32.22 -17.12 -1.38
CA PRO C 269 -33.57 -17.25 -1.94
C PRO C 269 -34.41 -18.38 -1.35
N ASN C 270 -35.74 -18.30 -1.54
CA ASN C 270 -36.69 -19.35 -1.18
C ASN C 270 -37.54 -19.64 -2.41
N ILE C 271 -37.53 -20.88 -2.87
CA ILE C 271 -38.25 -21.33 -4.08
C ILE C 271 -39.30 -22.35 -3.68
N VAL C 272 -40.55 -22.12 -4.11
CA VAL C 272 -41.68 -22.99 -3.81
C VAL C 272 -42.43 -23.32 -5.09
N PHE C 273 -42.35 -24.59 -5.52
CA PHE C 273 -43.26 -25.14 -6.52
C PHE C 273 -44.61 -25.43 -5.87
N GLU C 274 -45.70 -25.27 -6.64
CA GLU C 274 -47.00 -25.46 -6.01
C GLU C 274 -47.21 -26.90 -5.58
N ASP C 275 -46.42 -27.83 -6.11
CA ASP C 275 -46.51 -29.20 -5.62
C ASP C 275 -46.05 -29.31 -4.17
N ALA C 276 -45.27 -28.36 -3.69
CA ALA C 276 -44.93 -28.36 -2.27
C ALA C 276 -46.17 -28.14 -1.42
N ASP C 277 -46.13 -28.64 -0.19
CA ASP C 277 -47.20 -28.37 0.77
C ASP C 277 -47.15 -26.92 1.19
N ILE C 278 -48.28 -26.22 1.05
CA ILE C 278 -48.29 -24.77 1.21
C ILE C 278 -48.19 -24.40 2.69
N ASP C 279 -48.81 -25.17 3.57
CA ASP C 279 -48.72 -24.89 5.00
C ASP C 279 -47.27 -24.89 5.46
N ASN C 280 -46.55 -25.98 5.19
CA ASN C 280 -45.15 -26.02 5.58
C ASN C 280 -44.35 -24.93 4.87
N ALA C 281 -44.66 -24.69 3.59
CA ALA C 281 -43.95 -23.67 2.83
C ALA C 281 -44.12 -22.29 3.47
N ILE C 282 -45.36 -21.93 3.81
CA ILE C 282 -45.63 -20.61 4.35
C ILE C 282 -44.91 -20.42 5.69
N SER C 283 -45.01 -21.40 6.58
CA SER C 283 -44.34 -21.28 7.87
C SER C 283 -42.84 -21.14 7.70
N TRP C 284 -42.27 -21.83 6.72
CA TRP C 284 -40.82 -21.86 6.59
C TRP C 284 -40.29 -20.55 6.00
N VAL C 285 -40.97 -19.99 5.00
CA VAL C 285 -40.54 -18.71 4.44
C VAL C 285 -40.75 -17.57 5.44
N ASN C 286 -41.82 -17.66 6.22
CA ASN C 286 -42.05 -16.66 7.26
C ASN C 286 -40.90 -16.65 8.25
N PHE C 287 -40.62 -17.79 8.86
CA PHE C 287 -39.42 -17.94 9.68
C PHE C 287 -38.25 -17.37 8.89
N GLY C 288 -37.85 -18.07 7.84
CA GLY C 288 -36.77 -17.69 6.95
C GLY C 288 -36.40 -16.22 6.89
N ILE C 289 -37.38 -15.36 6.62
CA ILE C 289 -37.16 -13.93 6.43
C ILE C 289 -37.45 -13.03 7.63
N PHE C 290 -38.38 -13.44 8.48
CA PHE C 290 -38.68 -12.68 9.70
C PHE C 290 -37.96 -13.27 10.91
N PHE C 291 -37.29 -14.40 10.73
CA PHE C 291 -36.50 -14.97 11.81
C PHE C 291 -35.36 -14.05 12.18
N ASN C 292 -35.23 -13.79 13.49
CA ASN C 292 -34.26 -12.86 14.01
C ASN C 292 -34.34 -11.55 13.24
N HIS C 293 -35.58 -11.08 13.03
CA HIS C 293 -35.89 -9.82 12.32
C HIS C 293 -35.15 -9.67 11.00
N GLY C 294 -35.05 -10.75 10.22
CA GLY C 294 -34.25 -10.69 9.01
C GLY C 294 -32.82 -10.22 9.26
N GLN C 295 -32.34 -10.38 10.48
CA GLN C 295 -31.01 -9.94 10.89
C GLN C 295 -29.99 -11.07 10.86
N CYS C 296 -30.06 -11.97 9.87
CA CYS C 296 -29.13 -13.08 9.79
C CYS C 296 -28.66 -13.25 8.36
N CYS C 297 -27.40 -13.67 8.22
CA CYS C 297 -26.78 -13.86 6.90
C CYS C 297 -27.59 -14.80 6.05
N CYS C 298 -28.24 -15.78 6.69
CA CYS C 298 -28.98 -16.82 5.97
C CYS C 298 -30.32 -16.35 5.44
N ALA C 299 -30.86 -15.26 5.98
CA ALA C 299 -32.21 -14.86 5.64
C ALA C 299 -32.37 -14.75 4.12
N GLY C 300 -33.52 -15.20 3.62
CA GLY C 300 -33.78 -15.26 2.20
C GLY C 300 -34.51 -14.07 1.58
N SER C 301 -33.76 -12.98 1.35
CA SER C 301 -34.33 -11.71 0.87
C SER C 301 -35.40 -11.88 -0.22
N ARG C 302 -35.09 -12.61 -1.29
CA ARG C 302 -36.02 -12.80 -2.40
C ARG C 302 -36.67 -14.18 -2.34
N VAL C 303 -37.96 -14.25 -2.70
CA VAL C 303 -38.77 -15.46 -2.66
C VAL C 303 -39.46 -15.62 -4.00
N TYR C 304 -39.44 -16.84 -4.57
CA TYR C 304 -40.11 -17.12 -5.84
C TYR C 304 -41.04 -18.32 -5.69
N VAL C 305 -42.25 -18.23 -6.27
CA VAL C 305 -43.18 -19.36 -6.25
C VAL C 305 -43.47 -19.70 -7.71
N GLN C 306 -44.30 -20.70 -7.98
CA GLN C 306 -44.65 -21.12 -9.33
C GLN C 306 -46.00 -20.53 -9.69
N GLU C 307 -46.14 -20.16 -10.95
CA GLU C 307 -47.39 -19.59 -11.42
C GLU C 307 -48.56 -20.60 -11.38
N TYR C 374 -37.75 1.73 18.08
CA TYR C 374 -36.73 1.11 17.25
C TYR C 374 -37.25 -0.12 16.53
N PHE C 375 -38.47 -0.53 16.83
CA PHE C 375 -39.02 -1.75 16.28
C PHE C 375 -39.65 -1.44 14.93
N ILE C 376 -39.32 -2.26 13.94
CA ILE C 376 -39.84 -2.11 12.59
C ILE C 376 -40.74 -3.28 12.27
N GLU C 377 -41.96 -2.97 11.86
CA GLU C 377 -42.94 -3.99 11.53
C GLU C 377 -42.48 -4.79 10.31
N PRO C 378 -42.92 -6.05 10.20
CA PRO C 378 -42.52 -6.86 9.04
C PRO C 378 -43.03 -6.27 7.74
N THR C 379 -42.29 -6.52 6.66
CA THR C 379 -42.52 -5.90 5.37
C THR C 379 -42.43 -6.93 4.26
N ILE C 380 -43.23 -6.72 3.21
CA ILE C 380 -43.24 -7.59 2.03
C ILE C 380 -43.34 -6.70 0.80
N PHE C 381 -43.18 -7.30 -0.39
CA PHE C 381 -43.27 -6.56 -1.66
C PHE C 381 -44.64 -5.87 -1.76
N PRO C 398 -35.45 -6.91 7.37
CA PRO C 398 -36.80 -7.43 7.61
C PRO C 398 -37.74 -7.14 6.45
N VAL C 399 -37.30 -7.37 5.21
CA VAL C 399 -38.11 -7.11 4.02
C VAL C 399 -38.03 -8.34 3.13
N CYS C 400 -38.90 -8.37 2.11
CA CYS C 400 -38.94 -9.50 1.20
C CYS C 400 -39.51 -9.07 -0.16
N SER C 401 -39.17 -9.83 -1.20
CA SER C 401 -39.58 -9.51 -2.57
C SER C 401 -40.03 -10.79 -3.27
N ILE C 402 -41.26 -10.79 -3.78
CA ILE C 402 -41.88 -11.98 -4.37
C ILE C 402 -41.94 -11.81 -5.89
N ALA C 403 -41.79 -12.92 -6.62
CA ALA C 403 -41.87 -12.98 -8.07
C ALA C 403 -42.04 -14.46 -8.44
N LYS C 404 -42.21 -14.73 -9.73
CA LYS C 404 -42.90 -15.98 -10.07
C LYS C 404 -42.22 -16.58 -11.29
N PHE C 405 -41.63 -17.77 -11.16
CA PHE C 405 -41.08 -18.44 -12.34
C PHE C 405 -42.11 -19.37 -12.97
N LYS C 406 -41.77 -19.86 -14.16
CA LYS C 406 -42.58 -20.83 -14.89
C LYS C 406 -41.92 -22.21 -14.95
N THR C 407 -41.05 -22.46 -15.93
CA THR C 407 -40.41 -23.76 -16.00
C THR C 407 -39.31 -23.85 -14.94
N LYS C 408 -38.70 -25.03 -14.82
CA LYS C 408 -37.74 -25.28 -13.74
C LYS C 408 -36.48 -24.45 -13.90
N GLU C 409 -36.00 -24.29 -15.13
CA GLU C 409 -34.73 -23.62 -15.36
C GLU C 409 -34.80 -22.14 -15.03
N ASP C 410 -35.99 -21.52 -15.09
CA ASP C 410 -36.05 -20.13 -14.63
C ASP C 410 -35.88 -20.06 -13.13
N ALA C 411 -36.38 -21.06 -12.40
CA ALA C 411 -36.21 -21.08 -10.94
C ALA C 411 -34.74 -21.10 -10.58
N ILE C 412 -33.93 -21.87 -11.31
CA ILE C 412 -32.52 -21.94 -10.95
C ILE C 412 -31.80 -20.68 -11.39
N LYS C 413 -32.17 -20.09 -12.54
CA LYS C 413 -31.47 -18.90 -12.97
C LYS C 413 -31.76 -17.74 -12.03
N LEU C 414 -33.00 -17.62 -11.56
CA LEU C 414 -33.34 -16.51 -10.67
C LEU C 414 -32.64 -16.64 -9.33
N GLY C 415 -32.51 -17.86 -8.81
CA GLY C 415 -31.81 -18.03 -7.55
C GLY C 415 -30.31 -17.80 -7.67
N ASN C 416 -29.74 -18.18 -8.80
CA ASN C 416 -28.30 -18.07 -8.98
C ASN C 416 -27.89 -16.84 -9.79
N ALA C 417 -28.81 -16.20 -10.52
CA ALA C 417 -28.58 -14.84 -11.02
C ALA C 417 -28.64 -13.93 -9.80
N SER C 418 -27.49 -13.83 -9.15
CA SER C 418 -27.24 -12.89 -8.08
C SER C 418 -25.73 -12.86 -7.88
N THR C 419 -25.20 -11.68 -7.58
CA THR C 419 -23.85 -11.63 -7.06
C THR C 419 -23.70 -12.52 -5.84
N TYR C 420 -24.79 -12.72 -5.11
CA TYR C 420 -24.71 -13.38 -3.82
C TYR C 420 -25.30 -14.79 -3.83
N GLY C 421 -24.69 -15.65 -3.01
CA GLY C 421 -25.16 -17.00 -2.82
C GLY C 421 -24.62 -17.64 -1.55
N LEU C 422 -25.13 -17.21 -0.39
CA LEU C 422 -24.72 -17.84 0.86
C LEU C 422 -25.59 -19.02 1.23
N ALA C 423 -26.90 -18.92 1.00
CA ALA C 423 -27.81 -20.02 1.27
C ALA C 423 -28.89 -20.02 0.20
N ALA C 424 -29.85 -20.92 0.36
CA ALA C 424 -30.97 -21.05 -0.56
C ALA C 424 -31.96 -21.99 0.09
N ALA C 425 -33.15 -22.06 -0.49
CA ALA C 425 -34.08 -23.10 -0.09
C ALA C 425 -34.97 -23.47 -1.27
N VAL C 426 -35.56 -24.65 -1.19
CA VAL C 426 -36.45 -25.17 -2.23
C VAL C 426 -37.50 -26.04 -1.56
N HIS C 427 -38.77 -25.75 -1.84
CA HIS C 427 -39.90 -26.44 -1.23
C HIS C 427 -40.60 -27.24 -2.31
N THR C 428 -40.64 -28.55 -2.13
CA THR C 428 -41.31 -29.42 -3.09
C THR C 428 -41.44 -30.80 -2.46
N LYS C 429 -42.27 -31.63 -3.08
CA LYS C 429 -42.34 -33.06 -2.80
C LYS C 429 -41.68 -33.90 -3.88
N ASN C 430 -41.36 -33.34 -5.04
CA ASN C 430 -40.79 -34.13 -6.11
C ASN C 430 -39.34 -34.49 -5.80
N LEU C 431 -39.04 -35.79 -5.80
CA LEU C 431 -37.68 -36.24 -5.54
C LEU C 431 -36.72 -35.65 -6.55
N ASN C 432 -37.08 -35.80 -7.83
CA ASN C 432 -36.17 -35.49 -8.91
C ASN C 432 -36.00 -33.98 -9.00
N THR C 433 -37.07 -33.23 -8.66
CA THR C 433 -36.98 -31.78 -8.54
C THR C 433 -36.07 -31.36 -7.39
N ALA C 434 -36.25 -31.97 -6.23
CA ALA C 434 -35.46 -31.52 -5.09
C ALA C 434 -33.97 -31.81 -5.28
N ILE C 435 -33.62 -32.98 -5.81
CA ILE C 435 -32.19 -33.28 -5.97
C ILE C 435 -31.60 -32.46 -7.10
N GLU C 436 -32.33 -32.33 -8.21
CA GLU C 436 -31.75 -31.65 -9.36
C GLU C 436 -31.57 -30.16 -9.10
N VAL C 437 -32.60 -29.50 -8.58
CA VAL C 437 -32.52 -28.06 -8.39
C VAL C 437 -31.47 -27.70 -7.36
N SER C 438 -31.36 -28.48 -6.28
CA SER C 438 -30.43 -28.09 -5.23
C SER C 438 -28.99 -28.26 -5.69
N ASN C 439 -28.69 -29.27 -6.51
CA ASN C 439 -27.36 -29.33 -7.10
C ASN C 439 -27.10 -28.10 -7.96
N ALA C 440 -28.13 -27.64 -8.67
CA ALA C 440 -27.94 -26.54 -9.61
C ALA C 440 -27.82 -25.20 -8.90
N LEU C 441 -28.31 -25.09 -7.66
CA LEU C 441 -28.23 -23.82 -6.96
C LEU C 441 -26.83 -23.58 -6.44
N LYS C 442 -26.31 -22.39 -6.73
CA LYS C 442 -24.98 -22.00 -6.26
C LYS C 442 -25.11 -21.37 -4.88
N ALA C 443 -25.29 -22.23 -3.87
CA ALA C 443 -25.36 -21.80 -2.49
C ALA C 443 -24.54 -22.74 -1.60
N GLY C 444 -24.12 -22.23 -0.45
CA GLY C 444 -23.29 -23.02 0.43
C GLY C 444 -24.13 -23.85 1.39
N THR C 445 -25.38 -23.46 1.55
CA THR C 445 -26.36 -24.22 2.33
C THR C 445 -27.67 -24.24 1.57
N VAL C 446 -28.14 -25.42 1.22
CA VAL C 446 -29.45 -25.55 0.60
C VAL C 446 -30.36 -26.26 1.60
N TRP C 447 -31.61 -25.83 1.63
CA TRP C 447 -32.60 -26.40 2.50
C TRP C 447 -33.76 -26.84 1.62
N VAL C 448 -34.32 -28.02 1.92
CA VAL C 448 -35.43 -28.57 1.18
C VAL C 448 -36.55 -28.81 2.17
N ASN C 449 -37.70 -28.16 1.95
CA ASN C 449 -38.88 -28.28 2.81
C ASN C 449 -38.58 -27.80 4.25
N THR C 450 -37.67 -26.84 4.39
CA THR C 450 -37.29 -26.24 5.67
C THR C 450 -36.48 -24.98 5.38
N TYR C 451 -36.43 -24.05 6.35
CA TYR C 451 -35.54 -22.91 6.18
C TYR C 451 -34.98 -22.52 7.53
N ASN C 452 -33.73 -22.01 7.52
CA ASN C 452 -33.03 -21.44 8.66
C ASN C 452 -32.77 -22.45 9.79
N THR C 453 -33.01 -23.74 9.57
CA THR C 453 -32.57 -24.73 10.54
C THR C 453 -31.07 -24.90 10.34
N LEU C 454 -30.29 -24.57 11.36
CA LEU C 454 -28.83 -24.62 11.28
C LEU C 454 -28.27 -25.44 12.44
N HIS C 455 -27.45 -26.44 12.12
CA HIS C 455 -26.89 -27.38 13.11
C HIS C 455 -25.37 -27.30 13.15
N HIS C 456 -24.83 -27.38 14.37
CA HIS C 456 -23.39 -27.21 14.54
C HIS C 456 -22.60 -28.34 13.91
N GLN C 457 -23.21 -29.53 13.79
CA GLN C 457 -22.56 -30.66 13.11
C GLN C 457 -22.34 -30.38 11.65
N MET C 458 -23.27 -29.64 11.00
CA MET C 458 -23.18 -29.48 9.56
C MET C 458 -22.45 -28.17 9.22
N PRO C 459 -21.46 -28.22 8.33
CA PRO C 459 -20.73 -26.98 8.01
C PRO C 459 -21.61 -25.98 7.28
N PHE C 460 -21.59 -24.75 7.79
CA PHE C 460 -22.19 -23.58 7.16
C PHE C 460 -21.09 -22.65 6.63
N GLY C 461 -21.30 -22.10 5.43
CA GLY C 461 -20.27 -21.36 4.73
C GLY C 461 -20.80 -20.79 3.43
N GLY C 462 -20.02 -19.90 2.82
CA GLY C 462 -20.50 -19.08 1.71
C GLY C 462 -19.75 -19.26 0.40
N TYR C 463 -20.51 -19.22 -0.69
CA TYR C 463 -20.05 -19.13 -2.09
C TYR C 463 -19.84 -17.66 -2.52
N LYS C 464 -18.91 -17.47 -3.47
CA LYS C 464 -18.71 -16.17 -4.16
C LYS C 464 -18.43 -15.10 -3.10
N GLU C 465 -19.10 -13.94 -3.13
CA GLU C 465 -18.91 -12.91 -2.12
C GLU C 465 -19.39 -13.33 -0.74
N SER C 466 -19.88 -14.55 -0.56
CA SER C 466 -20.49 -14.91 0.71
C SER C 466 -19.47 -15.25 1.77
N GLY C 467 -18.30 -15.72 1.38
CA GLY C 467 -17.32 -16.08 2.38
C GLY C 467 -16.10 -16.74 1.78
N ILE C 468 -15.09 -16.87 2.64
CA ILE C 468 -13.81 -17.47 2.31
C ILE C 468 -13.57 -18.39 3.49
N GLY C 469 -13.60 -19.70 3.25
CA GLY C 469 -13.54 -20.69 4.32
C GLY C 469 -14.91 -20.99 4.90
N ARG C 470 -15.19 -22.27 5.18
CA ARG C 470 -16.38 -22.65 5.93
C ARG C 470 -16.08 -22.90 7.39
N GLU C 471 -17.04 -22.51 8.25
CA GLU C 471 -16.83 -22.51 9.71
C GLU C 471 -18.04 -23.04 10.49
N LEU C 472 -18.27 -24.35 10.40
CA LEU C 472 -19.16 -25.09 11.30
C LEU C 472 -18.94 -26.56 11.00
N GLY C 473 -19.52 -27.45 11.82
CA GLY C 473 -19.24 -28.87 11.58
C GLY C 473 -17.76 -29.27 11.68
N GLU C 474 -17.44 -30.44 11.10
CA GLU C 474 -16.07 -30.92 11.16
C GLU C 474 -15.13 -30.02 10.38
N ASP C 475 -15.65 -29.41 9.33
CA ASP C 475 -14.81 -28.72 8.37
C ASP C 475 -14.18 -27.48 8.97
N ALA C 476 -14.75 -26.99 10.08
CA ALA C 476 -14.17 -25.82 10.74
C ALA C 476 -12.75 -26.07 11.20
N LEU C 477 -12.51 -27.19 11.88
CA LEU C 477 -11.17 -27.54 12.34
C LEU C 477 -10.10 -27.30 11.28
N ALA C 478 -10.41 -27.56 10.00
CA ALA C 478 -9.45 -27.29 8.92
C ALA C 478 -8.98 -25.85 8.96
N ASN C 479 -9.91 -24.92 9.19
CA ASN C 479 -9.57 -23.50 9.19
C ASN C 479 -8.62 -23.16 10.33
N TYR C 480 -8.66 -23.94 11.42
CA TYR C 480 -7.89 -23.64 12.62
C TYR C 480 -6.79 -24.65 12.85
N THR C 481 -6.48 -25.48 11.86
CA THR C 481 -5.33 -26.35 11.95
C THR C 481 -4.39 -26.02 10.80
N GLN C 482 -3.27 -26.73 10.77
CA GLN C 482 -2.24 -26.44 9.80
C GLN C 482 -1.26 -27.61 9.69
N THR C 483 -0.91 -27.94 8.44
CA THR C 483 -0.32 -29.23 8.08
C THR C 483 1.20 -29.18 8.05
N LYS C 484 1.88 -30.08 8.78
CA LYS C 484 3.34 -30.23 8.67
C LYS C 484 3.79 -31.60 8.13
N THR C 485 4.71 -31.64 7.16
CA THR C 485 4.96 -32.90 6.44
C THR C 485 6.40 -33.29 6.77
N VAL C 486 6.56 -34.41 7.45
CA VAL C 486 7.89 -34.92 7.79
C VAL C 486 8.19 -36.12 6.90
N SER C 487 9.37 -36.09 6.27
CA SER C 487 9.98 -37.24 5.59
C SER C 487 11.24 -37.67 6.31
N ILE C 488 11.39 -38.98 6.48
CA ILE C 488 12.54 -39.57 7.14
C ILE C 488 13.16 -40.53 6.14
N ARG C 489 14.31 -40.16 5.60
CA ARG C 489 15.02 -41.08 4.73
C ARG C 489 15.54 -42.24 5.56
N LEU C 490 15.52 -43.43 4.99
CA LEU C 490 16.09 -44.60 5.63
C LEU C 490 17.32 -45.05 4.88
N GLY C 491 17.89 -46.16 5.33
CA GLY C 491 18.91 -46.81 4.54
C GLY C 491 18.29 -47.53 3.36
N THR D 18 -9.30 19.85 29.72
CA THR D 18 -9.55 21.10 28.97
C THR D 18 -10.09 20.65 27.59
N GLY D 19 -11.22 21.21 27.16
CA GLY D 19 -11.92 20.73 26.00
C GLY D 19 -11.29 21.15 24.70
N LEU D 20 -11.98 20.81 23.60
CA LEU D 20 -11.52 21.17 22.25
C LEU D 20 -11.71 22.67 21.95
N PHE D 21 -10.66 23.29 21.39
CA PHE D 21 -10.60 24.73 21.18
C PHE D 21 -11.27 25.04 19.85
N ILE D 22 -12.53 25.42 19.86
CA ILE D 22 -13.23 25.72 18.61
C ILE D 22 -13.94 27.06 18.75
N ASN D 23 -13.85 27.88 17.70
CA ASN D 23 -14.47 29.19 17.67
C ASN D 23 -14.19 29.93 18.97
N ASN D 24 -12.92 29.93 19.39
CA ASN D 24 -12.46 30.66 20.56
C ASN D 24 -13.15 30.21 21.85
N GLU D 25 -13.89 29.10 21.80
CA GLU D 25 -14.49 28.48 22.97
C GLU D 25 -13.91 27.10 23.21
N PHE D 26 -14.05 26.61 24.45
CA PHE D 26 -13.63 25.26 24.78
C PHE D 26 -14.89 24.39 24.83
N VAL D 27 -15.38 24.00 23.64
CA VAL D 27 -16.43 22.99 23.57
C VAL D 27 -15.88 21.66 24.03
N LYS D 28 -16.74 20.67 24.10
CA LYS D 28 -16.38 19.32 24.49
C LYS D 28 -16.75 18.37 23.35
N GLY D 29 -16.44 17.09 23.53
CA GLY D 29 -16.52 16.16 22.41
C GLY D 29 -17.95 15.75 22.11
N GLN D 30 -18.32 15.80 20.82
CA GLN D 30 -19.70 15.50 20.42
C GLN D 30 -20.20 14.21 21.03
N GLU D 31 -19.32 13.24 21.19
CA GLU D 31 -19.67 11.99 21.83
C GLU D 31 -19.15 11.92 23.25
N GLY D 32 -18.51 12.98 23.72
CA GLY D 32 -18.13 13.03 25.12
C GLY D 32 -16.97 12.13 25.46
N LYS D 33 -16.25 11.63 24.46
CA LYS D 33 -15.10 10.78 24.73
C LYS D 33 -14.03 11.57 25.45
N THR D 34 -13.42 10.96 26.44
CA THR D 34 -12.22 11.51 27.02
C THR D 34 -11.15 10.45 26.98
N PHE D 35 -9.91 10.86 27.00
CA PHE D 35 -8.81 9.93 27.01
C PHE D 35 -7.78 10.41 28.02
N ASP D 36 -6.91 9.50 28.41
CA ASP D 36 -6.19 9.63 29.65
C ASP D 36 -4.79 10.21 29.37
N VAL D 37 -4.30 11.06 30.28
CA VAL D 37 -3.01 11.73 30.15
C VAL D 37 -2.12 11.33 31.30
N ILE D 38 -1.03 10.62 31.00
CA ILE D 38 -0.14 10.12 32.03
C ILE D 38 1.13 10.94 32.08
N ASN D 39 1.60 11.13 33.30
CA ASN D 39 2.85 11.78 33.60
C ASN D 39 3.99 10.78 33.44
N PRO D 40 4.99 11.06 32.63
CA PRO D 40 6.12 10.13 32.52
C PRO D 40 7.01 10.07 33.73
N SER D 41 6.92 11.02 34.66
CA SER D 41 7.91 11.05 35.73
C SER D 41 7.59 10.02 36.81
N ASP D 42 6.32 9.90 37.22
CA ASP D 42 5.94 8.91 38.23
C ASP D 42 4.90 7.92 37.73
N GLU D 43 4.62 7.92 36.42
CA GLU D 43 3.66 7.05 35.74
C GLU D 43 2.22 7.33 36.13
N SER D 44 1.95 8.24 37.06
CA SER D 44 0.58 8.46 37.50
C SER D 44 -0.22 9.18 36.42
N VAL D 45 -1.51 9.35 36.66
CA VAL D 45 -2.39 9.89 35.64
C VAL D 45 -2.73 11.34 35.97
N ILE D 46 -2.31 12.24 35.06
CA ILE D 46 -2.47 13.67 35.24
C ILE D 46 -3.95 14.04 35.25
N THR D 47 -4.66 13.62 34.20
CA THR D 47 -6.06 13.94 33.96
C THR D 47 -6.47 13.39 32.61
N GLN D 48 -7.69 13.73 32.19
CA GLN D 48 -8.25 13.26 30.94
C GLN D 48 -8.67 14.46 30.09
N VAL D 49 -8.60 14.28 28.76
CA VAL D 49 -8.83 15.37 27.81
C VAL D 49 -9.87 14.94 26.78
N HIS D 50 -10.74 15.87 26.41
CA HIS D 50 -11.82 15.51 25.51
C HIS D 50 -11.24 15.09 24.17
N GLU D 51 -11.88 14.11 23.55
CA GLU D 51 -11.44 13.53 22.30
C GLU D 51 -12.33 13.95 21.15
N ALA D 52 -11.70 14.34 20.05
CA ALA D 52 -12.39 14.62 18.81
C ALA D 52 -12.52 13.36 17.96
N THR D 53 -13.70 13.15 17.42
CA THR D 53 -13.89 12.13 16.40
C THR D 53 -14.30 12.86 15.11
N GLU D 54 -14.52 12.08 14.07
CA GLU D 54 -14.78 12.59 12.73
C GLU D 54 -15.91 13.60 12.69
N LYS D 55 -16.85 13.55 13.63
CA LYS D 55 -17.86 14.61 13.66
C LYS D 55 -17.28 15.90 14.22
N ASP D 56 -16.42 15.80 15.24
CA ASP D 56 -15.69 16.97 15.73
C ASP D 56 -14.83 17.59 14.66
N VAL D 57 -14.02 16.79 13.97
CA VAL D 57 -13.12 17.35 12.97
C VAL D 57 -13.92 18.13 11.93
N ASP D 58 -15.00 17.53 11.42
CA ASP D 58 -15.83 18.24 10.44
C ASP D 58 -16.35 19.58 10.96
N ILE D 59 -16.70 19.69 12.24
CA ILE D 59 -17.27 20.97 12.67
C ILE D 59 -16.15 21.99 12.94
N ALA D 60 -15.03 21.54 13.55
CA ALA D 60 -13.83 22.36 13.57
C ALA D 60 -13.53 22.90 12.17
N VAL D 61 -13.29 22.02 11.21
CA VAL D 61 -13.00 22.48 9.85
C VAL D 61 -14.06 23.45 9.37
N ALA D 62 -15.32 23.17 9.71
CA ALA D 62 -16.35 24.11 9.31
C ALA D 62 -16.15 25.47 9.99
N ALA D 63 -15.58 25.48 11.20
CA ALA D 63 -15.29 26.77 11.84
C ALA D 63 -14.17 27.49 11.11
N ALA D 64 -13.10 26.78 10.81
CA ALA D 64 -11.99 27.37 10.08
C ALA D 64 -12.46 28.00 8.78
N ARG D 65 -13.31 27.30 8.03
CA ARG D 65 -13.73 27.85 6.75
C ARG D 65 -14.61 29.08 6.93
N LYS D 66 -15.48 29.07 7.94
CA LYS D 66 -16.30 30.24 8.19
C LYS D 66 -15.42 31.45 8.49
N ALA D 67 -14.34 31.24 9.25
CA ALA D 67 -13.40 32.33 9.50
C ALA D 67 -12.74 32.77 8.21
N PHE D 68 -12.20 31.81 7.45
CA PHE D 68 -11.61 32.15 6.16
C PHE D 68 -12.57 32.92 5.29
N GLU D 69 -13.76 32.38 5.07
CA GLU D 69 -14.78 33.13 4.36
C GLU D 69 -14.99 34.47 5.07
N GLY D 70 -15.10 35.53 4.26
CA GLY D 70 -15.25 36.93 4.66
C GLY D 70 -15.15 37.40 6.11
N SER D 71 -14.18 36.87 6.86
CA SER D 71 -13.98 37.32 8.23
C SER D 71 -12.55 37.82 8.39
N TRP D 72 -11.60 36.91 8.19
CA TRP D 72 -10.18 37.17 8.31
C TRP D 72 -9.56 37.51 6.95
N ARG D 73 -10.32 37.35 5.85
CA ARG D 73 -9.89 37.94 4.59
C ARG D 73 -9.90 39.45 4.67
N GLN D 74 -10.80 40.01 5.48
CA GLN D 74 -10.84 41.45 5.65
C GLN D 74 -9.64 41.95 6.44
N GLU D 75 -9.18 41.18 7.41
CA GLU D 75 -8.11 41.65 8.28
C GLU D 75 -6.88 42.02 7.47
N THR D 76 -6.09 42.94 8.01
CA THR D 76 -4.96 43.45 7.23
C THR D 76 -3.66 42.83 7.73
N PRO D 77 -2.80 42.46 6.80
CA PRO D 77 -1.47 41.98 7.16
C PRO D 77 -0.85 42.76 8.30
N GLU D 78 -0.96 44.09 8.30
CA GLU D 78 -0.40 44.85 9.41
C GLU D 78 -0.93 44.28 10.72
N ASN D 79 -2.25 44.04 10.78
CA ASN D 79 -2.80 43.51 12.02
C ASN D 79 -2.46 42.05 12.22
N ARG D 80 -2.40 41.25 11.14
CA ARG D 80 -2.11 39.82 11.33
C ARG D 80 -0.79 39.65 12.06
N GLY D 81 0.20 40.50 11.72
CA GLY D 81 1.42 40.51 12.51
C GLY D 81 1.18 41.03 13.92
N LYS D 82 0.37 42.08 14.05
CA LYS D 82 0.12 42.60 15.39
C LYS D 82 -0.36 41.49 16.30
N LEU D 83 -1.29 40.67 15.80
CA LEU D 83 -1.84 39.55 16.58
C LEU D 83 -0.76 38.55 16.94
N LEU D 84 0.01 38.10 15.94
CA LEU D 84 1.12 37.20 16.20
C LEU D 84 2.04 37.77 17.26
N ASN D 85 2.43 39.04 17.12
CA ASN D 85 3.28 39.62 18.15
C ASN D 85 2.59 39.62 19.51
N ASN D 86 1.28 39.86 19.55
CA ASN D 86 0.52 39.72 20.79
C ASN D 86 0.69 38.33 21.38
N LEU D 87 0.40 37.31 20.58
CA LEU D 87 0.58 35.93 21.02
C LEU D 87 1.97 35.69 21.58
N ALA D 88 3.00 36.21 20.91
CA ALA D 88 4.35 35.98 21.40
C ALA D 88 4.55 36.67 22.74
N ASN D 89 3.98 37.86 22.92
CA ASN D 89 4.19 38.50 24.19
C ASN D 89 3.50 37.71 25.29
N LEU D 90 2.29 37.23 25.04
CA LEU D 90 1.61 36.34 25.99
C LEU D 90 2.48 35.12 26.34
N PHE D 91 2.92 34.36 25.32
CA PHE D 91 3.85 33.26 25.55
C PHE D 91 4.95 33.69 26.51
N GLU D 92 5.57 34.82 26.18
CA GLU D 92 6.65 35.40 26.96
C GLU D 92 6.16 35.78 28.35
N LYS D 93 4.92 36.25 28.48
CA LYS D 93 4.46 36.62 29.81
C LYS D 93 4.31 35.36 30.69
N ASN D 94 4.04 34.21 30.05
CA ASN D 94 3.85 32.92 30.73
C ASN D 94 4.95 31.91 30.45
N ILE D 95 6.23 32.31 30.40
CA ILE D 95 7.26 31.32 30.11
C ILE D 95 7.21 30.23 31.18
N ASP D 96 6.89 30.63 32.41
CA ASP D 96 7.07 29.74 33.56
C ASP D 96 5.96 28.70 33.66
N LEU D 97 4.71 29.14 33.49
CA LEU D 97 3.60 28.19 33.43
C LEU D 97 3.79 27.23 32.28
N LEU D 98 4.02 27.77 31.08
CA LEU D 98 4.10 26.94 29.88
C LEU D 98 5.23 25.93 29.98
N ALA D 99 6.42 26.38 30.39
CA ALA D 99 7.52 25.42 30.49
C ALA D 99 7.19 24.35 31.52
N ALA D 100 6.42 24.70 32.55
CA ALA D 100 5.98 23.70 33.52
C ALA D 100 5.05 22.69 32.89
N VAL D 101 3.98 23.17 32.23
CA VAL D 101 3.03 22.28 31.55
C VAL D 101 3.78 21.27 30.69
N GLU D 102 4.67 21.76 29.85
CA GLU D 102 5.44 20.85 29.02
C GLU D 102 6.22 19.85 29.85
N SER D 103 6.90 20.31 30.91
CA SER D 103 7.69 19.37 31.69
C SER D 103 6.81 18.31 32.34
N LEU D 104 5.63 18.71 32.81
CA LEU D 104 4.70 17.76 33.39
C LEU D 104 4.28 16.73 32.35
N ASP D 105 3.59 17.21 31.31
CA ASP D 105 2.98 16.37 30.28
C ASP D 105 4.01 15.53 29.52
N ASN D 106 5.10 16.16 29.08
CA ASN D 106 6.15 15.63 28.20
C ASN D 106 7.33 15.01 28.99
N GLY D 107 7.78 15.66 30.07
CA GLY D 107 8.88 15.11 30.85
C GLY D 107 10.26 15.74 30.66
N LYS D 108 10.33 17.00 30.29
CA LYS D 108 11.62 17.61 30.00
C LYS D 108 12.08 18.50 31.14
N ALA D 109 13.39 18.49 31.35
CA ALA D 109 14.00 19.40 32.30
C ALA D 109 13.45 20.81 32.10
N ILE D 110 13.09 21.45 33.20
CA ILE D 110 12.34 22.70 33.05
C ILE D 110 13.27 23.83 32.58
N SER D 111 14.55 23.79 32.95
CA SER D 111 15.51 24.73 32.37
C SER D 111 15.64 24.54 30.86
N MET D 112 15.51 23.29 30.39
CA MET D 112 15.41 23.03 28.95
C MET D 112 14.08 23.53 28.39
N ALA D 113 13.00 23.38 29.16
CA ALA D 113 11.69 23.80 28.67
C ALA D 113 11.61 25.32 28.51
N LYS D 114 12.22 26.06 29.43
CA LYS D 114 12.33 27.51 29.24
C LYS D 114 13.01 27.80 27.90
N GLY D 115 14.10 27.09 27.60
CA GLY D 115 14.68 27.19 26.26
C GLY D 115 13.62 27.05 25.19
N ASP D 116 12.81 25.99 25.29
CA ASP D 116 11.86 25.68 24.22
C ASP D 116 10.85 26.82 24.01
N ILE D 117 10.37 27.45 25.09
CA ILE D 117 9.40 28.53 24.93
C ILE D 117 10.06 29.78 24.36
N SER D 118 11.29 30.10 24.79
CA SER D 118 12.06 31.14 24.13
C SER D 118 11.99 31.00 22.61
N MET D 119 12.33 29.80 22.13
CA MET D 119 12.21 29.51 20.70
C MET D 119 10.80 29.78 20.20
N CYS D 120 9.79 29.56 21.03
CA CYS D 120 8.43 29.87 20.61
C CYS D 120 8.24 31.38 20.46
N VAL D 121 8.90 32.18 21.32
CA VAL D 121 8.63 33.61 21.25
C VAL D 121 9.38 34.24 20.09
N GLY D 122 10.52 33.66 19.72
CA GLY D 122 11.24 34.16 18.55
C GLY D 122 10.58 33.74 17.26
N CYS D 123 10.01 32.54 17.26
CA CYS D 123 9.44 32.03 16.02
C CYS D 123 8.14 32.75 15.68
N LEU D 124 7.23 32.87 16.65
CA LEU D 124 5.99 33.60 16.38
C LEU D 124 6.27 35.04 16.02
N ARG D 125 7.17 35.69 16.75
CA ARG D 125 7.41 37.11 16.52
C ARG D 125 8.08 37.34 15.18
N TYR D 126 8.97 36.42 14.81
CA TYR D 126 9.61 36.45 13.49
C TYR D 126 8.59 36.34 12.37
N TYR D 127 7.57 35.51 12.55
CA TYR D 127 6.54 35.47 11.52
C TYR D 127 5.62 36.67 11.62
N GLY D 128 5.44 37.23 12.82
CA GLY D 128 4.74 38.49 12.94
C GLY D 128 5.31 39.51 11.98
N GLY D 129 6.63 39.51 11.81
CA GLY D 129 7.23 40.50 10.93
C GLY D 129 6.88 40.26 9.47
N TRP D 130 6.66 38.99 9.10
CA TRP D 130 6.50 38.62 7.70
C TRP D 130 5.13 38.94 7.15
N ALA D 131 4.12 39.10 8.01
CA ALA D 131 2.73 39.13 7.56
C ALA D 131 2.53 40.18 6.47
N ASP D 132 2.98 41.40 6.75
CA ASP D 132 2.96 42.53 5.83
C ASP D 132 4.04 42.48 4.75
N LYS D 133 4.90 41.46 4.69
CA LYS D 133 5.94 41.48 3.67
C LYS D 133 5.79 40.38 2.62
N ILE D 134 4.60 39.80 2.46
CA ILE D 134 4.37 38.86 1.35
C ILE D 134 4.00 39.66 0.11
N THR D 135 4.68 39.40 -1.02
CA THR D 135 4.46 40.18 -2.22
C THR D 135 4.60 39.32 -3.46
N GLY D 136 3.74 39.58 -4.42
CA GLY D 136 3.77 38.87 -5.68
C GLY D 136 4.74 39.53 -6.63
N LYS D 137 4.45 39.39 -7.93
CA LYS D 137 5.27 39.97 -9.00
C LYS D 137 4.41 40.60 -10.09
N VAL D 138 5.03 41.59 -10.74
CA VAL D 138 4.51 42.24 -11.93
C VAL D 138 5.45 41.83 -13.05
N ILE D 139 5.02 40.87 -13.86
CA ILE D 139 5.85 40.33 -14.94
C ILE D 139 5.63 41.21 -16.15
N ASP D 140 6.70 41.84 -16.63
CA ASP D 140 6.66 42.57 -17.90
C ASP D 140 6.67 41.57 -19.04
N THR D 141 5.50 41.00 -19.30
CA THR D 141 5.40 40.07 -20.41
C THR D 141 5.84 40.78 -21.67
N THR D 142 6.35 40.00 -22.61
CA THR D 142 6.89 40.62 -23.82
C THR D 142 5.85 41.49 -24.55
N PRO D 143 4.54 41.10 -24.69
CA PRO D 143 3.61 41.97 -25.44
C PRO D 143 3.16 43.25 -24.73
N ASP D 144 2.07 43.80 -25.26
CA ASP D 144 1.39 44.99 -24.74
C ASP D 144 0.16 44.49 -23.97
N THR D 145 0.44 43.96 -22.78
CA THR D 145 -0.56 43.50 -21.84
C THR D 145 -0.01 43.76 -20.45
N PHE D 146 -0.86 43.57 -19.45
CA PHE D 146 -0.44 43.73 -18.05
C PHE D 146 -0.63 42.40 -17.36
N ASN D 147 0.37 41.97 -16.61
CA ASN D 147 0.32 40.69 -15.91
C ASN D 147 0.86 40.86 -14.50
N TYR D 148 -0.02 40.66 -13.51
CA TYR D 148 0.37 40.59 -12.12
C TYR D 148 0.16 39.18 -11.56
N VAL D 149 1.02 38.80 -10.61
CA VAL D 149 1.01 37.48 -9.97
C VAL D 149 0.74 37.63 -8.47
N LYS D 150 -0.46 37.26 -8.03
CA LYS D 150 -0.84 37.36 -6.63
C LYS D 150 -0.24 36.20 -5.84
N LYS D 151 -0.09 36.42 -4.52
CA LYS D 151 0.07 35.34 -3.54
C LYS D 151 -1.15 35.39 -2.63
N GLU D 152 -1.90 34.33 -2.57
CA GLU D 152 -3.11 34.32 -1.76
C GLU D 152 -3.03 33.27 -0.67
N PRO D 153 -3.91 33.35 0.34
CA PRO D 153 -3.98 32.26 1.32
C PRO D 153 -4.47 30.99 0.65
N ILE D 154 -4.01 29.84 1.16
CA ILE D 154 -4.52 28.56 0.67
C ILE D 154 -5.96 28.38 1.11
N GLY D 155 -6.23 28.62 2.39
CA GLY D 155 -7.55 28.41 2.94
C GLY D 155 -7.44 27.70 4.28
N VAL D 156 -8.22 26.63 4.45
CA VAL D 156 -8.14 25.81 5.66
C VAL D 156 -6.88 24.96 5.62
N CYS D 157 -6.01 25.14 6.63
CA CYS D 157 -4.80 24.34 6.80
C CYS D 157 -4.89 23.52 8.08
N GLY D 158 -4.90 22.18 7.93
CA GLY D 158 -4.82 21.31 9.08
C GLY D 158 -3.39 20.83 9.30
N GLN D 159 -2.81 21.09 10.48
CA GLN D 159 -1.53 20.47 10.82
C GLN D 159 -1.57 19.51 12.01
N ILE D 160 -0.76 18.47 11.90
CA ILE D 160 -0.57 17.42 12.90
C ILE D 160 0.86 17.58 13.43
N ILE D 161 1.03 17.68 14.74
CA ILE D 161 2.39 17.84 15.28
C ILE D 161 2.67 16.67 16.21
N PRO D 162 3.93 16.46 16.53
CA PRO D 162 4.27 15.32 17.38
C PRO D 162 4.37 15.74 18.82
N TRP D 163 5.17 14.98 19.54
CA TRP D 163 5.33 15.14 20.96
C TRP D 163 6.77 15.36 21.35
N ASN D 164 7.68 15.53 20.38
CA ASN D 164 9.05 15.93 20.71
C ASN D 164 9.08 17.33 21.31
N PHE D 165 8.58 18.29 20.55
CA PHE D 165 8.59 19.67 20.96
C PHE D 165 7.18 20.19 20.75
N PRO D 166 6.22 19.73 21.55
CA PRO D 166 4.80 20.03 21.24
C PRO D 166 4.50 21.52 21.16
N LEU D 167 5.00 22.31 22.11
CA LEU D 167 4.72 23.73 22.05
C LEU D 167 5.54 24.38 20.94
N LEU D 168 6.82 23.98 20.81
CA LEU D 168 7.66 24.53 19.75
C LEU D 168 7.09 24.19 18.39
N MET D 169 6.81 22.90 18.15
CA MET D 169 6.18 22.51 16.89
C MET D 169 4.85 23.23 16.71
N TRP D 170 4.11 23.43 17.81
CA TRP D 170 2.89 24.23 17.74
C TRP D 170 3.19 25.56 17.06
N ALA D 171 4.22 26.27 17.54
CA ALA D 171 4.53 27.62 17.06
C ALA D 171 5.12 27.60 15.64
N TRP D 172 5.88 26.57 15.28
CA TRP D 172 6.26 26.44 13.87
C TRP D 172 5.03 26.43 12.96
N LYS D 173 4.10 25.50 13.21
CA LYS D 173 2.96 25.38 12.32
C LYS D 173 2.07 26.63 12.37
N ILE D 174 1.76 27.13 13.56
CA ILE D 174 0.82 28.25 13.66
C ILE D 174 1.39 29.48 12.96
N GLY D 175 2.65 29.81 13.24
CA GLY D 175 3.26 31.03 12.76
C GLY D 175 2.98 31.28 11.28
N PRO D 176 3.73 30.56 10.40
CA PRO D 176 3.58 30.70 8.94
C PRO D 176 2.14 30.82 8.46
N ALA D 177 1.35 29.83 8.80
CA ALA D 177 -0.02 29.76 8.32
C ALA D 177 -0.79 31.03 8.61
N ILE D 178 -0.55 31.63 9.78
CA ILE D 178 -1.31 32.81 10.19
C ILE D 178 -0.70 34.08 9.62
N ALA D 179 0.61 34.15 9.46
CA ALA D 179 1.18 35.28 8.75
C ALA D 179 0.56 35.40 7.36
N CYS D 180 0.48 34.27 6.62
CA CYS D 180 0.02 34.32 5.24
C CYS D 180 -1.48 34.57 5.12
N GLY D 181 -2.26 34.31 6.17
CA GLY D 181 -3.68 34.56 6.15
C GLY D 181 -4.60 33.37 6.01
N ASN D 182 -4.07 32.14 6.17
CA ASN D 182 -4.84 30.91 6.30
C ASN D 182 -5.55 30.82 7.64
N THR D 183 -6.59 29.97 7.68
CA THR D 183 -7.18 29.50 8.92
C THR D 183 -6.77 28.04 9.16
N VAL D 184 -6.50 27.69 10.43
CA VAL D 184 -5.83 26.41 10.73
C VAL D 184 -6.64 25.55 11.71
N VAL D 185 -6.30 24.26 11.71
CA VAL D 185 -6.86 23.24 12.59
C VAL D 185 -5.71 22.35 13.04
N LEU D 186 -5.31 22.47 14.30
CA LEU D 186 -4.15 21.75 14.80
C LEU D 186 -4.54 20.53 15.63
N LYS D 187 -4.00 19.36 15.32
CA LYS D 187 -4.19 18.18 16.18
C LYS D 187 -2.93 17.93 17.00
N THR D 188 -3.05 18.01 18.32
CA THR D 188 -1.95 17.65 19.19
C THR D 188 -1.84 16.13 19.26
N ALA D 189 -0.61 15.63 19.30
CA ALA D 189 -0.39 14.21 19.55
C ALA D 189 -1.03 13.83 20.88
N GLU D 190 -1.78 12.72 20.89
CA GLU D 190 -2.38 12.22 22.11
C GLU D 190 -1.42 12.16 23.30
N GLN D 191 -0.13 11.98 23.05
CA GLN D 191 0.83 11.89 24.16
C GLN D 191 0.91 13.18 24.95
N THR D 192 0.89 14.32 24.28
CA THR D 192 1.21 15.61 24.89
C THR D 192 0.17 16.65 24.48
N PRO D 193 -1.08 16.46 24.88
CA PRO D 193 -2.15 17.36 24.43
C PRO D 193 -2.34 18.60 25.30
N LEU D 194 -1.47 18.81 26.28
CA LEU D 194 -1.75 19.83 27.31
C LEU D 194 -1.27 21.21 26.85
N GLY D 195 0.00 21.31 26.43
CA GLY D 195 0.56 22.54 25.95
C GLY D 195 -0.32 23.23 24.93
N GLY D 196 -0.48 22.62 23.75
CA GLY D 196 -1.30 23.24 22.70
C GLY D 196 -2.64 23.77 23.18
N LEU D 197 -3.21 23.15 24.24
CA LEU D 197 -4.45 23.69 24.79
C LEU D 197 -4.22 24.95 25.61
N VAL D 198 -3.26 24.96 26.55
CA VAL D 198 -3.03 26.22 27.27
C VAL D 198 -2.59 27.34 26.33
N ALA D 199 -1.77 27.02 25.32
CA ALA D 199 -1.51 28.00 24.27
C ALA D 199 -2.84 28.50 23.70
N ALA D 200 -3.76 27.57 23.37
CA ALA D 200 -5.03 27.97 22.79
C ALA D 200 -5.75 28.99 23.65
N SER D 201 -5.60 28.91 24.97
CA SER D 201 -6.25 29.91 25.82
C SER D 201 -5.65 31.29 25.57
N LEU D 202 -4.31 31.38 25.50
CA LEU D 202 -3.62 32.59 25.08
C LEU D 202 -4.13 33.12 23.74
N VAL D 203 -4.62 32.23 22.87
CA VAL D 203 -5.02 32.68 21.54
C VAL D 203 -6.23 33.58 21.62
N LYS D 204 -6.97 33.50 22.71
CA LYS D 204 -8.15 34.36 22.84
C LYS D 204 -7.78 35.75 23.38
N GLU D 205 -6.73 35.83 24.21
CA GLU D 205 -6.28 37.14 24.73
C GLU D 205 -5.61 37.96 23.64
N ALA D 206 -4.90 37.30 22.73
CA ALA D 206 -4.17 37.99 21.67
C ALA D 206 -5.07 38.68 20.64
N GLY D 207 -6.39 38.43 20.65
CA GLY D 207 -7.29 39.13 19.76
C GLY D 207 -7.50 38.48 18.40
N PHE D 208 -7.37 37.16 18.30
CA PHE D 208 -7.69 36.49 17.06
C PHE D 208 -9.21 36.33 16.92
N PRO D 209 -9.76 36.57 15.73
CA PRO D 209 -11.20 36.28 15.49
C PRO D 209 -11.56 34.89 15.93
N PRO D 210 -12.82 34.66 16.31
CA PRO D 210 -13.27 33.28 16.53
C PRO D 210 -13.07 32.47 15.26
N GLY D 211 -12.75 31.18 15.41
CA GLY D 211 -12.58 30.29 14.28
C GLY D 211 -11.19 30.26 13.68
N VAL D 212 -10.47 31.39 13.68
CA VAL D 212 -9.21 31.48 12.92
C VAL D 212 -8.26 30.35 13.31
N ILE D 213 -8.14 30.08 14.61
CA ILE D 213 -7.24 29.06 15.15
C ILE D 213 -8.02 28.13 16.07
N ASN D 214 -8.11 26.85 15.67
CA ASN D 214 -8.73 25.78 16.45
C ASN D 214 -7.69 24.70 16.77
N VAL D 215 -7.73 24.19 18.01
CA VAL D 215 -6.79 23.17 18.50
C VAL D 215 -7.60 21.95 18.92
N ILE D 216 -7.20 20.77 18.43
CA ILE D 216 -7.88 19.49 18.60
C ILE D 216 -6.95 18.54 19.31
N SER D 217 -7.51 17.73 20.20
CA SER D 217 -6.81 16.56 20.69
C SER D 217 -7.53 15.31 20.21
N GLY D 218 -6.72 14.28 19.98
CA GLY D 218 -7.19 13.04 19.40
C GLY D 218 -6.04 12.11 19.06
N PHE D 219 -6.36 11.00 18.42
CA PHE D 219 -5.36 10.10 17.89
C PHE D 219 -5.14 10.28 16.40
N GLY D 220 -3.95 9.92 15.97
CA GLY D 220 -3.68 9.85 14.56
C GLY D 220 -4.73 9.04 13.82
N LYS D 221 -5.03 7.84 14.33
CA LYS D 221 -5.85 6.91 13.56
C LYS D 221 -7.31 7.34 13.46
N VAL D 222 -7.78 8.26 14.32
CA VAL D 222 -9.18 8.67 14.32
C VAL D 222 -9.40 10.11 13.87
N ALA D 223 -8.84 11.09 14.59
CA ALA D 223 -8.96 12.49 14.16
C ALA D 223 -7.90 12.81 13.12
N GLY D 224 -6.63 12.55 13.48
CA GLY D 224 -5.49 12.63 12.59
C GLY D 224 -5.88 12.34 11.16
N ALA D 225 -6.09 11.06 10.84
CA ALA D 225 -6.75 10.62 9.61
C ALA D 225 -7.86 11.57 9.14
N ALA D 226 -8.85 11.81 10.00
CA ALA D 226 -10.04 12.55 9.59
C ALA D 226 -9.69 13.90 8.99
N LEU D 227 -8.66 14.54 9.55
CA LEU D 227 -8.07 15.71 8.92
C LEU D 227 -7.56 15.36 7.53
N SER D 228 -6.71 14.32 7.44
CA SER D 228 -6.04 13.98 6.19
C SER D 228 -7.02 13.73 5.06
N SER D 229 -8.11 13.04 5.36
CA SER D 229 -9.08 12.71 4.33
C SER D 229 -10.15 13.76 4.17
N HIS D 230 -10.08 14.86 4.91
CA HIS D 230 -11.17 15.81 4.89
C HIS D 230 -11.30 16.49 3.53
N MET D 231 -12.47 16.35 2.91
CA MET D 231 -12.65 16.96 1.60
C MET D 231 -12.74 18.49 1.63
N ASP D 232 -12.92 19.11 2.81
CA ASP D 232 -12.86 20.57 2.89
C ASP D 232 -11.60 21.08 3.58
N VAL D 233 -10.53 20.28 3.69
CA VAL D 233 -9.25 20.75 4.18
C VAL D 233 -8.34 21.00 2.98
N ASP D 234 -7.74 22.19 2.94
CA ASP D 234 -7.00 22.63 1.75
C ASP D 234 -5.53 22.29 1.83
N LYS D 235 -4.99 22.13 3.03
CA LYS D 235 -3.59 21.77 3.24
C LYS D 235 -3.41 20.98 4.53
N VAL D 236 -2.59 19.93 4.48
CA VAL D 236 -2.15 19.22 5.68
C VAL D 236 -0.63 19.35 5.81
N ALA D 237 -0.13 19.40 7.04
CA ALA D 237 1.30 19.59 7.29
C ALA D 237 1.71 18.67 8.43
N PHE D 238 2.45 17.63 8.10
CA PHE D 238 2.67 16.53 9.01
C PHE D 238 4.10 16.52 9.51
N THR D 239 4.25 16.22 10.81
CA THR D 239 5.55 16.08 11.45
C THR D 239 5.50 14.83 12.31
N GLY D 240 6.24 13.79 11.91
CA GLY D 240 6.35 12.56 12.68
C GLY D 240 7.09 11.48 11.88
N SER D 241 6.80 10.22 12.20
CA SER D 241 7.47 9.12 11.52
C SER D 241 7.12 9.08 10.03
N THR D 242 8.13 8.74 9.21
CA THR D 242 7.90 8.42 7.80
C THR D 242 6.67 7.55 7.59
N VAL D 243 6.55 6.49 8.41
CA VAL D 243 5.50 5.49 8.24
C VAL D 243 4.15 6.16 8.09
N VAL D 244 3.73 6.86 9.15
CA VAL D 244 2.50 7.66 9.10
C VAL D 244 2.51 8.66 7.95
N GLY D 245 3.69 9.18 7.59
CA GLY D 245 3.74 10.11 6.47
C GLY D 245 3.19 9.48 5.21
N ARG D 246 3.65 8.26 4.90
CA ARG D 246 3.16 7.58 3.72
C ARG D 246 1.65 7.45 3.79
N THR D 247 1.11 7.12 4.97
CA THR D 247 -0.33 7.16 5.23
C THR D 247 -0.92 8.49 4.81
N ILE D 248 -0.34 9.57 5.32
CA ILE D 248 -0.84 10.92 5.06
C ILE D 248 -0.83 11.21 3.56
N LEU D 249 0.30 10.96 2.91
CA LEU D 249 0.30 11.13 1.46
C LEU D 249 -0.80 10.30 0.85
N LYS D 250 -0.94 9.05 1.30
CA LYS D 250 -1.98 8.20 0.75
C LYS D 250 -3.35 8.81 1.02
N ALA D 251 -3.54 9.42 2.19
CA ALA D 251 -4.84 10.04 2.48
C ALA D 251 -5.13 11.20 1.53
N ALA D 252 -4.20 12.13 1.38
CA ALA D 252 -4.43 13.28 0.49
C ALA D 252 -4.82 12.84 -0.90
N ALA D 253 -4.20 11.77 -1.41
CA ALA D 253 -4.47 11.30 -2.78
C ALA D 253 -5.87 10.70 -2.91
N SER D 254 -6.34 9.99 -1.87
CA SER D 254 -7.69 9.42 -1.87
C SER D 254 -8.79 10.49 -1.72
N SER D 255 -8.46 11.67 -1.17
CA SER D 255 -9.44 12.71 -0.89
C SER D 255 -9.46 13.75 -1.99
N ASN D 256 -8.99 14.97 -1.70
CA ASN D 256 -9.13 16.09 -2.61
C ASN D 256 -7.79 16.58 -3.17
N LEU D 257 -6.74 15.77 -3.10
CA LEU D 257 -5.44 16.15 -3.66
C LEU D 257 -4.88 17.41 -3.00
N LYS D 258 -5.02 17.49 -1.68
CA LYS D 258 -4.60 18.68 -0.98
C LYS D 258 -3.10 18.73 -0.88
N LYS D 259 -2.59 19.95 -0.68
CA LYS D 259 -1.17 20.21 -0.61
C LYS D 259 -0.66 19.62 0.71
N VAL D 260 0.38 18.81 0.61
CA VAL D 260 0.99 18.17 1.77
C VAL D 260 2.44 18.62 1.87
N THR D 261 2.90 18.81 3.09
CA THR D 261 4.31 19.05 3.39
C THR D 261 4.63 18.27 4.65
N LEU D 262 5.62 17.42 4.59
CA LEU D 262 5.95 16.56 5.72
C LEU D 262 7.38 16.79 6.16
N GLU D 263 7.61 16.56 7.43
CA GLU D 263 8.95 16.57 7.99
C GLU D 263 9.05 15.31 8.81
N LEU D 264 9.40 14.24 8.12
CA LEU D 264 9.66 12.98 8.75
C LEU D 264 11.02 13.04 9.41
N GLY D 265 11.28 12.11 10.29
CA GLY D 265 12.55 12.07 10.96
C GLY D 265 13.57 11.26 10.20
N GLY D 266 14.84 11.53 10.48
CA GLY D 266 15.93 10.75 9.92
C GLY D 266 17.03 10.55 10.96
N LYS D 267 17.81 9.49 10.77
CA LYS D 267 18.92 9.20 11.68
C LYS D 267 20.12 9.95 11.12
N SER D 268 20.30 11.19 11.57
CA SER D 268 21.37 12.03 11.03
C SER D 268 22.73 11.58 11.58
N PRO D 269 23.84 12.05 10.98
CA PRO D 269 25.15 11.72 11.51
C PRO D 269 25.89 12.89 12.17
N ASN D 270 27.06 12.60 12.75
CA ASN D 270 27.97 13.53 13.42
C ASN D 270 29.38 13.15 13.04
N ILE D 271 30.16 14.09 12.50
CA ILE D 271 31.46 13.77 11.93
C ILE D 271 32.55 14.68 12.49
N VAL D 272 33.68 14.08 12.86
CA VAL D 272 34.82 14.78 13.44
C VAL D 272 36.04 14.50 12.57
N PHE D 273 36.89 15.50 12.40
CA PHE D 273 38.05 15.37 11.52
C PHE D 273 39.34 15.53 12.32
N GLU D 274 40.46 15.27 11.63
CA GLU D 274 41.79 15.37 12.22
C GLU D 274 42.03 16.72 12.89
N ASP D 275 42.01 17.79 12.10
CA ASP D 275 42.29 19.14 12.53
C ASP D 275 41.28 19.68 13.53
N ALA D 276 40.10 19.06 13.62
CA ALA D 276 39.00 19.64 14.38
C ALA D 276 39.33 19.75 15.86
N ASP D 277 38.77 20.76 16.52
CA ASP D 277 38.96 20.88 17.95
C ASP D 277 38.20 19.75 18.63
N ILE D 278 38.77 19.22 19.69
CA ILE D 278 38.18 18.07 20.37
C ILE D 278 37.21 18.48 21.47
N ASP D 279 37.56 19.45 22.32
CA ASP D 279 36.70 19.68 23.47
C ASP D 279 35.32 20.15 23.04
N ASN D 280 35.25 21.00 21.99
CA ASN D 280 33.96 21.39 21.45
C ASN D 280 33.23 20.21 20.84
N ALA D 281 33.96 19.35 20.12
CA ALA D 281 33.32 18.20 19.50
C ALA D 281 32.56 17.39 20.53
N ILE D 282 33.27 16.80 21.50
CA ILE D 282 32.62 15.94 22.50
C ILE D 282 31.42 16.63 23.10
N SER D 283 31.52 17.94 23.35
CA SER D 283 30.39 18.68 23.93
C SER D 283 29.24 18.79 22.94
N TRP D 284 29.56 19.19 21.70
CA TRP D 284 28.53 19.31 20.68
C TRP D 284 27.98 17.95 20.27
N VAL D 285 28.81 16.90 20.23
CA VAL D 285 28.25 15.59 19.89
C VAL D 285 27.53 15.01 21.11
N ASN D 286 27.97 15.35 22.33
CA ASN D 286 27.11 15.06 23.48
C ASN D 286 25.73 15.68 23.26
N PHE D 287 25.71 16.99 22.96
CA PHE D 287 24.44 17.66 22.64
C PHE D 287 23.81 17.07 21.38
N GLY D 288 24.63 16.56 20.47
CA GLY D 288 24.12 16.13 19.17
C GLY D 288 23.20 14.92 19.24
N ILE D 289 23.37 14.06 20.26
CA ILE D 289 22.54 12.88 20.42
C ILE D 289 21.70 12.92 21.71
N PHE D 290 22.28 13.41 22.81
CA PHE D 290 21.62 13.34 24.10
C PHE D 290 20.71 14.52 24.39
N PHE D 291 20.66 15.53 23.52
CA PHE D 291 19.70 16.61 23.69
C PHE D 291 18.29 16.10 23.43
N ASN D 292 17.33 16.60 24.22
CA ASN D 292 15.96 16.09 24.24
C ASN D 292 15.93 14.58 24.30
N HIS D 293 16.85 14.01 25.09
CA HIS D 293 16.97 12.57 25.30
C HIS D 293 17.22 11.84 23.97
N GLY D 294 17.59 12.55 22.92
CA GLY D 294 17.56 12.01 21.57
C GLY D 294 16.18 11.88 20.98
N GLN D 295 15.16 12.41 21.65
CA GLN D 295 13.77 12.43 21.18
C GLN D 295 13.48 13.60 20.25
N CYS D 296 14.43 14.01 19.39
CA CYS D 296 14.21 15.02 18.36
C CYS D 296 14.58 14.45 16.98
N CYS D 297 14.07 15.10 15.93
CA CYS D 297 14.20 14.56 14.57
C CYS D 297 15.64 14.50 14.10
N CYS D 298 16.46 15.46 14.49
CA CYS D 298 17.76 15.68 13.88
C CYS D 298 18.92 15.14 14.72
N ALA D 299 18.64 14.25 15.68
CA ALA D 299 19.68 13.84 16.61
C ALA D 299 20.79 13.08 15.88
N GLY D 300 21.98 13.11 16.48
CA GLY D 300 23.17 12.55 15.84
C GLY D 300 23.55 11.18 16.35
N SER D 301 22.93 10.13 15.80
CA SER D 301 23.12 8.77 16.28
C SER D 301 24.30 8.05 15.65
N ARG D 302 24.70 8.42 14.45
CA ARG D 302 25.89 7.89 13.83
C ARG D 302 27.00 8.91 14.02
N VAL D 303 27.99 8.58 14.86
CA VAL D 303 29.14 9.46 15.12
C VAL D 303 30.38 8.86 14.46
N TYR D 304 31.05 9.65 13.62
CA TYR D 304 32.21 9.20 12.86
C TYR D 304 33.40 10.07 13.20
N VAL D 305 34.50 9.44 13.63
CA VAL D 305 35.70 10.15 14.04
C VAL D 305 36.87 9.63 13.20
N GLN D 306 37.81 10.51 12.87
CA GLN D 306 38.95 10.06 12.09
C GLN D 306 39.80 9.10 12.92
N GLU D 307 40.40 8.13 12.23
CA GLU D 307 41.07 7.03 12.90
C GLU D 307 42.13 7.55 13.86
N SER D 308 42.85 8.60 13.46
CA SER D 308 43.91 9.14 14.29
C SER D 308 43.38 9.54 15.66
N ILE D 309 42.19 10.12 15.72
CA ILE D 309 41.65 10.70 16.94
C ILE D 309 40.68 9.75 17.61
N TYR D 310 40.39 8.61 17.00
CA TYR D 310 39.25 7.79 17.41
C TYR D 310 39.39 7.29 18.84
N ASP D 311 40.50 6.62 19.15
CA ASP D 311 40.59 5.92 20.43
C ASP D 311 40.42 6.91 21.58
N LYS D 312 41.22 7.98 21.59
CA LYS D 312 41.16 8.96 22.66
C LYS D 312 39.82 9.69 22.70
N PHE D 313 39.33 10.11 21.53
CA PHE D 313 38.01 10.72 21.44
C PHE D 313 36.96 9.87 22.15
N VAL D 314 36.92 8.57 21.81
CA VAL D 314 35.89 7.70 22.37
C VAL D 314 36.01 7.64 23.88
N GLN D 315 37.24 7.60 24.39
CA GLN D 315 37.43 7.68 25.83
C GLN D 315 36.93 9.02 26.35
N LYS D 316 37.30 10.10 25.68
CA LYS D 316 36.88 11.44 26.09
C LYS D 316 35.39 11.63 25.92
N PHE D 317 34.76 10.90 25.01
CA PHE D 317 33.29 10.95 24.91
C PHE D 317 32.67 10.23 26.09
N LYS D 318 33.22 9.09 26.48
CA LYS D 318 32.64 8.33 27.57
C LYS D 318 32.52 9.17 28.83
N GLU D 319 33.63 9.78 29.23
CA GLU D 319 33.64 10.58 30.45
C GLU D 319 32.59 11.68 30.41
N ARG D 320 32.37 12.28 29.24
CA ARG D 320 31.40 13.36 29.13
C ARG D 320 29.98 12.85 29.37
N ALA D 321 29.69 11.63 28.91
CA ALA D 321 28.35 11.07 29.08
C ALA D 321 27.92 11.12 30.54
N GLN D 322 28.84 10.83 31.45
CA GLN D 322 28.52 10.86 32.87
C GLN D 322 28.58 12.30 33.38
N ASP D 328 14.44 14.05 38.42
CA ASP D 328 13.15 14.69 38.26
C ASP D 328 13.34 15.81 37.27
N PRO D 329 12.47 15.90 36.26
CA PRO D 329 12.48 17.10 35.39
C PRO D 329 12.42 18.43 36.14
N PHE D 330 11.60 18.55 37.18
CA PHE D 330 11.39 19.84 37.81
C PHE D 330 12.59 20.34 38.63
N ALA D 331 13.57 19.49 38.87
CA ALA D 331 14.79 19.96 39.52
C ALA D 331 15.59 20.79 38.53
N ALA D 332 16.56 21.54 39.06
CA ALA D 332 17.40 22.41 38.26
C ALA D 332 18.75 21.79 37.89
N ASP D 333 19.02 20.58 38.38
CA ASP D 333 20.27 19.89 38.10
C ASP D 333 20.15 18.96 36.90
N THR D 334 18.93 18.50 36.61
CA THR D 334 18.68 17.50 35.57
C THR D 334 18.93 18.05 34.17
N PHE D 335 19.45 17.19 33.31
CA PHE D 335 19.58 17.43 31.88
C PHE D 335 18.84 16.41 31.05
N GLN D 336 18.70 15.19 31.54
CA GLN D 336 17.89 14.14 30.91
C GLN D 336 16.57 14.03 31.66
N GLY D 337 15.64 13.27 31.09
CA GLY D 337 14.34 13.10 31.69
C GLY D 337 13.62 11.83 31.27
N PRO D 338 12.38 11.69 31.73
CA PRO D 338 11.54 10.58 31.26
C PRO D 338 11.29 10.64 29.77
N GLN D 339 11.16 9.45 29.18
CA GLN D 339 10.65 9.31 27.83
C GLN D 339 9.13 9.41 27.87
N VAL D 340 8.49 9.54 26.70
CA VAL D 340 7.11 10.02 26.71
C VAL D 340 6.10 8.94 27.08
N SER D 341 6.37 7.69 26.73
CA SER D 341 5.42 6.62 27.01
C SER D 341 6.20 5.34 27.16
N LYS D 342 5.52 4.29 27.65
CA LYS D 342 6.24 3.03 27.81
C LYS D 342 6.30 2.26 26.51
N VAL D 343 5.33 2.47 25.61
CA VAL D 343 5.46 1.93 24.26
C VAL D 343 6.74 2.47 23.62
N GLN D 344 7.02 3.77 23.80
CA GLN D 344 8.23 4.40 23.27
C GLN D 344 9.46 4.00 24.07
N PHE D 345 9.31 3.91 25.40
CA PHE D 345 10.33 3.32 26.27
C PHE D 345 10.66 1.89 25.86
N ASP D 346 9.63 1.07 25.61
CA ASP D 346 9.84 -0.34 25.38
C ASP D 346 10.33 -0.63 23.96
N ARG D 347 10.12 0.32 23.03
CA ARG D 347 10.83 0.26 21.74
C ARG D 347 12.30 0.65 21.90
N ILE D 348 12.60 1.67 22.69
CA ILE D 348 13.99 2.03 22.92
C ILE D 348 14.74 0.84 23.52
N MET D 349 14.16 0.22 24.54
CA MET D 349 14.77 -0.93 25.19
C MET D 349 14.89 -2.13 24.26
N GLU D 350 13.90 -2.32 23.37
CA GLU D 350 14.03 -3.33 22.33
C GLU D 350 15.17 -3.04 21.35
N TYR D 351 15.51 -1.75 21.15
CA TYR D 351 16.60 -1.42 20.24
C TYR D 351 17.95 -1.66 20.88
N ILE D 352 18.08 -1.35 22.16
CA ILE D 352 19.36 -1.52 22.83
C ILE D 352 19.73 -2.99 22.90
N GLN D 353 18.75 -3.85 23.23
CA GLN D 353 19.00 -5.29 23.27
C GLN D 353 19.34 -5.82 21.88
N ALA D 354 18.63 -5.31 20.85
CA ALA D 354 18.97 -5.61 19.46
C ALA D 354 20.41 -5.22 19.15
N GLY D 355 20.83 -4.04 19.62
CA GLY D 355 22.19 -3.60 19.36
C GLY D 355 23.23 -4.43 20.08
N LYS D 356 22.91 -4.91 21.29
CA LYS D 356 23.85 -5.80 21.96
C LYS D 356 23.73 -7.23 21.41
N ASP D 357 22.50 -7.71 21.13
CA ASP D 357 22.25 -9.01 20.50
C ASP D 357 23.01 -9.19 19.18
N ALA D 358 23.53 -8.09 18.62
CA ALA D 358 24.25 -8.11 17.35
C ALA D 358 25.76 -8.08 17.54
N GLY D 359 26.24 -8.17 18.77
CA GLY D 359 27.65 -8.23 19.06
C GLY D 359 28.35 -6.90 19.21
N ALA D 360 27.61 -5.79 19.23
CA ALA D 360 28.23 -4.49 19.38
C ALA D 360 28.59 -4.26 20.85
N THR D 361 29.83 -3.88 21.11
CA THR D 361 30.25 -3.53 22.48
C THR D 361 29.42 -2.36 22.98
N VAL D 362 29.36 -2.20 24.29
CA VAL D 362 28.67 -1.07 24.91
C VAL D 362 29.66 -0.36 25.84
N GLU D 363 30.04 0.87 25.48
CA GLU D 363 30.92 1.66 26.34
C GLU D 363 30.19 2.03 27.62
N THR D 364 29.06 2.71 27.45
CA THR D 364 28.15 3.07 28.53
C THR D 364 26.74 3.08 27.93
N GLY D 365 25.79 2.50 28.67
CA GLY D 365 24.42 2.33 28.17
C GLY D 365 23.83 0.93 28.40
N GLY D 366 22.48 0.78 28.45
CA GLY D 366 21.78 -0.52 28.35
C GLY D 366 20.78 -0.85 29.42
N LYS D 367 20.46 0.06 30.36
CA LYS D 367 19.64 -0.22 31.53
C LYS D 367 18.84 1.01 31.92
N ARG D 368 17.62 0.77 32.36
CA ARG D 368 16.76 1.78 32.93
C ARG D 368 17.34 2.30 34.25
N LYS D 369 16.83 3.45 34.71
CA LYS D 369 17.20 4.02 36.00
C LYS D 369 15.95 4.11 36.87
N GLY D 370 15.99 3.47 38.04
CA GLY D 370 14.90 3.56 38.99
C GLY D 370 13.72 2.65 38.69
N ASP D 371 12.92 2.31 39.70
CA ASP D 371 11.76 1.46 39.46
C ASP D 371 10.66 2.23 38.74
N LYS D 372 10.36 3.42 39.23
CA LYS D 372 9.36 4.27 38.60
C LYS D 372 9.97 5.04 37.42
N GLY D 373 9.12 5.37 36.46
CA GLY D 373 9.49 6.30 35.42
C GLY D 373 10.32 5.68 34.30
N TYR D 374 10.34 6.40 33.17
CA TYR D 374 10.84 5.88 31.92
C TYR D 374 12.28 6.28 31.65
N PHE D 375 13.02 6.69 32.66
CA PHE D 375 14.38 7.18 32.43
C PHE D 375 15.24 6.07 31.84
N ILE D 376 16.09 6.43 30.89
CA ILE D 376 16.94 5.50 30.16
C ILE D 376 18.31 6.14 30.14
N GLU D 377 19.35 5.35 30.14
CA GLU D 377 20.62 6.01 30.36
C GLU D 377 21.11 6.43 28.99
N PRO D 378 22.06 7.37 28.92
CA PRO D 378 22.75 7.58 27.64
C PRO D 378 23.52 6.34 27.22
N THR D 379 23.28 5.88 26.00
CA THR D 379 23.83 4.65 25.46
C THR D 379 24.81 4.95 24.34
N ILE D 380 25.95 4.25 24.38
CA ILE D 380 27.00 4.29 23.37
C ILE D 380 27.27 2.87 22.88
N PHE D 381 27.72 2.74 21.63
CA PHE D 381 28.02 1.45 21.02
C PHE D 381 29.29 1.57 20.18
N SER D 382 30.24 0.63 20.34
CA SER D 382 31.36 0.50 19.41
C SER D 382 31.31 -0.85 18.72
N ASN D 383 32.43 -1.18 18.07
CA ASN D 383 32.64 -2.44 17.37
C ASN D 383 31.36 -2.84 16.62
N VAL D 384 30.91 -1.90 15.78
CA VAL D 384 29.62 -1.97 15.09
C VAL D 384 29.87 -2.01 13.59
N THR D 385 29.09 -2.81 12.87
CA THR D 385 29.25 -2.87 11.42
C THR D 385 28.39 -1.81 10.76
N GLU D 386 28.51 -1.70 9.44
CA GLU D 386 27.89 -0.58 8.75
C GLU D 386 26.38 -0.76 8.64
N ASP D 387 25.87 -1.98 8.80
CA ASP D 387 24.47 -2.23 8.50
C ASP D 387 23.83 -3.08 9.58
N MET D 388 24.00 -2.67 10.82
CA MET D 388 23.18 -3.26 11.87
C MET D 388 21.77 -2.71 11.78
N LYS D 389 20.88 -3.22 12.64
CA LYS D 389 19.56 -2.62 12.71
C LYS D 389 19.64 -1.23 13.31
N ILE D 390 20.61 -1.02 14.22
CA ILE D 390 20.63 0.22 15.00
C ILE D 390 21.26 1.39 14.26
N VAL D 391 22.06 1.15 13.21
CA VAL D 391 22.82 2.25 12.61
C VAL D 391 21.96 3.09 11.70
N LYS D 392 21.19 2.47 10.80
CA LYS D 392 20.38 3.31 9.93
C LYS D 392 18.89 3.01 10.01
N GLU D 393 18.40 2.62 11.17
CA GLU D 393 16.98 2.56 11.44
C GLU D 393 16.72 3.37 12.71
N GLU D 394 15.68 4.20 12.68
CA GLU D 394 15.53 5.24 13.69
C GLU D 394 15.26 4.68 15.08
N ILE D 395 16.24 4.78 15.99
CA ILE D 395 16.06 4.29 17.35
C ILE D 395 15.16 5.23 18.14
N PHE D 396 15.49 6.54 18.13
CA PHE D 396 14.69 7.62 18.70
C PHE D 396 14.79 7.68 20.23
N GLY D 397 15.97 7.37 20.76
CA GLY D 397 16.28 7.60 22.14
C GLY D 397 17.74 7.98 22.27
N PRO D 398 18.27 7.91 23.47
CA PRO D 398 19.70 8.25 23.69
C PRO D 398 20.64 7.09 23.36
N VAL D 399 20.72 6.74 22.08
CA VAL D 399 21.51 5.59 21.62
C VAL D 399 22.26 6.03 20.37
N CYS D 400 23.59 5.89 20.36
CA CYS D 400 24.37 6.29 19.18
C CYS D 400 25.50 5.31 18.88
N SER D 401 26.06 5.45 17.69
CA SER D 401 27.08 4.58 17.13
C SER D 401 28.32 5.39 16.77
N ILE D 402 29.48 4.78 16.93
CA ILE D 402 30.75 5.42 16.61
C ILE D 402 31.46 4.54 15.59
N ALA D 403 32.32 5.17 14.80
CA ALA D 403 33.08 4.45 13.78
C ALA D 403 34.36 5.21 13.51
N LYS D 404 35.25 4.57 12.76
CA LYS D 404 36.49 5.19 12.31
C LYS D 404 36.43 5.36 10.79
N PHE D 405 36.79 6.54 10.33
CA PHE D 405 36.98 6.80 8.91
C PHE D 405 38.33 7.47 8.70
N LYS D 406 38.84 7.40 7.47
CA LYS D 406 40.11 8.09 7.31
C LYS D 406 40.12 9.08 6.15
N THR D 407 39.56 8.72 4.99
CA THR D 407 39.56 9.63 3.85
C THR D 407 38.48 10.69 3.99
N LYS D 408 38.73 11.86 3.42
CA LYS D 408 37.65 12.81 3.22
C LYS D 408 36.49 12.16 2.48
N GLU D 409 36.79 11.38 1.42
CA GLU D 409 35.73 10.74 0.65
C GLU D 409 35.05 9.63 1.46
N ASP D 410 35.72 9.10 2.50
CA ASP D 410 35.08 8.12 3.38
C ASP D 410 33.84 8.70 4.05
N ALA D 411 34.06 9.72 4.91
CA ALA D 411 32.95 10.35 5.62
C ALA D 411 31.79 10.69 4.71
N ILE D 412 32.08 11.12 3.49
CA ILE D 412 31.04 11.17 2.45
C ILE D 412 30.38 9.81 2.30
N LYS D 413 31.02 8.86 1.61
CA LYS D 413 30.36 7.59 1.34
C LYS D 413 29.73 7.00 2.61
N LEU D 414 30.38 7.21 3.76
CA LEU D 414 29.85 6.68 5.01
C LEU D 414 28.62 7.44 5.49
N GLY D 415 28.79 8.73 5.82
CA GLY D 415 27.68 9.54 6.31
C GLY D 415 26.48 9.59 5.37
N ASN D 416 26.69 9.82 4.09
CA ASN D 416 25.52 9.77 3.22
C ASN D 416 25.09 8.35 2.81
N ALA D 417 25.88 7.30 3.10
CA ALA D 417 25.35 5.95 2.95
C ALA D 417 24.12 5.80 3.82
N SER D 418 23.00 6.34 3.34
CA SER D 418 21.80 6.58 4.15
C SER D 418 20.66 7.13 3.31
N THR D 419 19.49 6.47 3.37
CA THR D 419 18.29 6.93 2.69
C THR D 419 17.57 8.03 3.46
N TYR D 420 18.04 8.40 4.64
CA TYR D 420 17.42 9.45 5.45
C TYR D 420 18.44 10.58 5.62
N GLY D 421 18.15 11.73 5.03
CA GLY D 421 19.04 12.86 5.13
C GLY D 421 18.39 14.12 5.64
N LEU D 422 18.12 14.20 6.94
CA LEU D 422 17.44 15.38 7.45
C LEU D 422 18.43 16.46 7.82
N ALA D 423 19.52 16.07 8.47
CA ALA D 423 20.59 16.98 8.88
C ALA D 423 21.89 16.19 8.93
N ALA D 424 22.99 16.91 9.20
CA ALA D 424 24.31 16.34 9.40
C ALA D 424 25.16 17.31 10.22
N ALA D 425 26.41 16.93 10.46
CA ALA D 425 27.39 17.83 11.08
C ALA D 425 28.78 17.54 10.54
N VAL D 426 29.70 18.47 10.77
CA VAL D 426 31.10 18.30 10.40
C VAL D 426 31.94 19.20 11.27
N HIS D 427 32.87 18.63 12.00
CA HIS D 427 33.77 19.40 12.83
C HIS D 427 35.11 19.38 12.14
N THR D 428 35.67 20.54 11.92
CA THR D 428 36.97 20.66 11.28
C THR D 428 37.45 22.07 11.52
N LYS D 429 38.76 22.25 11.36
CA LYS D 429 39.37 23.56 11.33
C LYS D 429 39.79 23.95 9.92
N ASN D 430 39.73 23.04 8.97
CA ASN D 430 40.20 23.28 7.62
C ASN D 430 39.01 23.67 6.74
N LEU D 431 38.96 24.95 6.33
CA LEU D 431 37.80 25.40 5.57
C LEU D 431 37.55 24.54 4.35
N ASN D 432 38.61 24.19 3.60
CA ASN D 432 38.40 23.36 2.42
C ASN D 432 37.65 22.08 2.77
N THR D 433 38.03 21.39 3.86
CA THR D 433 37.26 20.20 4.21
C THR D 433 35.81 20.57 4.53
N ALA D 434 35.62 21.58 5.40
CA ALA D 434 34.28 22.05 5.76
C ALA D 434 33.40 22.31 4.54
N ILE D 435 33.83 23.19 3.63
CA ILE D 435 33.04 23.45 2.42
C ILE D 435 32.80 22.17 1.65
N GLU D 436 33.86 21.42 1.32
CA GLU D 436 33.68 20.30 0.40
C GLU D 436 32.72 19.28 0.98
N VAL D 437 32.98 18.83 2.22
CA VAL D 437 32.12 17.84 2.86
C VAL D 437 30.68 18.34 2.91
N SER D 438 30.46 19.52 3.49
CA SER D 438 29.11 20.05 3.60
C SER D 438 28.47 20.27 2.23
N ASN D 439 29.26 20.63 1.23
CA ASN D 439 28.71 20.66 -0.13
C ASN D 439 28.34 19.26 -0.59
N ALA D 440 29.14 18.28 -0.18
CA ALA D 440 28.96 16.90 -0.60
C ALA D 440 27.88 16.20 0.20
N LEU D 441 27.71 16.58 1.47
CA LEU D 441 26.74 15.86 2.31
C LEU D 441 25.34 16.05 1.76
N LYS D 442 24.53 15.01 1.86
CA LYS D 442 23.16 15.04 1.37
C LYS D 442 22.24 15.21 2.58
N ALA D 443 22.08 16.47 3.03
CA ALA D 443 21.27 16.77 4.21
C ALA D 443 20.50 18.06 4.02
N GLY D 444 19.35 18.18 4.67
CA GLY D 444 18.64 19.45 4.62
C GLY D 444 19.32 20.55 5.42
N THR D 445 20.18 20.17 6.36
CA THR D 445 20.87 21.10 7.24
C THR D 445 22.24 20.53 7.57
N VAL D 446 23.26 21.39 7.49
CA VAL D 446 24.64 21.01 7.78
C VAL D 446 25.17 21.96 8.84
N TRP D 447 25.64 21.43 9.96
CA TRP D 447 26.21 22.26 11.02
C TRP D 447 27.72 22.04 11.00
N VAL D 448 28.47 23.11 10.79
CA VAL D 448 29.92 23.09 10.96
C VAL D 448 30.23 23.60 12.36
N ASN D 449 30.90 22.77 13.13
CA ASN D 449 31.35 23.10 14.48
C ASN D 449 30.21 23.40 15.42
N THR D 450 29.03 22.89 15.13
CA THR D 450 27.87 23.02 16.00
C THR D 450 27.00 21.79 15.79
N TYR D 451 25.97 21.64 16.62
CA TYR D 451 24.95 20.63 16.36
C TYR D 451 23.71 20.93 17.19
N ASN D 452 22.54 20.56 16.64
CA ASN D 452 21.24 20.78 17.27
C ASN D 452 20.98 22.24 17.62
N THR D 453 21.46 23.15 16.78
CA THR D 453 21.11 24.55 16.88
C THR D 453 20.28 24.93 15.65
N LEU D 454 18.97 25.04 15.87
CA LEU D 454 18.04 25.52 14.87
C LEU D 454 17.71 26.98 15.15
N HIS D 455 17.32 27.70 14.10
CA HIS D 455 16.91 29.09 14.21
C HIS D 455 15.83 29.35 13.18
N HIS D 456 14.86 30.22 13.54
CA HIS D 456 13.76 30.48 12.62
C HIS D 456 14.24 31.13 11.33
N GLN D 457 15.30 31.95 11.40
CA GLN D 457 15.78 32.61 10.20
C GLN D 457 16.12 31.60 9.11
N MET D 458 16.84 30.57 9.46
CA MET D 458 17.30 29.59 8.47
C MET D 458 16.29 28.43 8.33
N PRO D 459 15.99 28.02 7.09
CA PRO D 459 15.01 26.95 6.88
C PRO D 459 15.52 25.56 7.24
N PHE D 460 14.55 24.71 7.63
CA PHE D 460 14.81 23.35 8.12
C PHE D 460 13.90 22.37 7.38
N GLY D 461 14.48 21.27 6.91
CA GLY D 461 13.67 20.29 6.22
C GLY D 461 14.46 19.05 5.93
N GLY D 462 13.76 18.11 5.29
CA GLY D 462 14.31 16.82 4.96
C GLY D 462 14.68 16.70 3.48
N TYR D 463 15.92 16.31 3.24
CA TYR D 463 16.33 15.81 1.94
C TYR D 463 15.66 14.47 1.66
N LYS D 464 15.23 14.30 0.42
CA LYS D 464 14.66 13.06 -0.10
C LYS D 464 13.65 12.40 0.83
N GLU D 465 14.05 11.34 1.55
CA GLU D 465 13.07 10.58 2.29
C GLU D 465 12.82 11.12 3.68
N SER D 466 13.62 12.09 4.15
CA SER D 466 13.32 12.73 5.43
C SER D 466 12.18 13.71 5.31
N GLY D 467 11.93 14.25 4.13
CA GLY D 467 10.83 15.19 4.12
C GLY D 467 10.36 15.61 2.75
N ILE D 468 9.21 16.25 2.77
CA ILE D 468 8.62 16.86 1.59
C ILE D 468 8.35 18.30 2.00
N GLY D 469 9.22 19.22 1.56
CA GLY D 469 9.10 20.63 1.88
C GLY D 469 10.04 21.03 3.01
N ARG D 470 10.25 22.36 3.11
CA ARG D 470 11.16 22.96 4.08
C ARG D 470 10.35 23.82 5.07
N GLU D 471 10.88 24.05 6.28
CA GLU D 471 10.03 24.72 7.27
C GLU D 471 10.52 26.04 7.88
N LEU D 472 11.71 26.19 8.44
CA LEU D 472 11.82 27.50 9.08
C LEU D 472 12.18 28.59 8.03
N GLY D 473 12.45 29.82 8.47
CA GLY D 473 12.91 30.85 7.52
C GLY D 473 11.80 31.49 6.70
N GLU D 474 12.19 32.09 5.55
CA GLU D 474 11.18 32.60 4.63
C GLU D 474 10.61 31.48 3.78
N ASP D 475 11.38 30.40 3.61
CA ASP D 475 10.93 29.24 2.83
C ASP D 475 9.59 28.66 3.30
N ALA D 476 9.37 28.57 4.62
CA ALA D 476 8.08 28.09 5.15
C ALA D 476 6.92 28.70 4.39
N LEU D 477 7.07 30.00 4.11
CA LEU D 477 5.98 30.80 3.59
C LEU D 477 5.45 30.24 2.28
N ALA D 478 6.36 29.85 1.38
CA ALA D 478 5.97 29.24 0.11
C ALA D 478 4.84 28.25 0.31
N ASN D 479 5.02 27.34 1.27
CA ASN D 479 4.07 26.24 1.46
C ASN D 479 2.68 26.71 1.83
N TYR D 480 2.55 27.87 2.49
CA TYR D 480 1.26 28.35 2.95
C TYR D 480 0.69 29.49 2.12
N THR D 481 1.29 29.83 0.99
CA THR D 481 0.75 30.81 0.06
C THR D 481 0.61 30.16 -1.30
N GLN D 482 -0.10 30.82 -2.20
CA GLN D 482 -0.16 30.26 -3.55
C GLN D 482 -0.44 31.36 -4.56
N THR D 483 -0.06 31.08 -5.81
CA THR D 483 0.22 32.12 -6.80
C THR D 483 -0.90 32.18 -7.83
N LYS D 484 -1.62 33.28 -7.89
CA LYS D 484 -2.60 33.49 -8.94
C LYS D 484 -2.01 34.38 -10.04
N THR D 485 -2.06 33.90 -11.28
CA THR D 485 -1.63 34.72 -12.41
C THR D 485 -2.88 35.39 -12.98
N VAL D 486 -2.95 36.71 -12.84
CA VAL D 486 -3.89 37.56 -13.54
C VAL D 486 -3.16 38.23 -14.70
N SER D 487 -3.69 38.03 -15.90
CA SER D 487 -3.15 38.61 -17.12
C SER D 487 -4.21 39.51 -17.70
N ILE D 488 -3.98 40.82 -17.57
CA ILE D 488 -4.86 41.84 -18.14
C ILE D 488 -4.32 42.11 -19.54
N ARG D 489 -4.82 41.37 -20.53
CA ARG D 489 -4.42 41.69 -21.88
C ARG D 489 -5.26 42.85 -22.39
N LEU D 490 -4.64 43.73 -23.18
CA LEU D 490 -5.41 44.75 -23.88
C LEU D 490 -4.53 45.31 -24.99
N GLY D 491 -4.97 46.43 -25.56
CA GLY D 491 -4.17 47.13 -26.55
C GLY D 491 -3.01 47.88 -25.90
#